data_8GTT
#
_entry.id   8GTT
#
_cell.length_a   1.00
_cell.length_b   1.00
_cell.length_c   1.00
_cell.angle_alpha   90.00
_cell.angle_beta   90.00
_cell.angle_gamma   90.00
#
_symmetry.space_group_name_H-M   'P 1'
#
_entity_poly.entity_id   1
_entity_poly.type   'polypeptide(L)'
_entity_poly.pdbx_seq_one_letter_code
;MAIAQLATEYVFSDFLLKEPTEPKFKGLRLELAVDKMVTCIAVGLPLLLISLAFAQEISIGTQISCFSPSSFSRDQAAFV
DSYCWAAVQQKNSLQSESGNLPLWLHKFFPYILLLFAILLYLPPLFWRFAAAPHICSDLKFIMEELDKVYNRAIKAAKSA
RDLDMRDGACSVPGVTENLGQSLWEVSESHFKYPIVEQYLKTKKNSNNLIIKYISCRLLTLIIILLACIYLGYYFSLSSL
SDEFVCSIKSGILRNDSTVPDQFQCKLIAVGIFQLLSVINLVVYVLLAPVVVYTLFVPFRQKTDVLKVYEILPTFDVLHF
KSEGYNDLSLYNLFLEENISEVKSYKCLKVLENIKSSGQGIDPMLLLTNLGMIKMDVVDGKTPMSAEMREEQGNQTAELQ
GMNIDSETKANNGEKNARQRLLDSSCHHHHHHHH
;
_entity_poly.pdbx_strand_id   A,B,C,D,E,F,G
#
# COMPACT_ATOMS: atom_id res chain seq x y z
N LYS A 26 -9.51 -13.60 -22.86
CA LYS A 26 -10.10 -13.88 -21.55
C LYS A 26 -10.31 -15.38 -21.36
N GLY A 27 -9.59 -15.94 -20.39
CA GLY A 27 -9.69 -17.36 -20.09
C GLY A 27 -8.74 -18.24 -20.88
N LEU A 28 -8.02 -17.69 -21.85
CA LEU A 28 -7.07 -18.46 -22.64
C LEU A 28 -5.67 -18.25 -22.08
N ARG A 29 -4.93 -19.36 -21.90
CA ARG A 29 -3.57 -19.27 -21.39
C ARG A 29 -2.66 -18.55 -22.38
N LEU A 30 -2.82 -18.82 -23.67
CA LEU A 30 -2.09 -18.18 -24.77
C LEU A 30 -0.57 -18.23 -24.57
N GLU A 31 -0.09 -19.12 -23.69
CA GLU A 31 1.34 -19.28 -23.47
C GLU A 31 1.56 -20.67 -22.86
N LEU A 32 2.50 -21.42 -23.42
CA LEU A 32 2.73 -22.78 -22.96
C LEU A 32 3.23 -22.79 -21.52
N ALA A 33 2.85 -23.84 -20.78
CA ALA A 33 3.28 -23.95 -19.40
C ALA A 33 4.78 -24.09 -19.28
N VAL A 34 5.39 -24.88 -20.18
CA VAL A 34 6.84 -25.09 -20.13
C VAL A 34 7.57 -23.78 -20.38
N ASP A 35 7.08 -22.98 -21.30
CA ASP A 35 7.78 -21.72 -21.66
C ASP A 35 7.25 -20.54 -20.86
N LYS A 36 6.51 -20.78 -19.81
CA LYS A 36 6.04 -19.72 -18.89
C LYS A 36 6.76 -20.07 -17.61
N MET A 37 7.11 -21.35 -17.46
CA MET A 37 7.98 -21.74 -16.35
C MET A 37 9.44 -21.37 -16.64
N VAL A 38 9.89 -21.60 -17.87
CA VAL A 38 11.27 -21.28 -18.23
C VAL A 38 11.52 -19.78 -18.09
N THR A 39 10.60 -18.96 -18.62
CA THR A 39 10.76 -17.51 -18.50
C THR A 39 10.73 -17.08 -17.05
N CYS A 40 9.81 -17.64 -16.26
CA CYS A 40 9.70 -17.26 -14.86
C CYS A 40 10.98 -17.57 -14.11
N ILE A 41 11.54 -18.77 -14.31
CA ILE A 41 12.77 -19.14 -13.61
C ILE A 41 13.92 -18.25 -14.08
N ALA A 42 14.10 -18.15 -15.40
CA ALA A 42 15.26 -17.44 -15.94
C ALA A 42 15.23 -15.94 -15.66
N VAL A 43 14.06 -15.37 -15.36
CA VAL A 43 14.01 -13.97 -15.00
C VAL A 43 14.05 -13.78 -13.49
N GLY A 44 13.34 -14.61 -12.73
CA GLY A 44 13.30 -14.44 -11.29
C GLY A 44 14.61 -14.75 -10.61
N LEU A 45 15.33 -15.78 -11.09
CA LEU A 45 16.54 -16.19 -10.39
C LEU A 45 17.61 -15.11 -10.35
N PRO A 46 17.97 -14.44 -11.45
CA PRO A 46 18.91 -13.32 -11.32
C PRO A 46 18.41 -12.21 -10.40
N LEU A 47 17.11 -11.91 -10.42
CA LEU A 47 16.58 -10.92 -9.49
C LEU A 47 16.73 -11.39 -8.05
N LEU A 48 16.45 -12.66 -7.78
CA LEU A 48 16.59 -13.19 -6.43
C LEU A 48 18.04 -13.12 -5.97
N LEU A 49 18.97 -13.50 -6.86
CA LEU A 49 20.38 -13.44 -6.51
C LEU A 49 20.84 -12.01 -6.27
N ILE A 50 20.36 -11.06 -7.08
CA ILE A 50 20.72 -9.66 -6.87
C ILE A 50 20.19 -9.17 -5.53
N SER A 51 18.95 -9.52 -5.19
CA SER A 51 18.39 -9.09 -3.92
C SER A 51 19.09 -9.73 -2.74
N LEU A 52 19.56 -10.97 -2.89
CA LEU A 52 20.26 -11.66 -1.81
C LEU A 52 21.71 -11.23 -1.67
N ALA A 53 22.34 -10.75 -2.74
CA ALA A 53 23.76 -10.44 -2.70
C ALA A 53 24.07 -9.34 -1.71
N PHE A 54 23.26 -8.29 -1.67
CA PHE A 54 23.47 -7.16 -0.79
C PHE A 54 22.22 -6.91 0.05
N ALA A 55 21.68 -7.97 0.63
CA ALA A 55 20.63 -7.87 1.62
C ALA A 55 21.26 -7.73 3.00
N GLN A 56 20.86 -6.68 3.73
CA GLN A 56 21.44 -6.42 5.03
C GLN A 56 21.17 -7.52 6.05
N GLU A 57 20.30 -8.47 5.72
CA GLU A 57 20.06 -9.62 6.59
C GLU A 57 21.33 -10.44 6.79
N ILE A 58 22.20 -10.49 5.78
CA ILE A 58 23.38 -11.35 5.86
C ILE A 58 24.64 -10.59 5.44
N SER A 59 24.47 -9.42 4.84
CA SER A 59 25.59 -8.73 4.22
C SER A 59 26.45 -8.02 5.26
N ILE A 60 27.55 -7.43 4.80
CA ILE A 60 28.48 -6.68 5.62
C ILE A 60 28.41 -5.22 5.20
N GLY A 61 29.15 -4.35 5.89
CA GLY A 61 29.06 -2.92 5.66
C GLY A 61 29.29 -2.46 4.23
N THR A 62 30.53 -2.61 3.73
CA THR A 62 30.90 -2.09 2.43
C THR A 62 31.43 -3.22 1.56
N GLN A 63 31.84 -2.85 0.33
CA GLN A 63 32.38 -3.80 -0.63
C GLN A 63 33.88 -3.67 -0.82
N ILE A 64 34.51 -2.63 -0.27
CA ILE A 64 35.95 -2.48 -0.32
C ILE A 64 36.45 -2.06 1.05
N SER A 65 37.65 -2.52 1.40
CA SER A 65 38.28 -2.14 2.66
C SER A 65 39.78 -2.08 2.44
N CYS A 66 40.38 -0.93 2.70
CA CYS A 66 41.81 -0.72 2.50
C CYS A 66 42.49 -0.46 3.83
N PHE A 67 43.68 -1.01 4.00
CA PHE A 67 44.42 -0.91 5.24
C PHE A 67 45.32 0.33 5.18
N SER A 68 44.96 1.36 5.91
CA SER A 68 45.66 2.62 6.03
C SER A 68 46.39 2.71 7.36
N PRO A 69 47.52 3.42 7.42
CA PRO A 69 48.31 3.47 8.65
C PRO A 69 47.52 4.06 9.81
N SER A 70 47.98 3.74 11.02
CA SER A 70 47.27 4.16 12.23
C SER A 70 47.30 5.68 12.39
N SER A 71 48.31 6.35 11.85
CA SER A 71 48.38 7.80 11.93
C SER A 71 47.28 8.49 11.13
N PHE A 72 46.72 7.80 10.12
CA PHE A 72 45.63 8.36 9.35
C PHE A 72 44.42 8.59 10.23
N SER A 73 43.71 9.69 9.98
CA SER A 73 42.46 9.95 10.66
C SER A 73 41.35 9.11 10.03
N ARG A 74 40.12 9.29 10.52
CA ARG A 74 39.00 8.55 9.98
C ARG A 74 38.46 9.14 8.69
N ASP A 75 38.92 10.33 8.31
CA ASP A 75 38.57 10.92 7.02
C ASP A 75 39.61 10.67 5.94
N GLN A 76 40.87 10.44 6.34
CA GLN A 76 41.88 10.02 5.37
C GLN A 76 41.71 8.56 5.00
N ALA A 77 41.34 7.71 5.98
CA ALA A 77 41.06 6.31 5.67
C ALA A 77 39.82 6.18 4.79
N ALA A 78 38.80 6.99 5.06
CA ALA A 78 37.62 7.00 4.19
C ALA A 78 37.98 7.46 2.79
N PHE A 79 38.87 8.46 2.68
CA PHE A 79 39.33 8.90 1.38
C PHE A 79 40.08 7.79 0.66
N VAL A 80 40.91 7.04 1.39
CA VAL A 80 41.65 5.95 0.77
C VAL A 80 40.68 4.89 0.25
N ASP A 81 39.69 4.53 1.06
CA ASP A 81 38.70 3.55 0.63
C ASP A 81 37.97 4.02 -0.61
N SER A 82 37.47 5.26 -0.60
CA SER A 82 36.72 5.78 -1.73
C SER A 82 37.58 5.90 -2.98
N TYR A 83 38.81 6.40 -2.83
CA TYR A 83 39.71 6.53 -3.98
C TYR A 83 40.02 5.17 -4.59
N CYS A 84 40.33 4.18 -3.75
CA CYS A 84 40.71 2.88 -4.29
C CYS A 84 39.50 2.09 -4.79
N TRP A 85 38.29 2.43 -4.35
CA TRP A 85 37.10 1.86 -4.96
C TRP A 85 36.79 2.50 -6.29
N ALA A 86 37.02 3.81 -6.42
CA ALA A 86 36.76 4.51 -7.68
C ALA A 86 37.83 4.20 -8.72
N ALA A 87 39.08 4.09 -8.31
CA ALA A 87 40.20 3.83 -9.19
C ALA A 87 40.38 2.38 -9.52
N VAL A 88 39.35 1.56 -9.29
CA VAL A 88 39.39 0.17 -9.73
C VAL A 88 39.12 0.07 -11.22
N GLN A 89 38.59 1.13 -11.83
CA GLN A 89 38.47 1.19 -13.28
C GLN A 89 39.83 1.40 -13.95
N GLN A 90 40.62 2.32 -13.41
CA GLN A 90 41.89 2.69 -14.01
C GLN A 90 43.00 1.79 -13.49
N LYS A 91 43.74 1.18 -14.42
CA LYS A 91 44.81 0.25 -14.08
C LYS A 91 46.17 0.91 -13.96
N ASN A 92 46.26 2.23 -14.14
CA ASN A 92 47.52 2.92 -14.01
C ASN A 92 47.92 3.15 -12.55
N SER A 93 46.99 3.01 -11.63
CA SER A 93 47.26 3.19 -10.20
C SER A 93 47.43 1.86 -9.48
N LEU A 94 46.42 0.99 -9.56
CA LEU A 94 46.47 -0.28 -8.84
C LEU A 94 47.51 -1.21 -9.45
N GLN A 95 48.03 -2.12 -8.62
CA GLN A 95 48.99 -3.13 -9.03
C GLN A 95 48.47 -4.49 -8.57
N SER A 96 47.61 -5.09 -9.39
CA SER A 96 47.04 -6.40 -9.09
C SER A 96 47.84 -7.49 -9.79
N GLU A 97 47.48 -8.74 -9.51
CA GLU A 97 48.17 -9.89 -10.06
C GLU A 97 47.41 -10.60 -11.17
N SER A 98 46.07 -10.53 -11.17
CA SER A 98 45.24 -11.16 -12.17
C SER A 98 44.71 -10.19 -13.20
N GLY A 99 45.21 -8.95 -13.23
CA GLY A 99 44.74 -7.95 -14.16
C GLY A 99 43.55 -7.19 -13.64
N ASN A 100 43.19 -6.13 -14.37
CA ASN A 100 42.09 -5.26 -13.97
C ASN A 100 40.73 -5.81 -14.39
N LEU A 101 40.69 -6.79 -15.29
CA LEU A 101 39.41 -7.37 -15.69
C LEU A 101 38.68 -8.04 -14.54
N PRO A 102 39.32 -8.87 -13.70
CA PRO A 102 38.60 -9.41 -12.54
C PRO A 102 38.05 -8.34 -11.62
N LEU A 103 38.79 -7.25 -11.40
CA LEU A 103 38.28 -6.18 -10.54
C LEU A 103 37.09 -5.49 -11.18
N TRP A 104 37.15 -5.27 -12.50
CA TRP A 104 36.00 -4.75 -13.23
C TRP A 104 34.78 -5.62 -12.99
N LEU A 105 34.96 -6.93 -13.12
CA LEU A 105 33.84 -7.85 -12.90
C LEU A 105 33.33 -7.77 -11.46
N HIS A 106 34.24 -7.69 -10.50
CA HIS A 106 33.85 -7.66 -9.09
C HIS A 106 33.02 -6.43 -8.77
N LYS A 107 33.37 -5.29 -9.36
CA LYS A 107 32.64 -4.06 -9.05
C LYS A 107 31.23 -4.08 -9.64
N PHE A 108 31.07 -4.66 -10.83
CA PHE A 108 29.84 -4.53 -11.60
C PHE A 108 29.10 -5.86 -11.77
N PHE A 109 29.21 -6.76 -10.79
CA PHE A 109 28.50 -8.04 -10.90
C PHE A 109 26.99 -7.87 -10.87
N PRO A 110 26.39 -7.14 -9.93
CA PRO A 110 24.93 -7.00 -9.96
C PRO A 110 24.40 -6.34 -11.23
N TYR A 111 25.15 -5.38 -11.80
CA TYR A 111 24.70 -4.75 -13.03
C TYR A 111 24.65 -5.74 -14.17
N ILE A 112 25.65 -6.62 -14.26
CA ILE A 112 25.65 -7.64 -15.30
C ILE A 112 24.51 -8.64 -15.08
N LEU A 113 24.26 -9.00 -13.82
CA LEU A 113 23.14 -9.90 -13.54
C LEU A 113 21.81 -9.27 -13.96
N LEU A 114 21.62 -7.99 -13.65
CA LEU A 114 20.39 -7.30 -14.04
C LEU A 114 20.27 -7.20 -15.56
N LEU A 115 21.39 -6.92 -16.24
CA LEU A 115 21.37 -6.88 -17.70
C LEU A 115 20.96 -8.22 -18.28
N PHE A 116 21.50 -9.31 -17.74
CA PHE A 116 21.10 -10.64 -18.19
C PHE A 116 19.62 -10.89 -17.94
N ALA A 117 19.12 -10.48 -16.78
CA ALA A 117 17.71 -10.67 -16.48
C ALA A 117 16.83 -9.93 -17.47
N ILE A 118 17.19 -8.69 -17.80
CA ILE A 118 16.40 -7.92 -18.75
C ILE A 118 16.49 -8.53 -20.15
N LEU A 119 17.66 -9.02 -20.54
CA LEU A 119 17.81 -9.66 -21.84
C LEU A 119 16.99 -10.93 -21.94
N LEU A 120 16.84 -11.66 -20.82
CA LEU A 120 15.93 -12.81 -20.82
C LEU A 120 14.48 -12.37 -20.88
N TYR A 121 14.13 -11.30 -20.17
CA TYR A 121 12.72 -10.91 -20.06
C TYR A 121 12.19 -10.27 -21.34
N LEU A 122 13.05 -9.65 -22.14
CA LEU A 122 12.58 -8.95 -23.33
C LEU A 122 11.86 -9.83 -24.34
N PRO A 123 12.37 -11.00 -24.74
CA PRO A 123 11.68 -11.80 -25.78
C PRO A 123 10.27 -12.20 -25.39
N PRO A 124 9.99 -12.53 -24.11
CA PRO A 124 8.58 -12.70 -23.74
C PRO A 124 7.73 -11.47 -24.00
N LEU A 125 8.26 -10.27 -23.75
CA LEU A 125 7.51 -9.06 -24.04
C LEU A 125 7.28 -8.89 -25.53
N PHE A 126 8.29 -9.22 -26.34
CA PHE A 126 8.11 -9.16 -27.79
C PHE A 126 7.01 -10.12 -28.24
N TRP A 127 7.09 -11.38 -27.77
CA TRP A 127 6.08 -12.36 -28.16
C TRP A 127 4.68 -11.93 -27.73
N ARG A 128 4.55 -11.42 -26.50
CA ARG A 128 3.25 -10.93 -26.04
C ARG A 128 2.75 -9.81 -26.93
N PHE A 129 3.51 -8.71 -27.01
CA PHE A 129 3.06 -7.53 -27.73
C PHE A 129 2.85 -7.78 -29.22
N ALA A 130 3.46 -8.82 -29.79
CA ALA A 130 3.34 -9.07 -31.21
C ALA A 130 2.44 -10.24 -31.57
N ALA A 131 2.02 -11.07 -30.61
CA ALA A 131 1.20 -12.22 -30.94
C ALA A 131 0.08 -12.50 -29.94
N ALA A 132 -0.22 -11.59 -29.01
CA ALA A 132 -1.34 -11.84 -28.12
C ALA A 132 -2.68 -11.81 -28.86
N PRO A 133 -3.03 -10.75 -29.60
CA PRO A 133 -4.30 -10.81 -30.34
C PRO A 133 -4.25 -11.75 -31.53
N HIS A 134 -3.10 -11.84 -32.20
CA HIS A 134 -2.98 -12.68 -33.39
C HIS A 134 -3.21 -14.15 -33.07
N ILE A 135 -3.02 -14.55 -31.80
CA ILE A 135 -3.28 -15.93 -31.41
C ILE A 135 -4.63 -16.00 -30.70
N CYS A 136 -5.00 -14.93 -30.00
CA CYS A 136 -6.26 -14.94 -29.26
C CYS A 136 -7.46 -15.02 -30.20
N SER A 137 -7.45 -14.20 -31.26
CA SER A 137 -8.57 -14.20 -32.18
C SER A 137 -8.72 -15.55 -32.88
N ASP A 138 -7.60 -16.11 -33.35
CA ASP A 138 -7.65 -17.39 -34.03
C ASP A 138 -8.11 -18.50 -33.10
N LEU A 139 -7.62 -18.49 -31.85
CA LEU A 139 -8.03 -19.51 -30.89
C LEU A 139 -9.53 -19.41 -30.59
N LYS A 140 -10.02 -18.20 -30.38
CA LYS A 140 -11.45 -18.03 -30.10
C LYS A 140 -12.30 -18.46 -31.29
N PHE A 141 -11.86 -18.11 -32.51
CA PHE A 141 -12.61 -18.51 -33.70
C PHE A 141 -12.65 -20.02 -33.85
N ILE A 142 -11.52 -20.70 -33.62
CA ILE A 142 -11.51 -22.16 -33.75
C ILE A 142 -12.36 -22.81 -32.67
N MET A 143 -12.31 -22.27 -31.44
CA MET A 143 -13.14 -22.81 -30.37
C MET A 143 -14.63 -22.66 -30.70
N GLU A 144 -15.02 -21.50 -31.22
CA GLU A 144 -16.41 -21.28 -31.60
C GLU A 144 -16.83 -22.20 -32.74
N GLU A 145 -15.93 -22.40 -33.71
CA GLU A 145 -16.24 -23.32 -34.81
C GLU A 145 -16.45 -24.74 -34.30
N LEU A 146 -15.59 -25.20 -33.40
CA LEU A 146 -15.75 -26.54 -32.84
C LEU A 146 -17.04 -26.66 -32.04
N ASP A 147 -17.36 -25.63 -31.25
CA ASP A 147 -18.61 -25.64 -30.49
C ASP A 147 -19.82 -25.70 -31.42
N LYS A 148 -19.79 -24.91 -32.51
CA LYS A 148 -20.89 -24.94 -33.47
C LYS A 148 -21.01 -26.30 -34.13
N VAL A 149 -19.88 -26.92 -34.48
CA VAL A 149 -19.93 -28.24 -35.10
C VAL A 149 -20.54 -29.26 -34.14
N TYR A 150 -20.13 -29.22 -32.87
CA TYR A 150 -20.69 -30.14 -31.88
C TYR A 150 -22.19 -29.90 -31.69
N ASN A 151 -22.61 -28.63 -31.64
CA ASN A 151 -24.02 -28.32 -31.49
C ASN A 151 -24.84 -28.80 -32.68
N ARG A 152 -24.30 -28.62 -33.90
CA ARG A 152 -24.99 -29.08 -35.09
C ARG A 152 -25.12 -30.61 -35.09
N ALA A 153 -24.06 -31.31 -34.69
CA ALA A 153 -24.13 -32.77 -34.61
C ALA A 153 -25.14 -33.20 -33.56
N ILE A 154 -25.20 -32.52 -32.42
CA ILE A 154 -26.13 -32.89 -31.36
C ILE A 154 -27.57 -32.65 -31.81
N LYS A 155 -27.84 -31.53 -32.49
CA LYS A 155 -29.19 -31.18 -32.92
C LYS A 155 -29.58 -31.84 -34.24
N ALA A 156 -28.66 -32.54 -34.89
CA ALA A 156 -28.96 -33.23 -36.15
C ALA A 156 -29.28 -34.71 -35.97
N ALA A 157 -28.55 -35.39 -35.09
CA ALA A 157 -28.81 -36.82 -34.87
C ALA A 157 -30.17 -37.05 -34.25
N LYS A 158 -30.57 -36.18 -33.32
CA LYS A 158 -31.88 -36.30 -32.67
C LYS A 158 -33.01 -35.92 -33.62
N PRO A 194 -17.40 -27.96 -43.09
CA PRO A 194 -16.05 -28.14 -42.53
C PRO A 194 -15.18 -26.91 -42.68
N ILE A 195 -15.61 -25.80 -42.08
CA ILE A 195 -14.83 -24.56 -42.17
C ILE A 195 -13.50 -24.71 -41.44
N VAL A 196 -13.52 -25.37 -40.28
CA VAL A 196 -12.32 -25.45 -39.45
C VAL A 196 -11.25 -26.30 -40.14
N GLU A 197 -11.66 -27.38 -40.82
CA GLU A 197 -10.69 -28.21 -41.54
C GLU A 197 -10.03 -27.43 -42.66
N GLN A 198 -10.80 -26.65 -43.41
CA GLN A 198 -10.23 -25.82 -44.46
C GLN A 198 -9.33 -24.74 -43.89
N TYR A 199 -9.69 -24.18 -42.73
CA TYR A 199 -8.81 -23.21 -42.08
C TYR A 199 -7.50 -23.84 -41.66
N LEU A 200 -7.54 -25.09 -41.16
CA LEU A 200 -6.32 -25.81 -40.83
C LEU A 200 -5.47 -26.03 -42.08
N LYS A 201 -6.10 -26.41 -43.19
CA LYS A 201 -5.37 -26.58 -44.44
C LYS A 201 -4.71 -25.27 -44.87
N THR A 202 -5.41 -24.16 -44.71
CA THR A 202 -4.83 -22.85 -45.03
C THR A 202 -3.64 -22.55 -44.12
N LYS A 203 -3.77 -22.81 -42.82
CA LYS A 203 -2.69 -22.54 -41.88
C LYS A 203 -1.48 -23.43 -42.16
N LYS A 204 -1.70 -24.59 -42.78
CA LYS A 204 -0.59 -25.47 -43.10
C LYS A 204 0.41 -24.80 -44.04
N ASN A 205 -0.10 -24.05 -45.03
CA ASN A 205 0.79 -23.42 -45.99
C ASN A 205 1.51 -22.21 -45.38
N SER A 206 0.82 -21.45 -44.54
CA SER A 206 1.37 -20.22 -43.98
C SER A 206 2.46 -20.55 -42.97
N ASN A 207 3.72 -20.43 -43.39
CA ASN A 207 4.86 -20.68 -42.51
C ASN A 207 5.43 -19.35 -42.01
N ASN A 208 4.70 -18.73 -41.10
CA ASN A 208 5.10 -17.44 -40.56
C ASN A 208 5.28 -17.44 -39.05
N LEU A 209 4.31 -17.94 -38.28
CA LEU A 209 4.35 -17.79 -36.84
C LEU A 209 5.33 -18.76 -36.17
N ILE A 210 5.45 -19.98 -36.70
CA ILE A 210 6.40 -20.92 -36.12
C ILE A 210 7.82 -20.43 -36.30
N ILE A 211 8.08 -19.70 -37.39
CA ILE A 211 9.42 -19.11 -37.59
C ILE A 211 9.71 -18.11 -36.48
N LYS A 212 8.73 -17.25 -36.15
CA LYS A 212 8.91 -16.31 -35.05
C LYS A 212 9.10 -17.03 -33.72
N TYR A 213 8.32 -18.09 -33.48
CA TYR A 213 8.45 -18.84 -32.24
C TYR A 213 9.84 -19.43 -32.09
N ILE A 214 10.31 -20.13 -33.13
CA ILE A 214 11.63 -20.77 -33.03
C ILE A 214 12.73 -19.72 -33.00
N SER A 215 12.53 -18.56 -33.62
CA SER A 215 13.51 -17.50 -33.54
C SER A 215 13.64 -16.97 -32.12
N CYS A 216 12.50 -16.73 -31.47
CA CYS A 216 12.54 -16.26 -30.09
C CYS A 216 13.17 -17.31 -29.17
N ARG A 217 12.80 -18.58 -29.34
CA ARG A 217 13.39 -19.63 -28.52
C ARG A 217 14.89 -19.75 -28.78
N LEU A 218 15.32 -19.63 -30.03
CA LEU A 218 16.73 -19.71 -30.36
C LEU A 218 17.51 -18.56 -29.74
N LEU A 219 16.98 -17.35 -29.80
CA LEU A 219 17.71 -16.21 -29.24
C LEU A 219 17.75 -16.30 -27.71
N THR A 220 16.67 -16.79 -27.09
CA THR A 220 16.71 -17.00 -25.65
C THR A 220 17.74 -18.07 -25.27
N LEU A 221 17.83 -19.13 -26.08
CA LEU A 221 18.85 -20.15 -25.85
C LEU A 221 20.25 -19.56 -25.99
N ILE A 222 20.45 -18.69 -26.99
CA ILE A 222 21.76 -18.07 -27.17
C ILE A 222 22.10 -17.18 -25.98
N ILE A 223 21.13 -16.41 -25.48
CA ILE A 223 21.37 -15.56 -24.32
C ILE A 223 21.70 -16.42 -23.10
N ILE A 224 20.97 -17.52 -22.90
CA ILE A 224 21.25 -18.42 -21.78
C ILE A 224 22.65 -19.00 -21.92
N LEU A 225 23.05 -19.38 -23.12
CA LEU A 225 24.37 -19.96 -23.32
C LEU A 225 25.47 -18.95 -23.04
N LEU A 226 25.30 -17.71 -23.49
CA LEU A 226 26.34 -16.71 -23.25
C LEU A 226 26.40 -16.33 -21.78
N ALA A 227 25.24 -16.29 -21.10
CA ALA A 227 25.25 -16.06 -19.66
C ALA A 227 25.94 -17.20 -18.92
N CYS A 228 25.73 -18.44 -19.37
CA CYS A 228 26.43 -19.57 -18.79
C CYS A 228 27.94 -19.43 -18.98
N ILE A 229 28.36 -19.03 -20.17
CA ILE A 229 29.80 -18.87 -20.43
C ILE A 229 30.38 -17.79 -19.52
N TYR A 230 29.68 -16.65 -19.42
CA TYR A 230 30.18 -15.56 -18.59
C TYR A 230 30.27 -15.96 -17.13
N LEU A 231 29.24 -16.63 -16.61
CA LEU A 231 29.24 -16.99 -15.20
C LEU A 231 30.27 -18.09 -14.91
N GLY A 232 30.46 -19.02 -15.84
CA GLY A 232 31.50 -20.01 -15.66
C GLY A 232 32.89 -19.41 -15.68
N TYR A 233 33.10 -18.38 -16.50
CA TYR A 233 34.38 -17.70 -16.50
C TYR A 233 34.58 -16.87 -15.23
N TYR A 234 33.52 -16.20 -14.77
CA TYR A 234 33.62 -15.39 -13.56
C TYR A 234 33.88 -16.25 -12.33
N PHE A 235 33.22 -17.41 -12.22
CA PHE A 235 33.44 -18.28 -11.07
C PHE A 235 34.84 -18.87 -11.07
N SER A 236 35.45 -19.02 -12.24
CA SER A 236 36.78 -19.62 -12.33
C SER A 236 37.87 -18.69 -11.88
N LEU A 237 37.56 -17.52 -11.32
CA LEU A 237 38.60 -16.60 -10.87
C LEU A 237 39.33 -17.17 -9.66
N SER A 238 40.53 -16.64 -9.43
CA SER A 238 41.46 -17.22 -8.47
C SER A 238 40.98 -17.18 -7.02
N SER A 239 39.94 -16.40 -6.73
CA SER A 239 39.41 -16.14 -5.40
C SER A 239 40.37 -15.32 -4.56
N LEU A 240 41.58 -15.04 -5.05
CA LEU A 240 42.45 -14.03 -4.47
C LEU A 240 42.47 -12.75 -5.28
N SER A 241 41.68 -12.68 -6.36
CA SER A 241 41.53 -11.46 -7.12
C SER A 241 40.71 -10.40 -6.38
N ASP A 242 40.09 -10.76 -5.26
CA ASP A 242 39.34 -9.78 -4.48
C ASP A 242 40.25 -8.82 -3.72
N GLU A 243 41.55 -9.07 -3.68
CA GLU A 243 42.48 -8.16 -3.04
C GLU A 243 43.48 -7.63 -4.06
N PHE A 244 43.91 -6.39 -3.85
CA PHE A 244 44.82 -5.72 -4.76
C PHE A 244 45.59 -4.65 -3.99
N VAL A 245 46.47 -3.96 -4.69
CA VAL A 245 47.33 -2.92 -4.12
C VAL A 245 47.03 -1.63 -4.86
N CYS A 246 46.45 -0.66 -4.14
CA CYS A 246 46.09 0.62 -4.69
C CYS A 246 47.13 1.66 -4.28
N SER A 247 46.93 2.90 -4.75
CA SER A 247 47.88 3.97 -4.44
C SER A 247 47.20 5.31 -4.68
N ILE A 248 47.20 6.16 -3.66
CA ILE A 248 46.67 7.51 -3.81
C ILE A 248 47.84 8.47 -4.01
N LYS A 249 48.26 8.64 -5.26
CA LYS A 249 49.39 9.50 -5.58
C LYS A 249 49.12 10.28 -6.85
N SER A 250 47.93 10.85 -6.97
CA SER A 250 47.54 11.63 -8.15
C SER A 250 47.46 13.10 -7.77
N GLY A 251 48.08 13.96 -8.57
CA GLY A 251 48.03 15.38 -8.34
C GLY A 251 48.98 15.85 -7.25
N ILE A 252 48.49 16.71 -6.36
CA ILE A 252 49.33 17.26 -5.31
C ILE A 252 49.77 16.23 -4.27
N LEU A 253 49.16 15.04 -4.29
CA LEU A 253 49.55 13.98 -3.36
C LEU A 253 50.80 13.24 -3.81
N ARG A 254 51.28 13.50 -5.03
CA ARG A 254 52.40 12.73 -5.56
C ARG A 254 53.72 13.09 -4.89
N ASN A 255 53.85 14.31 -4.37
CA ASN A 255 55.13 14.80 -3.88
C ASN A 255 55.31 14.65 -2.38
N ASP A 256 54.23 14.71 -1.60
CA ASP A 256 54.38 14.65 -0.15
C ASP A 256 54.77 13.24 0.30
N SER A 257 55.39 13.17 1.47
CA SER A 257 55.88 11.92 2.03
C SER A 257 55.11 11.46 3.25
N THR A 258 53.99 12.11 3.57
CA THR A 258 53.19 11.71 4.72
C THR A 258 52.24 10.57 4.42
N VAL A 259 52.16 10.12 3.17
CA VAL A 259 51.27 9.04 2.78
C VAL A 259 52.11 7.85 2.33
N PRO A 260 51.73 6.62 2.67
CA PRO A 260 52.46 5.46 2.14
C PRO A 260 52.22 5.33 0.64
N ASP A 261 53.21 4.74 -0.04
CA ASP A 261 53.15 4.63 -1.48
C ASP A 261 51.97 3.78 -1.94
N GLN A 262 51.71 2.68 -1.24
CA GLN A 262 50.70 1.73 -1.67
C GLN A 262 49.86 1.28 -0.48
N PHE A 263 48.59 0.99 -0.75
CA PHE A 263 47.64 0.52 0.25
C PHE A 263 47.12 -0.85 -0.15
N GLN A 264 46.98 -1.73 0.83
CA GLN A 264 46.45 -3.07 0.59
C GLN A 264 44.93 -3.02 0.71
N CYS A 265 44.24 -3.25 -0.40
CA CYS A 265 42.79 -3.19 -0.43
C CYS A 265 42.22 -4.57 -0.69
N LYS A 266 41.02 -4.82 -0.17
CA LYS A 266 40.31 -6.07 -0.38
C LYS A 266 38.88 -5.76 -0.80
N LEU A 267 38.42 -6.44 -1.85
CA LEU A 267 37.04 -6.31 -2.32
C LEU A 267 36.18 -7.29 -1.56
N ILE A 268 35.42 -6.79 -0.58
CA ILE A 268 34.53 -7.66 0.17
C ILE A 268 33.35 -8.07 -0.72
N ALA A 269 32.62 -9.08 -0.27
CA ALA A 269 31.44 -9.58 -0.98
C ALA A 269 31.79 -10.10 -2.37
N VAL A 270 32.90 -10.84 -2.46
CA VAL A 270 33.28 -11.53 -3.69
C VAL A 270 33.01 -13.02 -3.59
N GLY A 271 33.27 -13.62 -2.43
CA GLY A 271 32.90 -15.01 -2.24
C GLY A 271 31.40 -15.23 -2.35
N ILE A 272 30.61 -14.29 -1.84
CA ILE A 272 29.17 -14.33 -2.04
C ILE A 272 28.84 -14.22 -3.52
N PHE A 273 29.53 -13.33 -4.23
CA PHE A 273 29.31 -13.17 -5.66
C PHE A 273 29.63 -14.45 -6.41
N GLN A 274 30.73 -15.12 -6.05
CA GLN A 274 31.09 -16.36 -6.72
C GLN A 274 30.11 -17.48 -6.40
N LEU A 275 29.59 -17.51 -5.17
CA LEU A 275 28.56 -18.49 -4.82
C LEU A 275 27.30 -18.28 -5.66
N LEU A 276 26.86 -17.02 -5.76
CA LEU A 276 25.69 -16.72 -6.59
C LEU A 276 25.95 -17.06 -8.05
N SER A 277 27.16 -16.79 -8.52
CA SER A 277 27.49 -17.11 -9.91
C SER A 277 27.42 -18.60 -10.17
N VAL A 278 27.94 -19.43 -9.24
CA VAL A 278 27.89 -20.87 -9.46
C VAL A 278 26.45 -21.38 -9.37
N ILE A 279 25.64 -20.80 -8.49
CA ILE A 279 24.23 -21.19 -8.41
C ILE A 279 23.52 -20.89 -9.72
N ASN A 280 23.71 -19.68 -10.23
CA ASN A 280 23.09 -19.29 -11.49
C ASN A 280 23.57 -20.15 -12.64
N LEU A 281 24.87 -20.45 -12.67
CA LEU A 281 25.42 -21.27 -13.75
C LEU A 281 24.84 -22.68 -13.72
N VAL A 282 24.74 -23.28 -12.53
CA VAL A 282 24.21 -24.64 -12.47
C VAL A 282 22.73 -24.67 -12.82
N VAL A 283 21.98 -23.65 -12.40
CA VAL A 283 20.55 -23.63 -12.74
C VAL A 283 20.36 -23.44 -14.24
N TYR A 284 21.13 -22.53 -14.85
CA TYR A 284 21.00 -22.32 -16.29
C TYR A 284 21.47 -23.54 -17.07
N VAL A 285 22.48 -24.25 -16.57
CA VAL A 285 22.91 -25.48 -17.23
C VAL A 285 21.81 -26.53 -17.18
N LEU A 286 21.12 -26.64 -16.05
CA LEU A 286 19.97 -27.54 -15.97
C LEU A 286 18.86 -27.10 -16.92
N LEU A 287 18.65 -25.79 -17.04
CA LEU A 287 17.52 -25.26 -17.81
C LEU A 287 17.73 -25.33 -19.31
N ALA A 288 18.98 -25.25 -19.77
CA ALA A 288 19.24 -25.22 -21.22
C ALA A 288 18.66 -26.41 -21.99
N PRO A 289 18.76 -27.66 -21.53
CA PRO A 289 18.12 -28.75 -22.27
C PRO A 289 16.62 -28.59 -22.44
N VAL A 290 15.96 -27.91 -21.49
CA VAL A 290 14.52 -27.69 -21.61
C VAL A 290 14.22 -26.83 -22.85
N VAL A 291 14.98 -25.74 -23.02
CA VAL A 291 14.78 -24.89 -24.20
C VAL A 291 15.21 -25.64 -25.46
N VAL A 292 16.25 -26.46 -25.37
CA VAL A 292 16.69 -27.23 -26.53
C VAL A 292 15.58 -28.16 -27.00
N TYR A 293 14.93 -28.85 -26.06
CA TYR A 293 13.80 -29.71 -26.42
C TYR A 293 12.63 -28.88 -26.94
N THR A 294 12.38 -27.72 -26.32
CA THR A 294 11.29 -26.85 -26.76
C THR A 294 11.48 -26.40 -28.20
N LEU A 295 12.74 -26.30 -28.65
CA LEU A 295 13.01 -25.90 -30.03
C LEU A 295 12.34 -26.84 -31.03
N PHE A 296 12.22 -28.12 -30.68
CA PHE A 296 11.63 -29.12 -31.57
C PHE A 296 10.11 -29.06 -31.44
N VAL A 297 9.51 -28.09 -32.13
CA VAL A 297 8.05 -27.90 -32.05
C VAL A 297 7.28 -29.10 -32.58
N PRO A 298 7.57 -29.66 -33.77
CA PRO A 298 6.77 -30.78 -34.25
C PRO A 298 6.78 -31.99 -33.34
N PHE A 299 7.91 -32.28 -32.68
CA PHE A 299 7.98 -33.47 -31.83
C PHE A 299 7.16 -33.30 -30.56
N ARG A 300 6.92 -32.07 -30.12
CA ARG A 300 6.17 -31.84 -28.89
C ARG A 300 4.71 -32.29 -29.04
N GLN A 301 4.11 -32.04 -30.20
CA GLN A 301 2.68 -32.28 -30.38
C GLN A 301 2.37 -33.77 -30.36
N LYS A 302 1.39 -34.16 -29.56
CA LYS A 302 0.83 -35.52 -29.59
C LYS A 302 -0.44 -35.46 -30.44
N THR A 303 -0.36 -36.01 -31.65
CA THR A 303 -1.45 -35.88 -32.62
C THR A 303 -2.60 -36.81 -32.21
N ASP A 304 -3.31 -36.39 -31.15
CA ASP A 304 -4.46 -37.13 -30.68
C ASP A 304 -5.63 -36.22 -30.30
N VAL A 305 -5.48 -34.90 -30.38
CA VAL A 305 -6.55 -33.99 -30.00
C VAL A 305 -7.62 -33.87 -31.07
N LEU A 306 -7.32 -34.27 -32.30
CA LEU A 306 -8.29 -34.20 -33.40
C LEU A 306 -8.86 -35.56 -33.79
N LYS A 307 -8.14 -36.65 -33.52
CA LYS A 307 -8.66 -37.97 -33.85
C LYS A 307 -9.91 -38.31 -33.05
N VAL A 308 -10.07 -37.70 -31.87
CA VAL A 308 -11.30 -37.87 -31.11
C VAL A 308 -12.47 -37.21 -31.82
N TYR A 309 -12.24 -36.04 -32.41
CA TYR A 309 -13.30 -35.31 -33.09
C TYR A 309 -13.74 -35.98 -34.38
N GLU A 310 -12.91 -36.87 -34.94
CA GLU A 310 -13.25 -37.53 -36.19
C GLU A 310 -14.41 -38.50 -36.06
N ILE A 311 -14.79 -38.88 -34.84
CA ILE A 311 -15.97 -39.72 -34.64
C ILE A 311 -17.23 -38.98 -35.08
N LEU A 312 -17.26 -37.66 -34.88
CA LEU A 312 -18.42 -36.87 -35.26
C LEU A 312 -18.62 -36.93 -36.78
N PRO A 313 -19.86 -37.10 -37.24
CA PRO A 313 -20.10 -37.19 -38.69
C PRO A 313 -19.99 -35.84 -39.39
N THR A 314 -20.46 -34.78 -38.74
CA THR A 314 -20.42 -33.46 -39.35
C THR A 314 -18.98 -32.99 -39.53
N PHE A 315 -18.12 -33.25 -38.55
CA PHE A 315 -16.72 -32.85 -38.65
C PHE A 315 -16.02 -33.64 -39.75
N ASP A 316 -15.08 -32.99 -40.42
CA ASP A 316 -14.36 -33.61 -41.52
C ASP A 316 -13.49 -34.75 -41.00
N VAL A 317 -13.76 -35.96 -41.49
CA VAL A 317 -13.00 -37.12 -41.04
C VAL A 317 -11.57 -37.06 -41.57
N LEU A 318 -10.70 -37.86 -40.95
CA LEU A 318 -9.29 -37.94 -41.31
C LEU A 318 -8.62 -36.57 -41.20
N HIS A 319 -8.63 -36.03 -39.98
CA HIS A 319 -8.03 -34.73 -39.73
C HIS A 319 -6.50 -34.81 -39.87
N PHE A 320 -5.92 -33.73 -40.38
CA PHE A 320 -4.49 -33.67 -40.57
C PHE A 320 -3.76 -33.57 -39.23
N LYS A 321 -2.55 -34.11 -39.17
CA LYS A 321 -1.74 -34.08 -37.97
C LYS A 321 -0.92 -32.80 -37.93
N SER A 322 0.00 -32.69 -36.98
CA SER A 322 0.79 -31.49 -36.79
C SER A 322 2.13 -31.52 -37.52
N GLU A 323 2.49 -32.63 -38.16
CA GLU A 323 3.78 -32.73 -38.80
C GLU A 323 3.87 -31.82 -40.02
N GLY A 324 5.07 -31.37 -40.33
CA GLY A 324 5.29 -30.51 -41.48
C GLY A 324 6.13 -29.29 -41.19
N TYR A 325 6.29 -28.95 -39.91
CA TYR A 325 7.06 -27.79 -39.46
C TYR A 325 6.50 -26.50 -40.06
N ASN A 326 5.23 -26.25 -39.76
CA ASN A 326 4.54 -25.05 -40.23
C ASN A 326 3.83 -24.36 -39.06
N ASP A 327 3.04 -23.34 -39.34
CA ASP A 327 2.23 -22.73 -38.30
C ASP A 327 1.15 -23.67 -37.79
N LEU A 328 0.83 -24.71 -38.56
CA LEU A 328 -0.14 -25.71 -38.10
C LEU A 328 0.37 -26.43 -36.85
N SER A 329 1.67 -26.71 -36.80
CA SER A 329 2.24 -27.33 -35.60
C SER A 329 2.10 -26.42 -34.39
N LEU A 330 2.38 -25.13 -34.55
CA LEU A 330 2.23 -24.21 -33.44
C LEU A 330 0.79 -24.10 -32.99
N TYR A 331 -0.15 -24.07 -33.94
CA TYR A 331 -1.56 -23.99 -33.57
C TYR A 331 -2.02 -25.27 -32.88
N ASN A 332 -1.49 -26.42 -33.30
CA ASN A 332 -1.77 -27.66 -32.57
C ASN A 332 -1.24 -27.59 -31.15
N LEU A 333 -0.01 -27.08 -30.98
CA LEU A 333 0.57 -26.97 -29.65
C LEU A 333 -0.26 -26.07 -28.76
N PHE A 334 -0.74 -24.95 -29.30
CA PHE A 334 -1.58 -24.05 -28.53
C PHE A 334 -2.96 -24.65 -28.28
N LEU A 335 -3.40 -25.55 -29.17
CA LEU A 335 -4.71 -26.18 -28.99
C LEU A 335 -4.69 -27.20 -27.86
N GLU A 336 -3.66 -28.05 -27.82
CA GLU A 336 -3.63 -29.13 -26.82
C GLU A 336 -3.72 -28.59 -25.40
N GLU A 337 -3.23 -27.37 -25.16
CA GLU A 337 -3.34 -26.78 -23.83
C GLU A 337 -4.75 -26.25 -23.55
N ASN A 338 -5.43 -25.73 -24.57
CA ASN A 338 -6.70 -25.05 -24.37
C ASN A 338 -7.92 -25.90 -24.67
N ILE A 339 -7.76 -27.01 -25.41
CA ILE A 339 -8.91 -27.85 -25.73
C ILE A 339 -9.51 -28.45 -24.47
N SER A 340 -8.68 -28.68 -23.45
CA SER A 340 -9.19 -29.26 -22.21
C SER A 340 -10.21 -28.35 -21.52
N GLU A 341 -10.25 -27.08 -21.91
CA GLU A 341 -11.18 -26.11 -21.34
C GLU A 341 -12.48 -26.02 -22.14
N VAL A 342 -12.64 -26.84 -23.17
CA VAL A 342 -13.84 -26.86 -24.01
C VAL A 342 -14.80 -27.90 -23.44
N LYS A 343 -16.07 -27.49 -23.27
CA LYS A 343 -17.06 -28.39 -22.69
C LYS A 343 -17.32 -29.60 -23.58
N SER A 344 -17.38 -29.39 -24.90
CA SER A 344 -17.68 -30.50 -25.81
C SER A 344 -16.56 -31.54 -25.83
N TYR A 345 -15.34 -31.15 -25.45
CA TYR A 345 -14.19 -32.05 -25.59
C TYR A 345 -14.37 -33.31 -24.75
N LYS A 346 -14.66 -33.15 -23.46
CA LYS A 346 -14.83 -34.31 -22.60
C LYS A 346 -16.11 -35.06 -22.90
N CYS A 347 -17.17 -34.34 -23.28
CA CYS A 347 -18.43 -34.97 -23.67
C CYS A 347 -18.26 -35.84 -24.91
N LEU A 348 -17.25 -35.55 -25.74
CA LEU A 348 -16.93 -36.42 -26.87
C LEU A 348 -15.92 -37.49 -26.49
N LYS A 349 -14.99 -37.19 -25.57
CA LYS A 349 -14.02 -38.18 -25.14
C LYS A 349 -14.68 -39.37 -24.46
N VAL A 350 -15.69 -39.11 -23.63
CA VAL A 350 -16.37 -40.21 -22.95
C VAL A 350 -16.99 -41.16 -23.97
N LEU A 351 -17.68 -40.60 -24.96
CA LEU A 351 -18.30 -41.41 -25.99
C LEU A 351 -17.27 -42.17 -26.81
N GLU A 352 -16.17 -41.51 -27.19
CA GLU A 352 -15.19 -42.16 -28.05
C GLU A 352 -14.48 -43.30 -27.31
N ASN A 353 -14.19 -43.11 -26.02
CA ASN A 353 -13.51 -44.19 -25.29
C ASN A 353 -14.46 -45.32 -24.93
N ILE A 354 -15.74 -45.03 -24.71
CA ILE A 354 -16.65 -46.12 -24.38
C ILE A 354 -17.25 -46.77 -25.62
N LYS A 355 -17.10 -46.17 -26.80
CA LYS A 355 -17.59 -46.80 -28.02
C LYS A 355 -16.48 -47.61 -28.70
N ASP A 362 -23.11 -46.24 -30.45
CA ASP A 362 -22.55 -44.89 -30.53
C ASP A 362 -23.61 -43.78 -30.68
N PRO A 363 -24.56 -43.92 -31.64
CA PRO A 363 -25.58 -42.89 -31.76
C PRO A 363 -26.44 -42.71 -30.52
N MET A 364 -26.72 -43.81 -29.79
CA MET A 364 -27.52 -43.70 -28.57
C MET A 364 -26.81 -42.87 -27.52
N LEU A 365 -25.52 -43.14 -27.31
CA LEU A 365 -24.75 -42.35 -26.35
C LEU A 365 -24.57 -40.92 -26.82
N LEU A 366 -24.44 -40.72 -28.13
CA LEU A 366 -24.32 -39.36 -28.66
C LEU A 366 -25.60 -38.56 -28.41
N LEU A 367 -26.76 -39.19 -28.59
CA LEU A 367 -28.03 -38.52 -28.34
C LEU A 367 -28.39 -38.45 -26.86
N THR A 368 -27.71 -39.24 -26.01
CA THR A 368 -27.99 -39.18 -24.57
C THR A 368 -27.64 -37.81 -24.00
N ASN A 369 -26.52 -37.23 -24.41
CA ASN A 369 -26.11 -35.93 -23.92
C ASN A 369 -26.39 -34.85 -24.96
N LYS B 26 -12.30 2.00 -25.54
CA LYS B 26 -12.35 0.75 -24.80
C LYS B 26 -12.07 -0.44 -25.73
N GLY B 27 -10.96 -1.14 -25.48
CA GLY B 27 -10.57 -2.28 -26.28
C GLY B 27 -9.72 -1.97 -27.48
N LEU B 28 -9.51 -0.69 -27.80
CA LEU B 28 -8.69 -0.28 -28.92
C LEU B 28 -7.29 0.07 -28.44
N ARG B 29 -6.28 -0.45 -29.12
CA ARG B 29 -4.90 -0.16 -28.75
C ARG B 29 -4.56 1.31 -28.95
N LEU B 30 -5.05 1.90 -30.05
CA LEU B 30 -4.90 3.32 -30.38
C LEU B 30 -3.44 3.78 -30.34
N GLU B 31 -2.50 2.85 -30.37
CA GLU B 31 -1.08 3.17 -30.38
C GLU B 31 -0.31 1.98 -30.93
N LEU B 32 0.56 2.24 -31.89
CA LEU B 32 1.29 1.16 -32.55
C LEU B 32 2.19 0.45 -31.57
N ALA B 33 2.36 -0.86 -31.78
CA ALA B 33 3.22 -1.65 -30.90
C ALA B 33 4.67 -1.19 -30.97
N VAL B 34 5.15 -0.89 -32.18
CA VAL B 34 6.54 -0.46 -32.34
C VAL B 34 6.78 0.85 -31.60
N ASP B 35 5.83 1.76 -31.67
CA ASP B 35 6.01 3.10 -31.04
C ASP B 35 5.46 3.14 -29.63
N LYS B 36 5.18 2.00 -29.04
CA LYS B 36 4.77 1.92 -27.62
C LYS B 36 5.91 1.17 -27.00
N MET B 37 6.62 0.39 -27.81
CA MET B 37 7.86 -0.22 -27.33
C MET B 37 9.00 0.81 -27.32
N VAL B 38 9.09 1.64 -28.37
CA VAL B 38 10.14 2.64 -28.44
C VAL B 38 10.01 3.63 -27.29
N THR B 39 8.79 4.12 -27.04
CA THR B 39 8.59 5.05 -25.94
C THR B 39 8.90 4.39 -24.60
N CYS B 40 8.46 3.14 -24.41
CA CYS B 40 8.70 2.45 -23.16
C CYS B 40 10.19 2.30 -22.90
N ILE B 41 10.95 1.86 -23.91
CA ILE B 41 12.39 1.70 -23.73
C ILE B 41 13.05 3.04 -23.46
N ALA B 42 12.78 4.03 -24.31
CA ALA B 42 13.47 5.32 -24.23
C ALA B 42 13.12 6.09 -22.96
N VAL B 43 12.00 5.79 -22.32
CA VAL B 43 11.69 6.45 -21.05
C VAL B 43 12.15 5.63 -19.86
N GLY B 44 11.97 4.31 -19.90
CA GLY B 44 12.34 3.48 -18.77
C GLY B 44 13.83 3.39 -18.56
N LEU B 45 14.60 3.31 -19.64
CA LEU B 45 16.04 3.10 -19.48
C LEU B 45 16.74 4.23 -18.72
N PRO B 46 16.53 5.52 -19.03
CA PRO B 46 17.13 6.55 -18.16
C PRO B 46 16.67 6.48 -16.72
N LEU B 47 15.40 6.14 -16.48
CA LEU B 47 14.94 5.96 -15.11
C LEU B 47 15.66 4.81 -14.43
N LEU B 48 15.82 3.70 -15.14
CA LEU B 48 16.53 2.55 -14.57
C LEU B 48 17.98 2.90 -14.26
N LEU B 49 18.64 3.61 -15.16
CA LEU B 49 20.02 4.01 -14.93
C LEU B 49 20.12 4.96 -13.75
N ILE B 50 19.19 5.90 -13.64
CA ILE B 50 19.19 6.83 -12.51
C ILE B 50 19.01 6.07 -11.20
N SER B 51 18.08 5.11 -11.17
CA SER B 51 17.85 4.35 -9.94
C SER B 51 19.04 3.46 -9.60
N LEU B 52 19.75 2.96 -10.61
CA LEU B 52 20.90 2.10 -10.36
C LEU B 52 22.16 2.88 -10.01
N ALA B 53 22.26 4.14 -10.44
CA ALA B 53 23.49 4.91 -10.24
C ALA B 53 23.79 5.11 -8.77
N PHE B 54 22.77 5.44 -7.98
CA PHE B 54 22.94 5.69 -6.55
C PHE B 54 22.00 4.81 -5.74
N ALA B 55 21.98 3.53 -6.07
CA ALA B 55 21.31 2.53 -5.27
C ALA B 55 22.27 1.99 -4.22
N GLN B 56 21.86 2.03 -2.96
CA GLN B 56 22.73 1.63 -1.86
C GLN B 56 23.09 0.15 -1.92
N GLU B 57 22.46 -0.62 -2.81
CA GLU B 57 22.82 -2.02 -3.00
C GLU B 57 24.26 -2.16 -3.49
N ILE B 58 24.75 -1.19 -4.26
CA ILE B 58 26.09 -1.31 -4.86
C ILE B 58 26.89 -0.03 -4.66
N SER B 59 26.23 1.05 -4.23
CA SER B 59 26.87 2.36 -4.21
C SER B 59 27.80 2.50 -3.01
N ILE B 60 28.50 3.64 -2.96
CA ILE B 60 29.40 3.98 -1.87
C ILE B 60 28.80 5.17 -1.12
N GLY B 61 29.45 5.60 -0.05
CA GLY B 61 28.91 6.64 0.81
C GLY B 61 28.56 7.95 0.13
N THR B 62 29.56 8.67 -0.37
CA THR B 62 29.35 10.00 -0.92
C THR B 62 29.87 10.05 -2.35
N GLN B 63 29.75 11.23 -2.97
CA GLN B 63 30.20 11.45 -4.33
C GLN B 63 31.48 12.28 -4.42
N ILE B 64 31.93 12.87 -3.32
CA ILE B 64 33.19 13.59 -3.30
C ILE B 64 33.96 13.20 -2.05
N SER B 65 35.29 13.17 -2.17
CA SER B 65 36.16 12.87 -1.04
C SER B 65 37.44 13.66 -1.20
N CYS B 66 37.75 14.50 -0.22
CA CYS B 66 38.93 15.36 -0.25
C CYS B 66 39.90 14.95 0.85
N PHE B 67 41.19 14.98 0.52
CA PHE B 67 42.24 14.56 1.46
C PHE B 67 42.70 15.77 2.26
N SER B 68 42.32 15.81 3.52
CA SER B 68 42.66 16.85 4.48
C SER B 68 43.72 16.36 5.45
N PRO B 69 44.57 17.26 5.96
CA PRO B 69 45.66 16.82 6.83
C PRO B 69 45.15 16.14 8.10
N SER B 70 46.03 15.34 8.70
CA SER B 70 45.66 14.56 9.88
C SER B 70 45.32 15.45 11.07
N SER B 71 45.91 16.65 11.13
CA SER B 71 45.60 17.57 12.22
C SER B 71 44.16 18.07 12.17
N PHE B 72 43.52 18.03 11.01
CA PHE B 72 42.13 18.45 10.89
C PHE B 72 41.24 17.53 11.73
N SER B 73 40.21 18.12 12.34
CA SER B 73 39.23 17.33 13.05
C SER B 73 38.24 16.72 12.05
N ARG B 74 37.24 16.03 12.56
CA ARG B 74 36.24 15.42 11.68
C ARG B 74 35.19 16.41 11.22
N ASP B 75 35.16 17.62 11.78
CA ASP B 75 34.28 18.68 11.31
C ASP B 75 34.96 19.63 10.35
N GLN B 76 36.29 19.75 10.41
CA GLN B 76 37.01 20.52 9.41
C GLN B 76 37.15 19.73 8.11
N ALA B 77 37.34 18.41 8.20
CA ALA B 77 37.36 17.57 7.01
C ALA B 77 36.00 17.54 6.33
N ALA B 78 34.93 17.48 7.12
CA ALA B 78 33.58 17.54 6.56
C ALA B 78 33.34 18.89 5.90
N PHE B 79 33.84 19.98 6.51
CA PHE B 79 33.73 21.29 5.89
C PHE B 79 34.49 21.33 4.56
N VAL B 80 35.68 20.73 4.52
CA VAL B 80 36.45 20.72 3.28
C VAL B 80 35.69 19.96 2.20
N ASP B 81 35.15 18.80 2.55
CA ASP B 81 34.37 18.02 1.58
C ASP B 81 33.18 18.83 1.06
N SER B 82 32.41 19.42 1.97
CA SER B 82 31.22 20.17 1.57
C SER B 82 31.58 21.40 0.75
N TYR B 83 32.61 22.13 1.16
CA TYR B 83 33.03 23.32 0.43
C TYR B 83 33.51 22.96 -0.97
N CYS B 84 34.31 21.91 -1.11
CA CYS B 84 34.83 21.56 -2.42
C CYS B 84 33.79 20.88 -3.29
N TRP B 85 32.73 20.33 -2.70
CA TRP B 85 31.61 19.84 -3.50
C TRP B 85 30.74 20.99 -3.97
N ALA B 86 30.55 22.01 -3.14
CA ALA B 86 29.73 23.15 -3.51
C ALA B 86 30.45 24.07 -4.50
N ALA B 87 31.76 24.24 -4.33
CA ALA B 87 32.57 25.12 -5.16
C ALA B 87 33.02 24.45 -6.44
N VAL B 88 32.37 23.34 -6.82
CA VAL B 88 32.64 22.74 -8.12
C VAL B 88 31.95 23.52 -9.23
N GLN B 89 31.00 24.38 -8.88
CA GLN B 89 30.41 25.29 -9.86
C GLN B 89 31.38 26.41 -10.22
N GLN B 90 32.03 26.99 -9.22
CA GLN B 90 32.90 28.15 -9.42
C GLN B 90 34.32 27.69 -9.73
N LYS B 91 34.85 28.19 -10.84
CA LYS B 91 36.19 27.80 -11.29
C LYS B 91 37.29 28.72 -10.79
N ASN B 92 36.95 29.73 -9.98
CA ASN B 92 37.97 30.62 -9.44
C ASN B 92 38.72 30.00 -8.26
N SER B 93 38.19 28.93 -7.68
CA SER B 93 38.84 28.25 -6.56
C SER B 93 39.58 26.99 -7.00
N LEU B 94 38.88 26.07 -7.64
CA LEU B 94 39.49 24.81 -8.05
C LEU B 94 40.50 25.02 -9.17
N GLN B 95 41.47 24.12 -9.24
CA GLN B 95 42.50 24.12 -10.30
C GLN B 95 42.52 22.72 -10.91
N SER B 96 41.66 22.50 -11.90
CA SER B 96 41.57 21.24 -12.59
C SER B 96 42.38 21.29 -13.89
N GLU B 97 42.48 20.15 -14.57
CA GLU B 97 43.24 20.04 -15.80
C GLU B 97 42.38 19.98 -17.05
N SER B 98 41.15 19.47 -16.95
CA SER B 98 40.26 19.36 -18.09
C SER B 98 39.18 20.43 -18.10
N GLY B 99 39.30 21.45 -17.26
CA GLY B 99 38.32 22.51 -17.18
C GLY B 99 37.17 22.17 -16.23
N ASN B 100 36.34 23.19 -15.99
CA ASN B 100 35.23 23.03 -15.06
C ASN B 100 34.00 22.39 -15.69
N LEU B 101 33.95 22.32 -17.02
CA LEU B 101 32.81 21.66 -17.67
C LEU B 101 32.69 20.19 -17.31
N PRO B 102 33.77 19.38 -17.34
CA PRO B 102 33.61 17.99 -16.88
C PRO B 102 33.12 17.87 -15.46
N LEU B 103 33.57 18.74 -14.56
CA LEU B 103 33.10 18.69 -13.18
C LEU B 103 31.61 19.04 -13.09
N TRP B 104 31.19 20.06 -13.86
CA TRP B 104 29.78 20.39 -13.96
C TRP B 104 28.98 19.17 -14.38
N LEU B 105 29.45 18.46 -15.41
CA LEU B 105 28.74 17.27 -15.87
C LEU B 105 28.72 16.19 -14.80
N HIS B 106 29.83 16.01 -14.09
CA HIS B 106 29.91 14.96 -13.07
C HIS B 106 28.93 15.21 -11.94
N LYS B 107 28.76 16.48 -11.55
CA LYS B 107 27.85 16.77 -10.44
C LYS B 107 26.39 16.55 -10.82
N PHE B 108 26.01 16.88 -12.06
CA PHE B 108 24.62 16.94 -12.47
C PHE B 108 24.26 15.89 -13.52
N PHE B 109 24.91 14.72 -13.47
CA PHE B 109 24.58 13.67 -14.43
C PHE B 109 23.16 13.13 -14.25
N PRO B 110 22.72 12.76 -13.04
CA PRO B 110 21.34 12.27 -12.91
C PRO B 110 20.28 13.29 -13.32
N TYR B 111 20.53 14.57 -13.06
CA TYR B 111 19.56 15.59 -13.46
C TYR B 111 19.42 15.65 -14.97
N ILE B 112 20.54 15.55 -15.69
CA ILE B 112 20.49 15.56 -17.14
C ILE B 112 19.79 14.30 -17.66
N LEU B 113 20.05 13.15 -17.03
CA LEU B 113 19.36 11.94 -17.44
C LEU B 113 17.85 12.05 -17.24
N LEU B 114 17.43 12.61 -16.10
CA LEU B 114 16.01 12.81 -15.86
C LEU B 114 15.39 13.79 -16.83
N LEU B 115 16.12 14.87 -17.16
CA LEU B 115 15.64 15.82 -18.15
C LEU B 115 15.43 15.15 -19.50
N PHE B 116 16.39 14.31 -19.91
CA PHE B 116 16.24 13.58 -21.16
C PHE B 116 15.04 12.65 -21.12
N ALA B 117 14.84 11.97 -20.00
CA ALA B 117 13.70 11.06 -19.87
C ALA B 117 12.39 11.82 -20.01
N ILE B 118 12.28 12.98 -19.37
CA ILE B 118 11.06 13.77 -19.47
C ILE B 118 10.86 14.30 -20.88
N LEU B 119 11.94 14.72 -21.54
CA LEU B 119 11.83 15.19 -22.92
C LEU B 119 11.40 14.09 -23.86
N LEU B 120 11.81 12.84 -23.60
CA LEU B 120 11.30 11.72 -24.39
C LEU B 120 9.83 11.43 -24.06
N TYR B 121 9.44 11.53 -22.80
CA TYR B 121 8.09 11.14 -22.40
C TYR B 121 7.04 12.15 -22.82
N LEU B 122 7.41 13.42 -22.97
CA LEU B 122 6.41 14.45 -23.29
C LEU B 122 5.68 14.22 -24.61
N PRO B 123 6.33 13.92 -25.72
CA PRO B 123 5.60 13.78 -27.00
C PRO B 123 4.54 12.69 -26.97
N PRO B 124 4.77 11.56 -26.30
CA PRO B 124 3.65 10.61 -26.11
C PRO B 124 2.47 11.23 -25.39
N LEU B 125 2.71 12.06 -24.38
CA LEU B 125 1.60 12.73 -23.69
C LEU B 125 0.88 13.69 -24.62
N PHE B 126 1.64 14.42 -25.46
CA PHE B 126 1.00 15.30 -26.43
C PHE B 126 0.12 14.52 -27.39
N TRP B 127 0.67 13.43 -27.95
CA TRP B 127 -0.11 12.62 -28.90
C TRP B 127 -1.36 12.05 -28.24
N ARG B 128 -1.23 11.55 -27.01
CA ARG B 128 -2.39 11.03 -26.30
C ARG B 128 -3.44 12.12 -26.11
N PHE B 129 -3.07 13.20 -25.41
CA PHE B 129 -4.03 14.25 -25.05
C PHE B 129 -4.61 14.95 -26.27
N ALA B 130 -3.95 14.88 -27.43
CA ALA B 130 -4.45 15.58 -28.61
C ALA B 130 -5.05 14.68 -29.67
N ALA B 131 -4.92 13.35 -29.56
CA ALA B 131 -5.47 12.49 -30.58
C ALA B 131 -6.09 11.20 -30.05
N ALA B 132 -6.32 11.07 -28.74
CA ALA B 132 -6.99 9.88 -28.25
C ALA B 132 -8.44 9.82 -28.70
N PRO B 133 -9.28 10.83 -28.47
CA PRO B 133 -10.66 10.74 -28.99
C PRO B 133 -10.73 10.92 -30.49
N HIS B 134 -9.86 11.75 -31.06
CA HIS B 134 -9.91 12.01 -32.50
C HIS B 134 -9.62 10.76 -33.31
N ILE B 135 -8.95 9.78 -32.71
CA ILE B 135 -8.68 8.52 -33.41
C ILE B 135 -9.67 7.47 -32.92
N CYS B 136 -10.08 7.56 -31.65
CA CYS B 136 -10.99 6.56 -31.09
C CYS B 136 -12.35 6.62 -31.78
N SER B 137 -12.90 7.82 -31.93
CA SER B 137 -14.23 7.95 -32.55
C SER B 137 -14.20 7.47 -34.00
N ASP B 138 -13.19 7.86 -34.76
CA ASP B 138 -13.10 7.44 -36.15
C ASP B 138 -12.92 5.93 -36.26
N LEU B 139 -12.09 5.34 -35.40
CA LEU B 139 -11.88 3.91 -35.44
C LEU B 139 -13.18 3.17 -35.12
N LYS B 140 -13.90 3.60 -34.08
CA LYS B 140 -15.15 2.95 -33.72
C LYS B 140 -16.17 3.08 -34.84
N PHE B 141 -16.25 4.27 -35.46
CA PHE B 141 -17.21 4.46 -36.55
C PHE B 141 -16.88 3.56 -37.73
N ILE B 142 -15.60 3.44 -38.09
CA ILE B 142 -15.24 2.58 -39.22
C ILE B 142 -15.50 1.12 -38.89
N MET B 143 -15.21 0.70 -37.65
CA MET B 143 -15.49 -0.67 -37.27
C MET B 143 -16.98 -0.98 -37.33
N GLU B 144 -17.81 -0.05 -36.86
CA GLU B 144 -19.26 -0.25 -36.92
C GLU B 144 -19.74 -0.29 -38.36
N GLU B 145 -19.19 0.57 -39.22
CA GLU B 145 -19.57 0.55 -40.64
C GLU B 145 -19.22 -0.78 -41.28
N LEU B 146 -18.02 -1.31 -41.00
CA LEU B 146 -17.63 -2.59 -41.56
C LEU B 146 -18.52 -3.72 -41.04
N ASP B 147 -18.85 -3.68 -39.74
CA ASP B 147 -19.75 -4.69 -39.18
C ASP B 147 -21.12 -4.63 -39.83
N LYS B 148 -21.64 -3.42 -40.04
CA LYS B 148 -22.94 -3.28 -40.69
C LYS B 148 -22.90 -3.78 -42.13
N VAL B 149 -21.81 -3.50 -42.85
CA VAL B 149 -21.70 -3.99 -44.22
C VAL B 149 -21.68 -5.51 -44.25
N TYR B 150 -20.91 -6.12 -43.34
CA TYR B 150 -20.87 -7.59 -43.28
C TYR B 150 -22.24 -8.16 -42.94
N ASN B 151 -22.93 -7.55 -41.99
CA ASN B 151 -24.26 -8.04 -41.61
C ASN B 151 -25.24 -7.92 -42.76
N ARG B 152 -25.20 -6.80 -43.50
CA ARG B 152 -26.07 -6.64 -44.64
C ARG B 152 -25.78 -7.67 -45.71
N ALA B 153 -24.49 -7.94 -45.98
CA ALA B 153 -24.15 -8.97 -46.96
C ALA B 153 -24.62 -10.34 -46.50
N ILE B 154 -24.49 -10.65 -45.21
CA ILE B 154 -24.91 -11.95 -44.71
C ILE B 154 -26.43 -12.10 -44.79
N LYS B 155 -27.18 -11.05 -44.47
CA LYS B 155 -28.64 -11.10 -44.48
C LYS B 155 -29.23 -10.85 -45.86
N ALA B 156 -28.41 -10.51 -46.85
CA ALA B 156 -28.90 -10.28 -48.20
C ALA B 156 -28.73 -11.48 -49.12
N ALA B 157 -27.60 -12.19 -49.02
CA ALA B 157 -27.39 -13.36 -49.87
C ALA B 157 -28.38 -14.47 -49.55
N LYS B 158 -28.68 -14.68 -48.27
CA LYS B 158 -29.63 -15.70 -47.86
C LYS B 158 -31.06 -15.31 -48.22
N PRO B 194 -21.97 2.35 -49.70
CA PRO B 194 -20.53 2.42 -49.49
C PRO B 194 -20.11 3.69 -48.74
N ILE B 195 -20.62 3.85 -47.53
CA ILE B 195 -20.28 5.03 -46.73
C ILE B 195 -18.79 5.01 -46.36
N VAL B 196 -18.26 3.84 -46.01
CA VAL B 196 -16.89 3.75 -45.54
C VAL B 196 -15.91 4.08 -46.66
N GLU B 197 -16.20 3.65 -47.89
CA GLU B 197 -15.32 3.96 -49.02
C GLU B 197 -15.27 5.46 -49.27
N GLN B 198 -16.43 6.13 -49.22
CA GLN B 198 -16.45 7.57 -49.39
C GLN B 198 -15.76 8.29 -48.24
N TYR B 199 -15.86 7.76 -47.02
CA TYR B 199 -15.13 8.34 -45.90
C TYR B 199 -13.62 8.19 -46.10
N LEU B 200 -13.18 7.06 -46.64
CA LEU B 200 -11.77 6.88 -46.95
C LEU B 200 -11.33 7.88 -48.01
N LYS B 201 -12.15 8.09 -49.05
CA LYS B 201 -11.83 9.07 -50.06
C LYS B 201 -11.71 10.47 -49.46
N THR B 202 -12.61 10.80 -48.52
CA THR B 202 -12.52 12.09 -47.84
C THR B 202 -11.24 12.20 -47.03
N LYS B 203 -10.89 11.14 -46.30
CA LYS B 203 -9.67 11.17 -45.48
C LYS B 203 -8.42 11.27 -46.35
N LYS B 204 -8.50 10.82 -47.61
CA LYS B 204 -7.35 10.90 -48.50
C LYS B 204 -6.92 12.36 -48.70
N ASN B 205 -7.89 13.27 -48.85
CA ASN B 205 -7.56 14.66 -49.10
C ASN B 205 -7.04 15.36 -47.85
N SER B 206 -7.60 15.02 -46.68
CA SER B 206 -7.26 15.70 -45.44
C SER B 206 -5.86 15.28 -45.00
N ASN B 207 -4.88 16.14 -45.24
CA ASN B 207 -3.49 15.90 -44.85
C ASN B 207 -3.17 16.68 -43.57
N ASN B 208 -3.72 16.19 -42.46
CA ASN B 208 -3.54 16.85 -41.18
C ASN B 208 -2.89 15.96 -40.11
N LEU B 209 -3.41 14.75 -39.91
CA LEU B 209 -2.95 13.94 -38.79
C LEU B 209 -1.60 13.29 -39.04
N ILE B 210 -1.31 12.88 -40.28
CA ILE B 210 -0.02 12.29 -40.59
C ILE B 210 1.09 13.32 -40.40
N ILE B 211 0.79 14.59 -40.66
CA ILE B 211 1.77 15.65 -40.42
C ILE B 211 2.12 15.71 -38.93
N LYS B 212 1.10 15.65 -38.07
CA LYS B 212 1.36 15.64 -36.63
C LYS B 212 2.15 14.40 -36.22
N TYR B 213 1.81 13.24 -36.77
CA TYR B 213 2.51 12.00 -36.44
C TYR B 213 3.99 12.10 -36.80
N ILE B 214 4.28 12.51 -38.04
CA ILE B 214 5.67 12.58 -38.47
C ILE B 214 6.40 13.69 -37.74
N SER B 215 5.70 14.76 -37.35
CA SER B 215 6.36 15.81 -36.57
C SER B 215 6.76 15.29 -35.20
N CYS B 216 5.87 14.55 -34.53
CA CYS B 216 6.22 13.99 -33.22
C CYS B 216 7.36 12.99 -33.34
N ARG B 217 7.31 12.12 -34.37
CA ARG B 217 8.39 11.16 -34.56
C ARG B 217 9.71 11.86 -34.87
N LEU B 218 9.66 12.92 -35.68
CA LEU B 218 10.88 13.65 -36.02
C LEU B 218 11.48 14.33 -34.79
N LEU B 219 10.64 14.94 -33.95
CA LEU B 219 11.18 15.61 -32.78
C LEU B 219 11.71 14.61 -31.76
N THR B 220 11.06 13.45 -31.64
CA THR B 220 11.61 12.40 -30.78
C THR B 220 12.95 11.89 -31.32
N LEU B 221 13.06 11.76 -32.63
CA LEU B 221 14.34 11.37 -33.22
C LEU B 221 15.42 12.42 -32.96
N ILE B 222 15.05 13.70 -33.04
CA ILE B 222 16.01 14.77 -32.77
C ILE B 222 16.46 14.72 -31.32
N ILE B 223 15.52 14.51 -30.39
CA ILE B 223 15.89 14.40 -28.97
C ILE B 223 16.80 13.21 -28.74
N ILE B 224 16.49 12.07 -29.36
CA ILE B 224 17.34 10.89 -29.22
C ILE B 224 18.73 11.18 -29.76
N LEU B 225 18.82 11.85 -30.91
CA LEU B 225 20.12 12.16 -31.50
C LEU B 225 20.93 13.09 -30.62
N LEU B 226 20.29 14.11 -30.05
CA LEU B 226 21.05 15.04 -29.19
C LEU B 226 21.46 14.36 -27.89
N ALA B 227 20.62 13.47 -27.36
CA ALA B 227 21.01 12.71 -26.18
C ALA B 227 22.18 11.80 -26.50
N CYS B 228 22.18 11.18 -27.68
CA CYS B 228 23.31 10.37 -28.11
C CYS B 228 24.59 11.20 -28.19
N ILE B 229 24.49 12.40 -28.76
CA ILE B 229 25.66 13.26 -28.87
C ILE B 229 26.18 13.62 -27.48
N TYR B 230 25.28 14.01 -26.58
CA TYR B 230 25.70 14.39 -25.23
C TYR B 230 26.35 13.23 -24.50
N LEU B 231 25.76 12.04 -24.58
CA LEU B 231 26.31 10.90 -23.85
C LEU B 231 27.63 10.44 -24.44
N GLY B 232 27.76 10.51 -25.77
CA GLY B 232 29.03 10.17 -26.39
C GLY B 232 30.12 11.15 -26.02
N TYR B 233 29.77 12.43 -25.87
CA TYR B 233 30.76 13.40 -25.42
C TYR B 233 31.12 13.20 -23.95
N TYR B 234 30.13 12.90 -23.12
CA TYR B 234 30.38 12.70 -21.70
C TYR B 234 31.24 11.47 -21.46
N PHE B 235 30.97 10.38 -22.19
CA PHE B 235 31.77 9.17 -22.00
C PHE B 235 33.20 9.36 -22.46
N SER B 236 33.43 10.27 -23.41
CA SER B 236 34.78 10.48 -23.94
C SER B 236 35.67 11.25 -23.00
N LEU B 237 35.24 11.52 -21.77
CA LEU B 237 36.07 12.26 -20.84
C LEU B 237 37.28 11.42 -20.41
N SER B 238 38.30 12.11 -19.90
CA SER B 238 39.61 11.50 -19.69
C SER B 238 39.61 10.42 -18.62
N SER B 239 38.54 10.30 -17.83
CA SER B 239 38.42 9.39 -16.69
C SER B 239 39.34 9.79 -15.55
N LEU B 240 40.20 10.77 -15.73
CA LEU B 240 40.91 11.42 -14.64
C LEU B 240 40.32 12.78 -14.29
N SER B 241 39.25 13.19 -14.97
CA SER B 241 38.54 14.42 -14.63
C SER B 241 37.76 14.29 -13.34
N ASP B 242 37.63 13.08 -12.78
CA ASP B 242 36.93 12.91 -11.52
C ASP B 242 37.73 13.42 -10.34
N GLU B 243 38.99 13.78 -10.52
CA GLU B 243 39.81 14.34 -9.46
C GLU B 243 40.25 15.75 -9.83
N PHE B 244 40.38 16.59 -8.81
CA PHE B 244 40.74 17.99 -9.00
C PHE B 244 41.39 18.50 -7.73
N VAL B 245 41.78 19.78 -7.75
CA VAL B 245 42.47 20.42 -6.65
C VAL B 245 41.62 21.61 -6.22
N CYS B 246 41.06 21.55 -5.02
CA CYS B 246 40.21 22.58 -4.48
C CYS B 246 41.00 23.43 -3.49
N SER B 247 40.35 24.44 -2.93
CA SER B 247 41.01 25.34 -1.99
C SER B 247 39.96 26.07 -1.17
N ILE B 248 40.05 25.98 0.15
CA ILE B 248 39.16 26.73 1.03
C ILE B 248 39.91 27.97 1.53
N LYS B 249 39.85 29.05 0.76
CA LYS B 249 40.54 30.28 1.11
C LYS B 249 39.69 31.49 0.78
N SER B 250 38.41 31.44 1.13
CA SER B 250 37.49 32.54 0.88
C SER B 250 37.12 33.21 2.19
N GLY B 251 37.21 34.53 2.22
CA GLY B 251 36.85 35.29 3.40
C GLY B 251 37.93 35.29 4.45
N ILE B 252 37.54 35.08 5.72
CA ILE B 252 38.49 35.11 6.83
C ILE B 252 39.48 33.96 6.79
N LEU B 253 39.24 32.95 5.96
CA LEU B 253 40.18 31.84 5.84
C LEU B 253 41.37 32.15 4.95
N ARG B 254 41.37 33.30 4.27
CA ARG B 254 42.42 33.60 3.31
C ARG B 254 43.73 33.95 4.00
N ASN B 255 43.68 34.46 5.23
CA ASN B 255 44.87 34.99 5.87
C ASN B 255 45.55 34.02 6.82
N ASP B 256 44.80 33.11 7.44
CA ASP B 256 45.42 32.21 8.41
C ASP B 256 46.28 31.16 7.72
N SER B 257 47.24 30.62 8.47
CA SER B 257 48.20 29.66 7.95
C SER B 257 48.00 28.27 8.51
N THR B 258 46.91 28.03 9.24
CA THR B 258 46.66 26.70 9.79
C THR B 258 46.00 25.76 8.79
N VAL B 259 45.65 26.24 7.60
CA VAL B 259 45.01 25.41 6.58
C VAL B 259 45.96 25.27 5.39
N PRO B 260 46.06 24.11 4.77
CA PRO B 260 46.85 23.99 3.55
C PRO B 260 46.21 24.76 2.41
N ASP B 261 47.06 25.22 1.48
CA ASP B 261 46.57 26.06 0.39
C ASP B 261 45.58 25.30 -0.49
N GLN B 262 45.86 24.03 -0.77
CA GLN B 262 45.05 23.27 -1.72
C GLN B 262 44.79 21.87 -1.18
N PHE B 263 43.63 21.34 -1.53
CA PHE B 263 43.20 20.00 -1.14
C PHE B 263 42.97 19.16 -2.38
N GLN B 264 43.39 17.89 -2.31
CA GLN B 264 43.19 16.96 -3.42
C GLN B 264 41.84 16.29 -3.24
N CYS B 265 40.91 16.56 -4.16
CA CYS B 265 39.57 16.02 -4.10
C CYS B 265 39.35 15.05 -5.25
N LYS B 266 38.48 14.07 -5.02
CA LYS B 266 38.10 13.10 -6.03
C LYS B 266 36.59 12.98 -6.06
N LEU B 267 36.02 13.01 -7.26
CA LEU B 267 34.59 12.84 -7.45
C LEU B 267 34.31 11.35 -7.59
N ILE B 268 33.79 10.74 -6.52
CA ILE B 268 33.44 9.32 -6.59
C ILE B 268 32.20 9.15 -7.47
N ALA B 269 31.95 7.90 -7.85
CA ALA B 269 30.79 7.54 -8.66
C ALA B 269 30.81 8.24 -10.02
N VAL B 270 31.99 8.28 -10.64
CA VAL B 270 32.14 8.77 -12.00
C VAL B 270 32.33 7.63 -12.99
N GLY B 271 33.09 6.60 -12.61
CA GLY B 271 33.19 5.42 -13.45
C GLY B 271 31.84 4.74 -13.64
N ILE B 272 31.03 4.70 -12.58
CA ILE B 272 29.67 4.19 -12.71
C ILE B 272 28.86 5.08 -13.66
N PHE B 273 29.04 6.39 -13.54
CA PHE B 273 28.35 7.32 -14.43
C PHE B 273 28.75 7.10 -15.88
N GLN B 274 30.04 6.89 -16.13
CA GLN B 274 30.49 6.66 -17.51
C GLN B 274 29.99 5.32 -18.05
N LEU B 275 29.92 4.30 -17.19
CA LEU B 275 29.35 3.02 -17.60
C LEU B 275 27.88 3.18 -17.99
N LEU B 276 27.11 3.88 -17.17
CA LEU B 276 25.71 4.11 -17.49
C LEU B 276 25.58 4.94 -18.76
N SER B 277 26.46 5.92 -18.95
CA SER B 277 26.41 6.73 -20.16
C SER B 277 26.67 5.89 -21.40
N VAL B 278 27.65 4.99 -21.35
CA VAL B 278 27.93 4.16 -22.53
C VAL B 278 26.79 3.18 -22.78
N ILE B 279 26.16 2.67 -21.71
CA ILE B 279 25.02 1.77 -21.90
C ILE B 279 23.88 2.51 -22.58
N ASN B 280 23.55 3.71 -22.09
CA ASN B 280 22.49 4.50 -22.67
C ASN B 280 22.80 4.88 -24.11
N LEU B 281 24.06 5.25 -24.39
CA LEU B 281 24.43 5.63 -25.75
C LEU B 281 24.29 4.45 -26.70
N VAL B 282 24.73 3.26 -26.30
CA VAL B 282 24.65 2.12 -27.21
C VAL B 282 23.20 1.72 -27.43
N VAL B 283 22.37 1.79 -26.39
CA VAL B 283 20.96 1.44 -26.56
C VAL B 283 20.25 2.44 -27.47
N TYR B 284 20.52 3.74 -27.28
CA TYR B 284 19.89 4.74 -28.14
C TYR B 284 20.40 4.65 -29.57
N VAL B 285 21.67 4.28 -29.76
CA VAL B 285 22.19 4.08 -31.10
C VAL B 285 21.48 2.91 -31.78
N LEU B 286 21.24 1.83 -31.03
CA LEU B 286 20.46 0.73 -31.59
C LEU B 286 19.04 1.16 -31.91
N LEU B 287 18.44 2.00 -31.05
CA LEU B 287 17.04 2.36 -31.17
C LEU B 287 16.77 3.37 -32.29
N ALA B 288 17.75 4.23 -32.61
CA ALA B 288 17.51 5.28 -33.60
C ALA B 288 17.06 4.77 -34.96
N PRO B 289 17.64 3.70 -35.53
CA PRO B 289 17.12 3.20 -36.82
C PRO B 289 15.66 2.79 -36.76
N VAL B 290 15.17 2.35 -35.60
CA VAL B 290 13.76 1.98 -35.48
C VAL B 290 12.88 3.20 -35.73
N VAL B 291 13.21 4.33 -35.09
CA VAL B 291 12.44 5.56 -35.31
C VAL B 291 12.62 6.05 -36.74
N VAL B 292 13.82 5.89 -37.29
CA VAL B 292 14.07 6.32 -38.68
C VAL B 292 13.15 5.55 -39.63
N TYR B 293 13.05 4.24 -39.45
CA TYR B 293 12.14 3.45 -40.26
C TYR B 293 10.68 3.83 -39.99
N THR B 294 10.34 4.09 -38.73
CA THR B 294 8.98 4.48 -38.38
C THR B 294 8.58 5.78 -39.09
N LEU B 295 9.56 6.64 -39.38
CA LEU B 295 9.26 7.89 -40.07
C LEU B 295 8.59 7.65 -41.42
N PHE B 296 8.93 6.55 -42.08
CA PHE B 296 8.38 6.22 -43.39
C PHE B 296 7.02 5.55 -43.20
N VAL B 297 5.99 6.38 -42.98
CA VAL B 297 4.65 5.85 -42.75
C VAL B 297 4.11 5.08 -43.95
N PRO B 298 4.14 5.60 -45.18
CA PRO B 298 3.56 4.84 -46.30
C PRO B 298 4.18 3.48 -46.53
N PHE B 299 5.49 3.34 -46.30
CA PHE B 299 6.14 2.05 -46.55
C PHE B 299 5.75 1.01 -45.52
N ARG B 300 5.34 1.44 -44.32
CA ARG B 300 4.98 0.49 -43.27
C ARG B 300 3.73 -0.30 -43.64
N GLN B 301 2.75 0.35 -44.27
CA GLN B 301 1.46 -0.29 -44.51
C GLN B 301 1.60 -1.39 -45.55
N LYS B 302 1.05 -2.56 -45.24
CA LYS B 302 0.90 -3.65 -46.21
C LYS B 302 -0.53 -3.60 -46.72
N THR B 303 -0.71 -3.15 -47.96
CA THR B 303 -2.03 -2.90 -48.52
C THR B 303 -2.70 -4.24 -48.85
N ASP B 304 -3.11 -4.93 -47.79
CA ASP B 304 -3.83 -6.19 -47.94
C ASP B 304 -5.02 -6.33 -46.99
N VAL B 305 -5.26 -5.36 -46.11
CA VAL B 305 -6.36 -5.45 -45.16
C VAL B 305 -7.71 -5.12 -45.79
N LEU B 306 -7.72 -4.48 -46.96
CA LEU B 306 -8.95 -4.14 -47.65
C LEU B 306 -9.24 -5.00 -48.86
N LYS B 307 -8.20 -5.59 -49.47
CA LYS B 307 -8.43 -6.44 -50.64
C LYS B 307 -9.21 -7.69 -50.27
N VAL B 308 -9.16 -8.11 -49.00
CA VAL B 308 -9.99 -9.23 -48.55
C VAL B 308 -11.45 -8.82 -48.53
N TYR B 309 -11.74 -7.59 -48.12
CA TYR B 309 -13.13 -7.13 -48.06
C TYR B 309 -13.75 -6.91 -49.43
N GLU B 310 -12.93 -6.79 -50.48
CA GLU B 310 -13.45 -6.56 -51.82
C GLU B 310 -14.21 -7.75 -52.37
N ILE B 311 -14.06 -8.93 -51.77
CA ILE B 311 -14.86 -10.09 -52.19
C ILE B 311 -16.33 -9.85 -51.94
N LEU B 312 -16.65 -9.13 -50.86
CA LEU B 312 -18.04 -8.86 -50.53
C LEU B 312 -18.69 -8.02 -51.63
N PRO B 313 -19.92 -8.34 -52.03
CA PRO B 313 -20.57 -7.57 -53.10
C PRO B 313 -21.05 -6.20 -52.64
N THR B 314 -21.57 -6.13 -51.41
CA THR B 314 -22.07 -4.86 -50.90
C THR B 314 -20.95 -3.84 -50.74
N PHE B 315 -19.78 -4.28 -50.26
CA PHE B 315 -18.65 -3.38 -50.10
C PHE B 315 -18.14 -2.91 -51.46
N ASP B 316 -17.67 -1.66 -51.48
CA ASP B 316 -17.20 -1.06 -52.73
C ASP B 316 -15.93 -1.78 -53.21
N VAL B 317 -16.01 -2.36 -54.40
CA VAL B 317 -14.87 -3.10 -54.94
C VAL B 317 -13.75 -2.12 -55.31
N LEU B 318 -12.55 -2.68 -55.47
CA LEU B 318 -11.35 -1.92 -55.82
C LEU B 318 -11.08 -0.82 -54.79
N HIS B 319 -10.85 -1.25 -53.56
CA HIS B 319 -10.57 -0.32 -52.48
C HIS B 319 -9.21 0.34 -52.67
N PHE B 320 -9.12 1.61 -52.29
CA PHE B 320 -7.89 2.36 -52.42
C PHE B 320 -6.84 1.87 -51.43
N LYS B 321 -5.58 1.98 -51.83
CA LYS B 321 -4.47 1.56 -50.99
C LYS B 321 -4.06 2.72 -50.07
N SER B 322 -2.95 2.56 -49.36
CA SER B 322 -2.49 3.55 -48.40
C SER B 322 -1.49 4.55 -48.97
N GLU B 323 -1.07 4.37 -50.21
CA GLU B 323 -0.06 5.26 -50.79
C GLU B 323 -0.62 6.66 -50.99
N GLY B 324 0.26 7.65 -50.93
CA GLY B 324 -0.14 9.03 -51.13
C GLY B 324 0.40 9.99 -50.08
N TYR B 325 0.85 9.45 -48.95
CA TYR B 325 1.39 10.24 -47.84
C TYR B 325 0.33 11.24 -47.32
N ASN B 326 -0.79 10.68 -46.89
CA ASN B 326 -1.89 11.46 -46.34
C ASN B 326 -2.35 10.88 -45.01
N ASP B 327 -3.45 11.39 -44.46
CA ASP B 327 -4.02 10.79 -43.26
C ASP B 327 -4.58 9.40 -43.54
N LEU B 328 -4.84 9.08 -44.81
CA LEU B 328 -5.31 7.75 -45.17
C LEU B 328 -4.26 6.69 -44.82
N SER B 329 -2.98 7.01 -45.02
CA SER B 329 -1.91 6.07 -44.65
C SER B 329 -1.90 5.84 -43.14
N LEU B 330 -2.05 6.89 -42.34
CA LEU B 330 -2.08 6.73 -40.89
C LEU B 330 -3.29 5.92 -40.46
N TYR B 331 -4.44 6.15 -41.08
CA TYR B 331 -5.64 5.39 -40.72
C TYR B 331 -5.49 3.93 -41.12
N ASN B 332 -4.83 3.65 -42.26
CA ASN B 332 -4.53 2.27 -42.62
C ASN B 332 -3.61 1.62 -41.60
N LEU B 333 -2.57 2.36 -41.16
CA LEU B 333 -1.66 1.82 -40.16
C LEU B 333 -2.38 1.49 -38.86
N PHE B 334 -3.28 2.38 -38.43
CA PHE B 334 -4.06 2.12 -37.22
C PHE B 334 -5.06 1.00 -37.43
N LEU B 335 -5.51 0.79 -38.68
CA LEU B 335 -6.47 -0.26 -38.96
C LEU B 335 -5.81 -1.64 -38.89
N GLU B 336 -4.64 -1.79 -39.50
CA GLU B 336 -4.01 -3.12 -39.57
C GLU B 336 -3.79 -3.71 -38.18
N GLU B 337 -3.59 -2.88 -37.17
CA GLU B 337 -3.44 -3.38 -35.81
C GLU B 337 -4.76 -3.80 -35.20
N ASN B 338 -5.86 -3.10 -35.52
CA ASN B 338 -7.13 -3.30 -34.84
C ASN B 338 -8.11 -4.17 -35.62
N ILE B 339 -7.91 -4.35 -36.94
CA ILE B 339 -8.83 -5.16 -37.72
C ILE B 339 -8.80 -6.62 -37.25
N SER B 340 -7.67 -7.08 -36.72
CA SER B 340 -7.58 -8.45 -36.25
C SER B 340 -8.54 -8.71 -35.08
N GLU B 341 -9.04 -7.65 -34.44
CA GLU B 341 -9.97 -7.78 -33.33
C GLU B 341 -11.43 -7.75 -33.78
N VAL B 342 -11.68 -7.69 -35.09
CA VAL B 342 -13.02 -7.66 -35.65
C VAL B 342 -13.44 -9.09 -35.96
N LYS B 343 -14.64 -9.46 -35.51
CA LYS B 343 -15.13 -10.82 -35.71
C LYS B 343 -15.33 -11.15 -37.19
N SER B 344 -15.84 -10.19 -37.97
CA SER B 344 -16.11 -10.45 -39.38
C SER B 344 -14.81 -10.65 -40.18
N TYR B 345 -13.70 -10.14 -39.67
CA TYR B 345 -12.45 -10.16 -40.44
C TYR B 345 -12.01 -11.59 -40.75
N LYS B 346 -11.91 -12.43 -39.72
CA LYS B 346 -11.47 -13.80 -39.93
C LYS B 346 -12.54 -14.63 -40.64
N CYS B 347 -13.82 -14.36 -40.35
CA CYS B 347 -14.91 -15.03 -41.04
C CYS B 347 -14.91 -14.73 -42.53
N LEU B 348 -14.34 -13.60 -42.94
CA LEU B 348 -14.17 -13.32 -44.37
C LEU B 348 -12.84 -13.83 -44.90
N LYS B 349 -11.79 -13.84 -44.06
CA LYS B 349 -10.50 -14.36 -44.50
C LYS B 349 -10.57 -15.83 -44.84
N VAL B 350 -11.30 -16.62 -44.04
CA VAL B 350 -11.41 -18.05 -44.32
C VAL B 350 -12.04 -18.27 -45.69
N LEU B 351 -13.12 -17.55 -45.97
CA LEU B 351 -13.80 -17.69 -47.25
C LEU B 351 -12.91 -17.22 -48.40
N GLU B 352 -12.21 -16.10 -48.23
CA GLU B 352 -11.41 -15.57 -49.33
C GLU B 352 -10.22 -16.47 -49.64
N ASN B 353 -9.60 -17.07 -48.61
CA ASN B 353 -8.47 -17.95 -48.90
C ASN B 353 -8.91 -19.30 -49.41
N ILE B 354 -10.09 -19.79 -49.01
CA ILE B 354 -10.52 -21.08 -49.53
C ILE B 354 -11.27 -20.97 -50.84
N LYS B 355 -11.68 -19.77 -51.24
CA LYS B 355 -12.34 -19.59 -52.53
C LYS B 355 -11.33 -19.21 -53.62
N ASP B 362 -18.28 -19.95 -53.66
CA ASP B 362 -18.15 -18.79 -52.77
C ASP B 362 -19.47 -18.42 -52.07
N PRO B 363 -20.58 -18.29 -52.80
CA PRO B 363 -21.85 -17.96 -52.12
C PRO B 363 -22.28 -18.99 -51.09
N MET B 364 -22.02 -20.28 -51.35
CA MET B 364 -22.39 -21.32 -50.40
C MET B 364 -21.62 -21.16 -49.09
N LEU B 365 -20.31 -20.94 -49.17
CA LEU B 365 -19.52 -20.72 -47.96
C LEU B 365 -19.89 -19.42 -47.28
N LEU B 366 -20.24 -18.39 -48.06
CA LEU B 366 -20.68 -17.13 -47.47
C LEU B 366 -21.97 -17.29 -46.68
N LEU B 367 -22.91 -18.07 -47.21
CA LEU B 367 -24.17 -18.32 -46.52
C LEU B 367 -24.05 -19.36 -45.42
N THR B 368 -22.95 -20.15 -45.40
CA THR B 368 -22.77 -21.14 -44.36
C THR B 368 -22.64 -20.48 -42.98
N ASN B 369 -21.90 -19.37 -42.91
CA ASN B 369 -21.73 -18.67 -41.64
C ASN B 369 -22.60 -17.42 -41.59
N LYS C 26 -19.95 12.54 -15.83
CA LYS C 26 -19.42 11.23 -16.21
C LYS C 26 -19.15 11.18 -17.71
N GLY C 27 -17.88 11.03 -18.08
CA GLY C 27 -17.48 10.97 -19.47
C GLY C 27 -17.18 12.30 -20.11
N LEU C 28 -17.43 13.41 -19.42
CA LEU C 28 -17.16 14.74 -19.94
C LEU C 28 -15.82 15.23 -19.40
N ARG C 29 -14.98 15.76 -20.30
CA ARG C 29 -13.69 16.28 -19.87
C ARG C 29 -13.84 17.50 -18.98
N LEU C 30 -14.80 18.38 -19.29
CA LEU C 30 -15.15 19.57 -18.51
C LEU C 30 -13.92 20.46 -18.21
N GLU C 31 -12.83 20.26 -18.94
CA GLU C 31 -11.63 21.07 -18.76
C GLU C 31 -10.79 20.97 -20.03
N LEU C 32 -10.38 22.13 -20.54
CA LEU C 32 -9.65 22.16 -21.80
C LEU C 32 -8.31 21.44 -21.66
N ALA C 33 -7.88 20.81 -22.76
CA ALA C 33 -6.61 20.08 -22.75
C ALA C 33 -5.45 21.04 -22.52
N VAL C 34 -5.48 22.20 -23.15
CA VAL C 34 -4.38 23.17 -23.01
C VAL C 34 -4.28 23.64 -21.56
N ASP C 35 -5.40 23.86 -20.92
CA ASP C 35 -5.39 24.40 -19.54
C ASP C 35 -5.44 23.29 -18.51
N LYS C 36 -5.20 22.06 -18.91
CA LYS C 36 -5.10 20.93 -17.97
C LYS C 36 -3.66 20.52 -18.11
N MET C 37 -3.06 20.84 -19.26
CA MET C 37 -1.62 20.66 -19.41
C MET C 37 -0.86 21.78 -18.71
N VAL C 38 -1.34 23.02 -18.84
CA VAL C 38 -0.67 24.15 -18.21
C VAL C 38 -0.67 23.99 -16.70
N THR C 39 -1.83 23.65 -16.13
CA THR C 39 -1.92 23.45 -14.69
C THR C 39 -1.02 22.29 -14.24
N CYS C 40 -1.03 21.19 -14.99
CA CYS C 40 -0.22 20.04 -14.62
C CYS C 40 1.25 20.39 -14.60
N ILE C 41 1.73 21.08 -15.65
CA ILE C 41 3.15 21.46 -15.69
C ILE C 41 3.47 22.43 -14.56
N ALA C 42 2.68 23.50 -14.44
CA ALA C 42 3.00 24.55 -13.49
C ALA C 42 2.90 24.10 -12.04
N VAL C 43 2.15 23.03 -11.77
CA VAL C 43 2.11 22.51 -10.40
C VAL C 43 3.13 21.41 -10.18
N GLY C 44 3.30 20.50 -11.14
CA GLY C 44 4.23 19.41 -10.97
C GLY C 44 5.68 19.83 -10.94
N LEU C 45 6.04 20.81 -11.77
CA LEU C 45 7.46 21.17 -11.87
C LEU C 45 8.04 21.69 -10.56
N PRO C 46 7.41 22.63 -9.85
CA PRO C 46 7.96 22.99 -8.52
C PRO C 46 8.03 21.82 -7.55
N LEU C 47 7.04 20.92 -7.58
CA LEU C 47 7.11 19.74 -6.73
C LEU C 47 8.29 18.86 -7.11
N LEU C 48 8.51 18.66 -8.43
CA LEU C 48 9.63 17.85 -8.88
C LEU C 48 10.96 18.48 -8.45
N LEU C 49 11.08 19.80 -8.61
CA LEU C 49 12.30 20.48 -8.20
C LEU C 49 12.52 20.39 -6.70
N ILE C 50 11.46 20.52 -5.91
CA ILE C 50 11.58 20.39 -4.47
C ILE C 50 12.04 18.99 -4.09
N SER C 51 11.47 17.96 -4.73
CA SER C 51 11.85 16.59 -4.42
C SER C 51 13.27 16.30 -4.86
N LEU C 52 13.73 16.92 -5.94
CA LEU C 52 15.09 16.68 -6.42
C LEU C 52 16.13 17.49 -5.67
N ALA C 53 15.75 18.62 -5.07
CA ALA C 53 16.73 19.49 -4.42
C ALA C 53 17.42 18.80 -3.26
N PHE C 54 16.67 18.08 -2.44
CA PHE C 54 17.22 17.40 -1.27
C PHE C 54 16.86 15.92 -1.31
N ALA C 55 17.07 15.29 -2.47
CA ALA C 55 16.98 13.86 -2.59
C ALA C 55 18.34 13.24 -2.29
N GLN C 56 18.37 12.28 -1.36
CA GLN C 56 19.62 11.68 -0.93
C GLN C 56 20.33 10.92 -2.05
N GLU C 57 19.66 10.73 -3.19
CA GLU C 57 20.30 10.11 -4.34
C GLU C 57 21.48 10.93 -4.84
N ILE C 58 21.43 12.26 -4.70
CA ILE C 58 22.47 13.11 -5.24
C ILE C 58 22.93 14.15 -4.21
N SER C 59 22.18 14.30 -3.12
CA SER C 59 22.43 15.40 -2.19
C SER C 59 23.62 15.10 -1.28
N ILE C 60 23.96 16.08 -0.46
CA ILE C 60 25.05 15.98 0.50
C ILE C 60 24.43 16.01 1.91
N GLY C 61 25.25 15.88 2.94
CA GLY C 61 24.76 15.77 4.30
C GLY C 61 23.88 16.90 4.78
N THR C 62 24.43 18.10 4.92
CA THR C 62 23.71 19.23 5.49
C THR C 62 23.71 20.40 4.51
N GLN C 63 23.09 21.50 4.94
CA GLN C 63 22.99 22.70 4.13
C GLN C 63 23.90 23.83 4.61
N ILE C 64 24.51 23.69 5.78
CA ILE C 64 25.48 24.67 6.27
C ILE C 64 26.69 23.93 6.83
N SER C 65 27.85 24.54 6.67
CA SER C 65 29.10 23.98 7.22
C SER C 65 30.00 25.14 7.63
N CYS C 66 30.37 25.18 8.90
CA CYS C 66 31.20 26.23 9.44
C CYS C 66 32.55 25.67 9.88
N PHE C 67 33.61 26.43 9.63
CA PHE C 67 34.97 26.01 9.94
C PHE C 67 35.33 26.47 11.34
N SER C 68 35.38 25.52 12.27
CA SER C 68 35.72 25.72 13.67
C SER C 68 37.13 25.22 13.95
N PRO C 69 37.83 25.82 14.91
CA PRO C 69 39.22 25.43 15.17
C PRO C 69 39.35 23.97 15.57
N SER C 70 40.55 23.44 15.39
CA SER C 70 40.80 22.02 15.66
C SER C 70 40.64 21.70 17.14
N SER C 71 40.86 22.67 18.02
CA SER C 71 40.70 22.44 19.46
C SER C 71 39.24 22.19 19.84
N PHE C 72 38.30 22.65 19.02
CA PHE C 72 36.89 22.40 19.30
C PHE C 72 36.59 20.91 19.24
N SER C 73 35.71 20.47 20.13
CA SER C 73 35.24 19.09 20.10
C SER C 73 34.19 18.94 19.00
N ARG C 74 33.63 17.73 18.89
CA ARG C 74 32.60 17.50 17.88
C ARG C 74 31.23 17.99 18.31
N ASP C 75 31.07 18.40 19.58
CA ASP C 75 29.83 19.01 20.04
C ASP C 75 29.88 20.54 20.03
N GLN C 76 31.08 21.12 20.11
CA GLN C 76 31.21 22.56 19.93
C GLN C 76 31.12 22.94 18.46
N ALA C 77 31.69 22.11 17.57
CA ALA C 77 31.53 22.35 16.14
C ALA C 77 30.09 22.19 15.70
N ALA C 78 29.38 21.19 16.25
CA ALA C 78 27.96 21.04 15.95
C ALA C 78 27.18 22.24 16.47
N PHE C 79 27.55 22.75 17.65
CA PHE C 79 26.89 23.95 18.15
C PHE C 79 27.14 25.14 17.25
N VAL C 80 28.36 25.27 16.73
CA VAL C 80 28.66 26.39 15.84
C VAL C 80 27.84 26.28 14.57
N ASP C 81 27.75 25.08 14.00
CA ASP C 81 26.95 24.88 12.80
C ASP C 81 25.48 25.24 13.06
N SER C 82 24.92 24.71 14.15
CA SER C 82 23.51 24.96 14.45
C SER C 82 23.24 26.42 14.74
N TYR C 83 24.12 27.05 15.53
CA TYR C 83 23.95 28.47 15.86
C TYR C 83 24.01 29.33 14.61
N CYS C 84 24.98 29.07 13.73
CA CYS C 84 25.13 29.91 12.54
C CYS C 84 24.08 29.61 11.48
N TRP C 85 23.46 28.42 11.53
CA TRP C 85 22.32 28.15 10.68
C TRP C 85 21.06 28.84 11.20
N ALA C 86 20.90 28.88 12.53
CA ALA C 86 19.72 29.52 13.11
C ALA C 86 19.82 31.03 13.06
N ALA C 87 21.01 31.59 13.26
CA ALA C 87 21.25 33.02 13.27
C ALA C 87 21.43 33.60 11.88
N VAL C 88 21.00 32.87 10.85
CA VAL C 88 21.00 33.42 9.51
C VAL C 88 19.80 34.35 9.32
N GLN C 89 18.81 34.28 10.21
CA GLN C 89 17.72 35.25 10.21
C GLN C 89 18.19 36.60 10.72
N GLN C 90 18.94 36.61 11.81
CA GLN C 90 19.37 37.84 12.48
C GLN C 90 20.67 38.34 11.87
N LYS C 91 20.67 39.59 11.44
CA LYS C 91 21.84 40.20 10.79
C LYS C 91 22.76 40.92 11.77
N ASN C 92 22.44 40.91 13.07
CA ASN C 92 23.31 41.55 14.05
C ASN C 92 24.53 40.72 14.39
N SER C 93 24.53 39.43 14.04
CA SER C 93 25.66 38.55 14.31
C SER C 93 26.52 38.33 13.08
N LEU C 94 25.93 37.85 11.99
CA LEU C 94 26.68 37.55 10.78
C LEU C 94 27.18 38.84 10.12
N GLN C 95 28.29 38.71 9.38
CA GLN C 95 28.87 39.81 8.62
C GLN C 95 29.06 39.33 7.19
N SER C 96 28.01 39.44 6.37
CA SER C 96 28.05 39.04 4.98
C SER C 96 28.36 40.25 4.09
N GLU C 97 28.53 39.99 2.80
CA GLU C 97 28.86 41.03 1.84
C GLU C 97 27.69 41.44 0.95
N SER C 98 26.74 40.54 0.71
CA SER C 98 25.59 40.82 -0.14
C SER C 98 24.31 41.07 0.66
N GLY C 99 24.42 41.24 1.97
CA GLY C 99 23.27 41.45 2.83
C GLY C 99 22.64 40.16 3.29
N ASN C 100 21.69 40.30 4.21
CA ASN C 100 21.02 39.14 4.80
C ASN C 100 19.88 38.62 3.94
N LEU C 101 19.41 39.41 2.97
CA LEU C 101 18.35 38.93 2.08
C LEU C 101 18.75 37.70 1.28
N PRO C 102 19.92 37.65 0.65
CA PRO C 102 20.30 36.39 -0.04
C PRO C 102 20.35 35.19 0.88
N LEU C 103 20.81 35.37 2.13
CA LEU C 103 20.84 34.25 3.06
C LEU C 103 19.43 33.81 3.44
N TRP C 104 18.54 34.77 3.63
CA TRP C 104 17.13 34.46 3.86
C TRP C 104 16.58 33.61 2.72
N LEU C 105 16.87 34.02 1.49
CA LEU C 105 16.40 33.26 0.34
C LEU C 105 17.01 31.86 0.31
N HIS C 106 18.30 31.74 0.63
CA HIS C 106 18.98 30.46 0.58
C HIS C 106 18.38 29.49 1.58
N LYS C 107 18.02 29.97 2.78
CA LYS C 107 17.48 29.07 3.78
C LYS C 107 16.09 28.57 3.42
N PHE C 108 15.26 29.42 2.80
CA PHE C 108 13.84 29.13 2.61
C PHE C 108 13.45 28.98 1.15
N PHE C 109 14.37 28.48 0.32
CA PHE C 109 14.04 28.28 -1.09
C PHE C 109 12.96 27.22 -1.29
N PRO C 110 13.04 26.02 -0.71
CA PRO C 110 11.95 25.04 -0.92
C PRO C 110 10.60 25.52 -0.44
N TYR C 111 10.56 26.29 0.66
CA TYR C 111 9.28 26.80 1.15
C TYR C 111 8.65 27.75 0.14
N ILE C 112 9.46 28.61 -0.47
CA ILE C 112 8.95 29.53 -1.48
C ILE C 112 8.48 28.76 -2.70
N LEU C 113 9.22 27.73 -3.10
CA LEU C 113 8.79 26.91 -4.23
C LEU C 113 7.45 26.24 -3.96
N LEU C 114 7.29 25.70 -2.75
CA LEU C 114 6.02 25.06 -2.38
C LEU C 114 4.89 26.07 -2.33
N LEU C 115 5.15 27.27 -1.82
CA LEU C 115 4.14 28.31 -1.80
C LEU C 115 3.70 28.68 -3.22
N PHE C 116 4.66 28.79 -4.14
CA PHE C 116 4.31 29.06 -5.52
C PHE C 116 3.49 27.94 -6.12
N ALA C 117 3.85 26.69 -5.82
CA ALA C 117 3.09 25.56 -6.34
C ALA C 117 1.65 25.58 -5.85
N ILE C 118 1.46 25.88 -4.57
CA ILE C 118 0.10 25.93 -4.02
C ILE C 118 -0.68 27.11 -4.61
N LEU C 119 -0.02 28.25 -4.81
CA LEU C 119 -0.69 29.39 -5.42
C LEU C 119 -1.10 29.10 -6.87
N LEU C 120 -0.31 28.30 -7.59
CA LEU C 120 -0.72 27.88 -8.92
C LEU C 120 -1.88 26.88 -8.85
N TYR C 121 -1.85 25.97 -7.87
CA TYR C 121 -2.84 24.90 -7.83
C TYR C 121 -4.20 25.37 -7.36
N LEU C 122 -4.25 26.45 -6.57
CA LEU C 122 -5.53 26.89 -6.02
C LEU C 122 -6.56 27.28 -7.07
N PRO C 123 -6.26 28.09 -8.09
CA PRO C 123 -7.30 28.52 -9.05
C PRO C 123 -7.95 27.35 -9.76
N PRO C 124 -7.22 26.28 -10.13
CA PRO C 124 -7.94 25.09 -10.63
C PRO C 124 -8.94 24.53 -9.64
N LEU C 125 -8.62 24.52 -8.35
CA LEU C 125 -9.58 24.05 -7.36
C LEU C 125 -10.79 24.96 -7.28
N PHE C 126 -10.56 26.27 -7.37
CA PHE C 126 -11.69 27.22 -7.38
C PHE C 126 -12.59 26.95 -8.58
N TRP C 127 -11.99 26.84 -9.77
CA TRP C 127 -12.78 26.61 -10.98
C TRP C 127 -13.55 25.30 -10.89
N ARG C 128 -12.91 24.23 -10.40
CA ARG C 128 -13.60 22.96 -10.23
C ARG C 128 -14.77 23.11 -9.28
N PHE C 129 -14.50 23.51 -8.03
CA PHE C 129 -15.52 23.56 -7.00
C PHE C 129 -16.64 24.54 -7.32
N ALA C 130 -16.40 25.51 -8.20
CA ALA C 130 -17.41 26.52 -8.50
C ALA C 130 -18.07 26.36 -9.86
N ALA C 131 -17.56 25.49 -10.74
CA ALA C 131 -18.15 25.37 -12.06
C ALA C 131 -18.21 23.94 -12.57
N ALA C 132 -17.96 22.91 -11.75
CA ALA C 132 -18.09 21.55 -12.26
C ALA C 132 -19.54 21.20 -12.55
N PRO C 133 -20.50 21.35 -11.63
CA PRO C 133 -21.89 21.05 -12.00
C PRO C 133 -22.49 22.10 -12.92
N HIS C 134 -22.11 23.37 -12.74
CA HIS C 134 -22.69 24.44 -13.56
C HIS C 134 -22.35 24.27 -15.03
N ILE C 135 -21.29 23.54 -15.35
CA ILE C 135 -20.93 23.29 -16.74
C ILE C 135 -21.39 21.88 -17.13
N CYS C 136 -21.38 20.96 -16.16
CA CYS C 136 -21.77 19.58 -16.45
C CYS C 136 -23.23 19.48 -16.84
N SER C 137 -24.11 20.14 -16.07
CA SER C 137 -25.54 20.07 -16.34
C SER C 137 -25.86 20.69 -17.70
N ASP C 138 -25.29 21.86 -17.99
CA ASP C 138 -25.55 22.51 -19.26
C ASP C 138 -25.02 21.69 -20.42
N LEU C 139 -23.83 21.11 -20.29
CA LEU C 139 -23.28 20.28 -21.35
C LEU C 139 -24.15 19.06 -21.61
N LYS C 140 -24.58 18.38 -20.54
CA LYS C 140 -25.43 17.21 -20.72
C LYS C 140 -26.76 17.59 -21.36
N PHE C 141 -27.34 18.71 -20.94
CA PHE C 141 -28.62 19.14 -21.52
C PHE C 141 -28.46 19.45 -23.01
N ILE C 142 -27.38 20.13 -23.38
CA ILE C 142 -27.19 20.47 -24.80
C ILE C 142 -26.92 19.21 -25.62
N MET C 143 -26.16 18.26 -25.06
CA MET C 143 -25.92 17.00 -25.77
C MET C 143 -27.22 16.24 -25.98
N GLU C 144 -28.07 16.18 -24.96
CA GLU C 144 -29.35 15.49 -25.09
C GLU C 144 -30.24 16.19 -26.10
N GLU C 145 -30.24 17.52 -26.11
CA GLU C 145 -31.04 18.26 -27.08
C GLU C 145 -30.57 17.97 -28.50
N LEU C 146 -29.26 17.95 -28.73
CA LEU C 146 -28.74 17.63 -30.06
C LEU C 146 -29.08 16.21 -30.47
N ASP C 147 -28.97 15.26 -29.52
CA ASP C 147 -29.34 13.88 -29.83
C ASP C 147 -30.81 13.76 -30.19
N LYS C 148 -31.68 14.46 -29.45
CA LYS C 148 -33.10 14.43 -29.75
C LYS C 148 -33.39 15.04 -31.11
N VAL C 149 -32.72 16.14 -31.45
CA VAL C 149 -32.92 16.76 -32.76
C VAL C 149 -32.51 15.80 -33.87
N TYR C 150 -31.36 15.14 -33.71
CA TYR C 150 -30.92 14.19 -34.72
C TYR C 150 -31.88 13.02 -34.84
N ASN C 151 -32.39 12.52 -33.71
CA ASN C 151 -33.33 11.41 -33.75
C ASN C 151 -34.63 11.81 -34.43
N ARG C 152 -35.12 13.02 -34.14
CA ARG C 152 -36.34 13.51 -34.79
C ARG C 152 -36.14 13.65 -36.29
N ALA C 153 -34.99 14.17 -36.71
CA ALA C 153 -34.70 14.28 -38.14
C ALA C 153 -34.63 12.91 -38.80
N ILE C 154 -34.01 11.94 -38.12
CA ILE C 154 -33.89 10.60 -38.69
C ILE C 154 -35.25 9.93 -38.80
N LYS C 155 -36.11 10.08 -37.79
CA LYS C 155 -37.42 9.45 -37.79
C LYS C 155 -38.47 10.25 -38.54
N ALA C 156 -38.14 11.44 -39.02
CA ALA C 156 -39.08 12.27 -39.78
C ALA C 156 -38.91 12.15 -41.28
N ALA C 157 -37.66 12.10 -41.77
CA ALA C 157 -37.43 11.98 -43.20
C ALA C 157 -37.93 10.65 -43.74
N LYS C 158 -37.74 9.57 -42.98
CA LYS C 158 -38.20 8.25 -43.40
C LYS C 158 -39.71 8.14 -43.32
N PRO C 194 -36.63 24.24 -32.01
CA PRO C 194 -35.27 24.75 -31.86
C PRO C 194 -34.98 25.26 -30.45
N ILE C 195 -35.09 24.37 -29.46
CA ILE C 195 -34.84 24.77 -28.08
C ILE C 195 -33.37 25.13 -27.89
N VAL C 196 -32.47 24.38 -28.51
CA VAL C 196 -31.04 24.59 -28.30
C VAL C 196 -30.60 25.93 -28.88
N GLU C 197 -31.15 26.32 -30.04
CA GLU C 197 -30.79 27.61 -30.62
C GLU C 197 -31.24 28.76 -29.72
N GLN C 198 -32.44 28.67 -29.16
CA GLN C 198 -32.91 29.70 -28.24
C GLN C 198 -32.09 29.71 -26.96
N TYR C 199 -31.65 28.55 -26.49
CA TYR C 199 -30.77 28.51 -25.32
C TYR C 199 -29.44 29.17 -25.62
N LEU C 200 -28.90 28.96 -26.83
CA LEU C 200 -27.68 29.64 -27.22
C LEU C 200 -27.89 31.15 -27.26
N LYS C 201 -29.02 31.60 -27.81
CA LYS C 201 -29.32 33.03 -27.81
C LYS C 201 -29.39 33.58 -26.39
N THR C 202 -29.99 32.83 -25.47
CA THR C 202 -30.03 33.25 -24.08
C THR C 202 -28.63 33.34 -23.48
N LYS C 203 -27.80 32.33 -23.74
CA LYS C 203 -26.44 32.34 -23.20
C LYS C 203 -25.61 33.47 -23.78
N LYS C 204 -25.96 33.95 -24.98
CA LYS C 204 -25.23 35.06 -25.57
C LYS C 204 -25.31 36.31 -24.69
N ASN C 205 -26.46 36.59 -24.11
CA ASN C 205 -26.61 37.79 -23.29
C ASN C 205 -25.92 37.64 -21.94
N SER C 206 -25.97 36.45 -21.35
CA SER C 206 -25.43 36.22 -20.00
C SER C 206 -23.91 36.25 -20.06
N ASN C 207 -23.32 37.38 -19.65
CA ASN C 207 -21.87 37.54 -19.60
C ASN C 207 -21.38 37.36 -18.16
N ASN C 208 -21.39 36.10 -17.72
CA ASN C 208 -20.98 35.77 -16.36
C ASN C 208 -19.82 34.80 -16.29
N LEU C 209 -19.90 33.67 -17.00
CA LEU C 209 -18.91 32.61 -16.82
C LEU C 209 -17.59 32.92 -17.51
N ILE C 210 -17.63 33.58 -18.67
CA ILE C 210 -16.39 33.93 -19.36
C ILE C 210 -15.59 34.93 -18.53
N ILE C 211 -16.29 35.80 -17.78
CA ILE C 211 -15.60 36.73 -16.89
C ILE C 211 -14.81 35.96 -15.84
N LYS C 212 -15.44 34.95 -15.23
CA LYS C 212 -14.74 34.12 -14.25
C LYS C 212 -13.56 33.39 -14.88
N TYR C 213 -13.75 32.85 -16.08
CA TYR C 213 -12.68 32.14 -16.77
C TYR C 213 -11.48 33.05 -17.01
N ILE C 214 -11.72 34.23 -17.58
CA ILE C 214 -10.61 35.13 -17.89
C ILE C 214 -10.00 35.68 -16.61
N SER C 215 -10.80 35.83 -15.54
CA SER C 215 -10.23 36.27 -14.27
C SER C 215 -9.28 35.23 -13.71
N CYS C 216 -9.68 33.96 -13.74
CA CYS C 216 -8.80 32.90 -13.25
C CYS C 216 -7.53 32.81 -14.09
N ARG C 217 -7.68 32.88 -15.42
CA ARG C 217 -6.50 32.84 -16.29
C ARG C 217 -5.59 34.03 -16.04
N LEU C 218 -6.18 35.22 -15.85
CA LEU C 218 -5.38 36.42 -15.60
C LEU C 218 -4.62 36.31 -14.29
N LEU C 219 -5.27 35.81 -13.23
CA LEU C 219 -4.57 35.73 -11.95
C LEU C 219 -3.50 34.65 -11.99
N THR C 220 -3.73 33.55 -12.71
CA THR C 220 -2.68 32.55 -12.89
C THR C 220 -1.51 33.12 -13.67
N LEU C 221 -1.79 33.93 -14.70
CA LEU C 221 -0.72 34.60 -15.43
C LEU C 221 0.07 35.55 -14.53
N ILE C 222 -0.63 36.28 -13.66
CA ILE C 222 0.05 37.19 -12.74
C ILE C 222 0.94 36.41 -11.77
N ILE C 223 0.44 35.29 -11.26
CA ILE C 223 1.24 34.47 -10.36
C ILE C 223 2.48 33.93 -11.08
N ILE C 224 2.29 33.46 -12.32
CA ILE C 224 3.42 32.97 -13.11
C ILE C 224 4.44 34.08 -13.33
N LEU C 225 3.96 35.29 -13.64
CA LEU C 225 4.87 36.40 -13.88
C LEU C 225 5.65 36.77 -12.63
N LEU C 226 4.99 36.81 -11.47
CA LEU C 226 5.70 37.16 -10.24
C LEU C 226 6.67 36.06 -9.84
N ALA C 227 6.31 34.79 -10.07
CA ALA C 227 7.26 33.71 -9.82
C ALA C 227 8.47 33.81 -10.74
N CYS C 228 8.24 34.18 -12.00
CA CYS C 228 9.34 34.40 -12.93
C CYS C 228 10.26 35.52 -12.43
N ILE C 229 9.67 36.62 -11.96
CA ILE C 229 10.47 37.74 -11.47
C ILE C 229 11.30 37.29 -10.26
N TYR C 230 10.66 36.58 -9.32
CA TYR C 230 11.37 36.15 -8.13
C TYR C 230 12.51 35.19 -8.48
N LEU C 231 12.27 34.23 -9.36
CA LEU C 231 13.30 33.25 -9.69
C LEU C 231 14.43 33.89 -10.49
N GLY C 232 14.10 34.85 -11.37
CA GLY C 232 15.14 35.56 -12.08
C GLY C 232 16.00 36.40 -11.16
N TYR C 233 15.39 36.98 -10.13
CA TYR C 233 16.17 37.73 -9.16
C TYR C 233 17.03 36.81 -8.29
N TYR C 234 16.47 35.67 -7.89
CA TYR C 234 17.21 34.73 -7.06
C TYR C 234 18.40 34.14 -7.81
N PHE C 235 18.22 33.80 -9.08
CA PHE C 235 19.32 33.24 -9.85
C PHE C 235 20.42 34.25 -10.09
N SER C 236 20.08 35.54 -10.11
CA SER C 236 21.08 36.58 -10.38
C SER C 236 21.99 36.83 -9.21
N LEU C 237 21.92 36.05 -8.14
CA LEU C 237 22.78 36.26 -6.99
C LEU C 237 24.24 35.96 -7.34
N SER C 238 25.15 36.50 -6.53
CA SER C 238 26.57 36.51 -6.86
C SER C 238 27.20 35.13 -6.91
N SER C 239 26.53 34.10 -6.39
CA SER C 239 27.01 32.73 -6.25
C SER C 239 28.12 32.63 -5.20
N LEU C 240 28.57 33.76 -4.66
CA LEU C 240 29.41 33.77 -3.46
C LEU C 240 28.62 34.17 -2.22
N SER C 241 27.32 34.43 -2.36
CA SER C 241 26.46 34.70 -1.22
C SER C 241 26.19 33.46 -0.38
N ASP C 242 26.59 32.28 -0.86
CA ASP C 242 26.40 31.06 -0.08
C ASP C 242 27.37 30.97 1.09
N GLU C 243 28.37 31.84 1.16
CA GLU C 243 29.30 31.86 2.27
C GLU C 243 29.21 33.18 3.02
N PHE C 244 29.42 33.12 4.32
CA PHE C 244 29.33 34.30 5.18
C PHE C 244 30.19 34.09 6.41
N VAL C 245 30.20 35.09 7.28
CA VAL C 245 31.01 35.08 8.50
C VAL C 245 30.06 35.23 9.68
N CYS C 246 29.95 34.17 10.48
CA CYS C 246 29.08 34.14 11.64
C CYS C 246 29.89 34.37 12.91
N SER C 247 29.21 34.40 14.05
CA SER C 247 29.88 34.64 15.31
C SER C 247 29.00 34.16 16.46
N ILE C 248 29.54 33.29 17.30
CA ILE C 248 28.81 32.84 18.49
C ILE C 248 29.31 33.62 19.69
N LYS C 249 28.72 34.78 19.94
CA LYS C 249 29.15 35.65 21.04
C LYS C 249 27.94 36.28 21.71
N SER C 250 26.90 35.49 21.96
CA SER C 250 25.69 35.97 22.61
C SER C 250 25.61 35.41 24.03
N GLY C 251 25.34 36.28 24.99
CA GLY C 251 25.20 35.85 26.36
C GLY C 251 26.52 35.63 27.06
N ILE C 252 26.63 34.53 27.80
CA ILE C 252 27.84 34.23 28.56
C ILE C 252 29.03 33.93 27.68
N LEU C 253 28.82 33.71 26.38
CA LEU C 253 29.93 33.45 25.46
C LEU C 253 30.64 34.72 25.03
N ARG C 254 30.11 35.90 25.38
CA ARG C 254 30.68 37.15 24.89
C ARG C 254 32.00 37.48 25.57
N ASN C 255 32.21 37.01 26.79
CA ASN C 255 33.36 37.43 27.58
C ASN C 255 34.54 36.46 27.51
N ASP C 256 34.31 35.16 27.32
CA ASP C 256 35.42 34.22 27.32
C ASP C 256 36.26 34.35 26.05
N SER C 257 37.51 33.92 26.16
CA SER C 257 38.47 34.04 25.07
C SER C 257 38.85 32.71 24.46
N THR C 258 38.15 31.63 24.83
CA THR C 258 38.46 30.32 24.28
C THR C 258 37.78 30.07 22.93
N VAL C 259 36.96 31.01 22.46
CA VAL C 259 36.27 30.86 21.18
C VAL C 259 36.77 31.93 20.22
N PRO C 260 36.98 31.61 18.95
CA PRO C 260 37.33 32.66 17.98
C PRO C 260 36.17 33.62 17.77
N ASP C 261 36.52 34.86 17.43
CA ASP C 261 35.50 35.89 17.28
C ASP C 261 34.52 35.56 16.16
N GLN C 262 35.02 35.04 15.05
CA GLN C 262 34.19 34.83 13.87
C GLN C 262 34.50 33.47 13.25
N PHE C 263 33.47 32.87 12.67
CA PHE C 263 33.57 31.58 12.00
C PHE C 263 33.18 31.73 10.53
N GLN C 264 33.91 31.05 9.66
CA GLN C 264 33.62 31.07 8.23
C GLN C 264 32.63 29.97 7.92
N CYS C 265 31.43 30.34 7.51
CA CYS C 265 30.37 29.39 7.22
C CYS C 265 30.05 29.41 5.74
N LYS C 266 29.59 28.28 5.22
CA LYS C 266 29.19 28.15 3.84
C LYS C 266 27.83 27.46 3.78
N LEU C 267 26.92 28.02 3.00
CA LEU C 267 25.60 27.43 2.79
C LEU C 267 25.70 26.44 1.64
N ILE C 268 25.74 25.15 1.96
CA ILE C 268 25.78 24.14 0.91
C ILE C 268 24.42 24.07 0.22
N ALA C 269 24.39 23.41 -0.94
CA ALA C 269 23.17 23.22 -1.72
C ALA C 269 22.57 24.54 -2.15
N VAL C 270 23.42 25.46 -2.60
CA VAL C 270 22.98 26.71 -3.20
C VAL C 270 23.15 26.69 -4.72
N GLY C 271 24.23 26.10 -5.22
CA GLY C 271 24.36 25.92 -6.66
C GLY C 271 23.26 25.05 -7.22
N ILE C 272 22.88 24.00 -6.49
CA ILE C 272 21.73 23.19 -6.88
C ILE C 272 20.46 24.04 -6.88
N PHE C 273 20.31 24.89 -5.86
CA PHE C 273 19.14 25.76 -5.79
C PHE C 273 19.10 26.71 -6.97
N GLN C 274 20.25 27.28 -7.35
CA GLN C 274 20.28 28.20 -8.49
C GLN C 274 20.00 27.47 -9.79
N LEU C 275 20.49 26.24 -9.93
CA LEU C 275 20.18 25.45 -11.12
C LEU C 275 18.68 25.19 -11.23
N LEU C 276 18.06 24.78 -10.12
CA LEU C 276 16.62 24.56 -10.13
C LEU C 276 15.86 25.85 -10.42
N SER C 277 16.34 26.96 -9.87
CA SER C 277 15.70 28.25 -10.12
C SER C 277 15.75 28.61 -11.61
N VAL C 278 16.90 28.41 -12.25
CA VAL C 278 16.99 28.74 -13.67
C VAL C 278 16.13 27.80 -14.51
N ILE C 279 16.04 26.53 -14.12
CA ILE C 279 15.18 25.59 -14.84
C ILE C 279 13.73 26.03 -14.75
N ASN C 280 13.29 26.36 -13.53
CA ASN C 280 11.90 26.80 -13.32
C ASN C 280 11.64 28.09 -14.07
N LEU C 281 12.58 29.03 -14.04
CA LEU C 281 12.40 30.31 -14.72
C LEU C 281 12.26 30.10 -16.23
N VAL C 282 13.11 29.26 -16.82
CA VAL C 282 13.04 29.07 -18.27
C VAL C 282 11.76 28.35 -18.65
N VAL C 283 11.32 27.38 -17.84
CA VAL C 283 10.08 26.68 -18.17
C VAL C 283 8.88 27.61 -18.06
N TYR C 284 8.84 28.44 -17.01
CA TYR C 284 7.73 29.37 -16.86
C TYR C 284 7.75 30.44 -17.93
N VAL C 285 8.94 30.85 -18.37
CA VAL C 285 9.04 31.81 -19.48
C VAL C 285 8.47 31.20 -20.76
N LEU C 286 8.79 29.92 -21.01
CA LEU C 286 8.20 29.25 -22.16
C LEU C 286 6.68 29.13 -22.02
N LEU C 287 6.20 28.89 -20.80
CA LEU C 287 4.79 28.61 -20.57
C LEU C 287 3.91 29.86 -20.61
N ALA C 288 4.47 31.02 -20.25
CA ALA C 288 3.66 32.24 -20.18
C ALA C 288 2.94 32.59 -21.49
N PRO C 289 3.57 32.51 -22.67
CA PRO C 289 2.81 32.80 -23.89
C PRO C 289 1.61 31.89 -24.10
N VAL C 290 1.67 30.66 -23.59
CA VAL C 290 0.52 29.76 -23.71
C VAL C 290 -0.69 30.34 -22.97
N VAL C 291 -0.48 30.79 -21.74
CA VAL C 291 -1.58 31.39 -20.98
C VAL C 291 -2.01 32.72 -21.62
N VAL C 292 -1.05 33.46 -22.17
CA VAL C 292 -1.40 34.73 -22.83
C VAL C 292 -2.32 34.47 -24.01
N TYR C 293 -2.01 33.46 -24.82
CA TYR C 293 -2.89 33.10 -25.93
C TYR C 293 -4.23 32.57 -25.42
N THR C 294 -4.20 31.78 -24.33
CA THR C 294 -5.43 31.25 -23.76
C THR C 294 -6.36 32.36 -23.31
N LEU C 295 -5.80 33.52 -22.93
CA LEU C 295 -6.62 34.63 -22.49
C LEU C 295 -7.61 35.07 -23.58
N PHE C 296 -7.22 34.92 -24.85
CA PHE C 296 -8.06 35.33 -25.98
C PHE C 296 -9.05 34.20 -26.27
N VAL C 297 -10.12 34.17 -25.49
CA VAL C 297 -11.13 33.12 -25.66
C VAL C 297 -11.82 33.17 -27.02
N PRO C 298 -12.31 34.32 -27.50
CA PRO C 298 -13.01 34.30 -28.80
C PRO C 298 -12.14 33.83 -29.96
N PHE C 299 -10.85 34.13 -29.96
CA PHE C 299 -10.00 33.74 -31.08
C PHE C 299 -9.74 32.23 -31.09
N ARG C 300 -9.84 31.57 -29.93
CA ARG C 300 -9.58 30.14 -29.88
C ARG C 300 -10.62 29.35 -30.67
N GLN C 301 -11.88 29.76 -30.59
CA GLN C 301 -12.97 28.98 -31.17
C GLN C 301 -12.89 28.98 -32.69
N LYS C 302 -12.98 27.80 -33.29
CA LYS C 302 -13.13 27.66 -34.74
C LYS C 302 -14.61 27.43 -35.00
N THR C 303 -15.29 28.45 -35.53
CA THR C 303 -16.75 28.41 -35.70
C THR C 303 -17.09 27.48 -36.85
N ASP C 304 -16.95 26.18 -36.61
CA ASP C 304 -17.32 25.17 -37.59
C ASP C 304 -18.05 23.98 -36.98
N VAL C 305 -18.24 23.94 -35.66
CA VAL C 305 -18.92 22.81 -35.03
C VAL C 305 -20.43 22.86 -35.19
N LEU C 306 -20.98 24.02 -35.53
CA LEU C 306 -22.42 24.17 -35.72
C LEU C 306 -22.84 24.28 -37.17
N LYS C 307 -21.94 24.72 -38.05
CA LYS C 307 -22.29 24.83 -39.47
C LYS C 307 -22.56 23.45 -40.08
N VAL C 308 -21.99 22.40 -39.50
CA VAL C 308 -22.30 21.05 -39.97
C VAL C 308 -23.74 20.68 -39.61
N TYR C 309 -24.20 21.10 -38.43
CA TYR C 309 -25.54 20.77 -38.00
C TYR C 309 -26.61 21.53 -38.77
N GLU C 310 -26.24 22.62 -39.44
CA GLU C 310 -27.21 23.42 -40.19
C GLU C 310 -27.76 22.69 -41.41
N ILE C 311 -27.12 21.60 -41.84
CA ILE C 311 -27.66 20.80 -42.93
C ILE C 311 -28.99 20.17 -42.53
N LEU C 312 -29.12 19.81 -41.26
CA LEU C 312 -30.34 19.20 -40.78
C LEU C 312 -31.51 20.17 -40.91
N PRO C 313 -32.68 19.72 -41.37
CA PRO C 313 -33.82 20.63 -41.54
C PRO C 313 -34.47 21.00 -40.22
N THR C 314 -34.56 20.05 -39.30
CA THR C 314 -35.19 20.33 -38.01
C THR C 314 -34.39 21.35 -37.21
N PHE C 315 -33.06 21.24 -37.24
CA PHE C 315 -32.22 22.19 -36.52
C PHE C 315 -32.32 23.58 -37.14
N ASP C 316 -32.23 24.59 -36.29
CA ASP C 316 -32.36 25.97 -36.74
C ASP C 316 -31.19 26.35 -37.63
N VAL C 317 -31.48 26.70 -38.89
CA VAL C 317 -30.41 27.05 -39.82
C VAL C 317 -29.78 28.38 -39.42
N LEU C 318 -28.60 28.63 -39.99
CA LEU C 318 -27.82 29.85 -39.72
C LEU C 318 -27.53 30.01 -38.23
N HIS C 319 -26.82 29.03 -37.69
CA HIS C 319 -26.46 29.05 -36.28
C HIS C 319 -25.46 30.17 -36.00
N PHE C 320 -25.60 30.77 -34.82
CA PHE C 320 -24.72 31.87 -34.42
C PHE C 320 -23.33 31.34 -34.12
N LYS C 321 -22.32 32.20 -34.36
CA LYS C 321 -20.93 31.86 -34.11
C LYS C 321 -20.58 32.17 -32.67
N SER C 322 -19.29 32.08 -32.32
CA SER C 322 -18.83 32.28 -30.97
C SER C 322 -18.37 33.71 -30.69
N GLU C 323 -18.35 34.58 -31.69
CA GLU C 323 -17.85 35.93 -31.49
C GLU C 323 -18.80 36.74 -30.60
N GLY C 324 -18.24 37.70 -29.89
CA GLY C 324 -19.02 38.55 -29.02
C GLY C 324 -18.47 38.72 -27.62
N TYR C 325 -17.54 37.84 -27.24
CA TYR C 325 -16.91 37.85 -25.92
C TYR C 325 -17.96 37.72 -24.81
N ASN C 326 -18.70 36.62 -24.86
CA ASN C 326 -19.73 36.32 -23.88
C ASN C 326 -19.56 34.89 -23.36
N ASP C 327 -20.52 34.42 -22.56
CA ASP C 327 -20.48 33.02 -22.14
C ASP C 327 -20.71 32.07 -23.31
N LEU C 328 -21.27 32.57 -24.42
CA LEU C 328 -21.46 31.74 -25.61
C LEU C 328 -20.12 31.29 -26.16
N SER C 329 -19.10 32.15 -26.12
CA SER C 329 -17.77 31.75 -26.57
C SER C 329 -17.20 30.63 -25.70
N LEU C 330 -17.36 30.74 -24.37
CA LEU C 330 -16.88 29.69 -23.48
C LEU C 330 -17.62 28.38 -23.72
N TYR C 331 -18.93 28.45 -23.93
CA TYR C 331 -19.69 27.24 -24.19
C TYR C 331 -19.30 26.62 -25.53
N ASN C 332 -19.01 27.44 -26.54
CA ASN C 332 -18.48 26.91 -27.78
C ASN C 332 -17.14 26.22 -27.57
N LEU C 333 -16.25 26.84 -26.78
CA LEU C 333 -14.95 26.23 -26.51
C LEU C 333 -15.11 24.89 -25.81
N PHE C 334 -16.02 24.81 -24.84
CA PHE C 334 -16.26 23.54 -24.16
C PHE C 334 -16.95 22.54 -25.08
N LEU C 335 -17.70 23.02 -26.07
CA LEU C 335 -18.38 22.11 -26.99
C LEU C 335 -17.40 21.47 -27.96
N GLU C 336 -16.49 22.24 -28.55
CA GLU C 336 -15.59 21.70 -29.55
C GLU C 336 -14.79 20.51 -29.03
N GLU C 337 -14.50 20.49 -27.73
CA GLU C 337 -13.79 19.35 -27.16
C GLU C 337 -14.68 18.13 -26.98
N ASN C 338 -15.96 18.35 -26.65
CA ASN C 338 -16.85 17.24 -26.29
C ASN C 338 -17.76 16.79 -27.42
N ILE C 339 -17.95 17.59 -28.46
CA ILE C 339 -18.82 17.20 -29.56
C ILE C 339 -18.26 15.96 -30.27
N SER C 340 -16.94 15.80 -30.28
CA SER C 340 -16.34 14.65 -30.93
C SER C 340 -16.77 13.33 -30.29
N GLU C 341 -17.29 13.39 -29.06
CA GLU C 341 -17.75 12.21 -28.34
C GLU C 341 -19.23 11.91 -28.58
N VAL C 342 -19.89 12.69 -29.44
CA VAL C 342 -21.30 12.50 -29.75
C VAL C 342 -21.40 11.61 -30.98
N LYS C 343 -22.25 10.58 -30.89
CA LYS C 343 -22.40 9.63 -31.99
C LYS C 343 -22.97 10.28 -33.24
N SER C 344 -23.94 11.19 -33.08
CA SER C 344 -24.56 11.82 -34.24
C SER C 344 -23.60 12.73 -34.98
N TYR C 345 -22.55 13.21 -34.30
CA TYR C 345 -21.67 14.21 -34.90
C TYR C 345 -20.99 13.66 -36.16
N LYS C 346 -20.34 12.50 -36.04
CA LYS C 346 -19.65 11.94 -37.20
C LYS C 346 -20.63 11.43 -38.24
N CYS C 347 -21.77 10.87 -37.80
CA CYS C 347 -22.80 10.43 -38.72
C CYS C 347 -23.37 11.59 -39.55
N LEU C 348 -23.28 12.81 -39.04
CA LEU C 348 -23.65 13.98 -39.83
C LEU C 348 -22.48 14.54 -40.62
N LYS C 349 -21.26 14.43 -40.08
CA LYS C 349 -20.09 14.93 -40.81
C LYS C 349 -19.87 14.17 -42.10
N VAL C 350 -20.06 12.84 -42.07
CA VAL C 350 -19.87 12.05 -43.30
C VAL C 350 -20.83 12.53 -44.39
N LEU C 351 -22.11 12.72 -44.03
CA LEU C 351 -23.09 13.17 -44.99
C LEU C 351 -22.77 14.58 -45.49
N GLU C 352 -22.38 15.48 -44.59
CA GLU C 352 -22.16 16.86 -45.00
C GLU C 352 -20.94 16.98 -45.91
N ASN C 353 -19.88 16.20 -45.65
CA ASN C 353 -18.71 16.29 -46.52
C ASN C 353 -18.92 15.56 -47.84
N ILE C 354 -19.72 14.49 -47.86
CA ILE C 354 -19.94 13.81 -49.12
C ILE C 354 -21.09 14.42 -49.94
N LYS C 355 -21.90 15.29 -49.33
CA LYS C 355 -22.96 15.95 -50.08
C LYS C 355 -22.50 17.31 -50.60
N ASP C 362 -28.62 13.96 -50.90
CA ASP C 362 -28.54 14.20 -49.46
C ASP C 362 -29.60 13.43 -48.65
N PRO C 363 -30.89 13.52 -49.03
CA PRO C 363 -31.90 12.77 -48.27
C PRO C 363 -31.68 11.27 -48.28
N MET C 364 -31.19 10.72 -49.39
CA MET C 364 -30.95 9.28 -49.46
C MET C 364 -29.86 8.85 -48.46
N LEU C 365 -28.76 9.60 -48.42
CA LEU C 365 -27.71 9.30 -47.45
C LEU C 365 -28.18 9.54 -46.02
N LEU C 366 -29.02 10.56 -45.81
CA LEU C 366 -29.55 10.81 -44.48
C LEU C 366 -30.43 9.66 -44.01
N LEU C 367 -31.26 9.11 -44.90
CA LEU C 367 -32.11 7.98 -44.55
C LEU C 367 -31.35 6.65 -44.54
N THR C 368 -30.16 6.60 -45.13
CA THR C 368 -29.39 5.36 -45.12
C THR C 368 -28.99 4.96 -43.70
N ASN C 369 -28.61 5.93 -42.87
CA ASN C 369 -28.22 5.64 -41.50
C ASN C 369 -29.33 6.05 -40.53
N LYS D 26 -21.33 -18.47 3.25
CA LYS D 26 -21.62 -17.06 3.05
C LYS D 26 -22.72 -16.58 4.00
N GLY D 27 -22.36 -15.67 4.90
CA GLY D 27 -23.29 -15.13 5.86
C GLY D 27 -23.41 -15.91 7.16
N LEU D 28 -22.76 -17.07 7.25
CA LEU D 28 -22.80 -17.89 8.46
C LEU D 28 -21.54 -17.63 9.28
N ARG D 29 -21.73 -17.39 10.58
CA ARG D 29 -20.59 -17.15 11.46
C ARG D 29 -19.69 -18.39 11.57
N LEU D 30 -20.31 -19.58 11.65
CA LEU D 30 -19.62 -20.87 11.69
C LEU D 30 -18.55 -20.94 12.78
N GLU D 31 -18.60 -20.03 13.75
CA GLU D 31 -17.65 -20.03 14.85
C GLU D 31 -18.26 -19.24 16.00
N LEU D 32 -18.24 -19.83 17.19
CA LEU D 32 -18.88 -19.21 18.35
C LEU D 32 -18.18 -17.89 18.69
N ALA D 33 -18.97 -16.94 19.19
CA ALA D 33 -18.42 -15.65 19.56
C ALA D 33 -17.42 -15.78 20.71
N VAL D 34 -17.73 -16.62 21.70
CA VAL D 34 -16.85 -16.80 22.85
C VAL D 34 -15.51 -17.38 22.40
N ASP D 35 -15.55 -18.33 21.49
CA ASP D 35 -14.30 -19.01 21.06
C ASP D 35 -13.70 -18.34 19.83
N LYS D 36 -14.13 -17.14 19.50
CA LYS D 36 -13.52 -16.35 18.41
C LYS D 36 -12.93 -15.19 19.16
N MET D 37 -13.50 -14.88 20.33
CA MET D 37 -12.88 -13.89 21.21
C MET D 37 -11.68 -14.49 21.94
N VAL D 38 -11.82 -15.73 22.42
CA VAL D 38 -10.72 -16.37 23.13
C VAL D 38 -9.51 -16.53 22.22
N THR D 39 -9.73 -17.02 21.00
CA THR D 39 -8.63 -17.18 20.06
C THR D 39 -8.00 -15.83 19.73
N CYS D 40 -8.83 -14.81 19.49
CA CYS D 40 -8.31 -13.49 19.14
C CYS D 40 -7.44 -12.94 20.25
N ILE D 41 -7.91 -13.03 21.51
CA ILE D 41 -7.12 -12.52 22.62
C ILE D 41 -5.82 -13.32 22.77
N ALA D 42 -5.94 -14.65 22.81
CA ALA D 42 -4.79 -15.50 23.10
C ALA D 42 -3.74 -15.46 21.99
N VAL D 43 -4.12 -15.07 20.78
CA VAL D 43 -3.12 -14.94 19.72
C VAL D 43 -2.60 -13.51 19.62
N GLY D 44 -3.48 -12.51 19.73
CA GLY D 44 -3.04 -11.14 19.58
C GLY D 44 -2.16 -10.66 20.71
N LEU D 45 -2.46 -11.08 21.94
CA LEU D 45 -1.71 -10.54 23.08
C LEU D 45 -0.22 -10.87 23.03
N PRO D 46 0.21 -12.12 22.79
CA PRO D 46 1.66 -12.35 22.63
C PRO D 46 2.26 -11.55 21.48
N LEU D 47 1.54 -11.39 20.36
CA LEU D 47 2.06 -10.56 19.28
C LEU D 47 2.20 -9.11 19.73
N LEU D 48 1.22 -8.59 20.45
CA LEU D 48 1.30 -7.21 20.94
C LEU D 48 2.47 -7.04 21.89
N LEU D 49 2.66 -8.01 22.80
CA LEU D 49 3.77 -7.92 23.74
C LEU D 49 5.11 -8.00 23.00
N ILE D 50 5.21 -8.86 21.99
CA ILE D 50 6.45 -8.96 21.22
C ILE D 50 6.73 -7.64 20.51
N SER D 51 5.70 -7.04 19.90
CA SER D 51 5.91 -5.78 19.20
C SER D 51 6.25 -4.65 20.16
N LEU D 52 5.73 -4.68 21.38
CA LEU D 52 6.02 -3.64 22.35
C LEU D 52 7.36 -3.82 23.06
N ALA D 53 7.85 -5.06 23.13
CA ALA D 53 9.07 -5.32 23.88
C ALA D 53 10.27 -4.59 23.31
N PHE D 54 10.41 -4.59 21.98
CA PHE D 54 11.52 -3.95 21.31
C PHE D 54 11.02 -2.97 20.27
N ALA D 55 10.07 -2.13 20.67
CA ALA D 55 9.64 -1.00 19.86
C ALA D 55 10.51 0.20 20.20
N GLN D 56 11.10 0.81 19.17
CA GLN D 56 12.01 1.93 19.38
C GLN D 56 11.33 3.14 19.99
N GLU D 57 10.00 3.13 20.08
CA GLU D 57 9.28 4.21 20.75
C GLU D 57 9.66 4.32 22.22
N ILE D 58 10.00 3.20 22.86
CA ILE D 58 10.28 3.20 24.29
C ILE D 58 11.57 2.44 24.60
N SER D 59 12.09 1.70 23.64
CA SER D 59 13.19 0.78 23.90
C SER D 59 14.52 1.53 23.99
N ILE D 60 15.57 0.78 24.33
CA ILE D 60 16.93 1.30 24.41
C ILE D 60 17.75 0.66 23.30
N GLY D 61 19.02 1.04 23.18
CA GLY D 61 19.85 0.60 22.08
C GLY D 61 19.98 -0.90 21.91
N THR D 62 20.63 -1.57 22.87
CA THR D 62 20.92 -2.99 22.75
C THR D 62 20.33 -3.75 23.93
N GLN D 63 20.56 -5.07 23.94
CA GLN D 63 20.08 -5.93 25.01
C GLN D 63 21.18 -6.41 25.94
N ILE D 64 22.45 -6.16 25.62
CA ILE D 64 23.54 -6.49 26.51
C ILE D 64 24.52 -5.32 26.54
N SER D 65 25.14 -5.12 27.70
CA SER D 65 26.14 -4.07 27.86
C SER D 65 27.18 -4.55 28.85
N CYS D 66 28.44 -4.61 28.43
CA CYS D 66 29.53 -5.09 29.26
C CYS D 66 30.50 -3.95 29.54
N PHE D 67 31.02 -3.91 30.76
CA PHE D 67 31.92 -2.85 31.20
C PHE D 67 33.35 -3.27 30.93
N SER D 68 33.97 -2.67 29.92
CA SER D 68 35.33 -2.89 29.49
C SER D 68 36.23 -1.74 29.93
N PRO D 69 37.51 -2.00 30.18
CA PRO D 69 38.40 -0.96 30.70
C PRO D 69 38.52 0.21 29.73
N SER D 70 38.91 1.36 30.28
CA SER D 70 39.00 2.58 29.49
C SER D 70 40.07 2.48 28.40
N SER D 71 41.10 1.66 28.61
CA SER D 71 42.14 1.49 27.61
C SER D 71 41.62 0.78 26.36
N PHE D 72 40.53 0.04 26.48
CA PHE D 72 39.95 -0.63 25.31
C PHE D 72 39.46 0.41 24.30
N SER D 73 39.63 0.10 23.02
CA SER D 73 39.10 0.94 21.98
C SER D 73 37.60 0.67 21.82
N ARG D 74 36.97 1.34 20.85
CA ARG D 74 35.56 1.13 20.62
C ARG D 74 35.26 -0.12 19.80
N ASP D 75 36.29 -0.78 19.26
CA ASP D 75 36.13 -2.06 18.59
C ASP D 75 36.43 -3.25 19.49
N GLN D 76 37.25 -3.05 20.52
CA GLN D 76 37.45 -4.10 21.51
C GLN D 76 36.27 -4.17 22.47
N ALA D 77 35.69 -3.03 22.82
CA ALA D 77 34.47 -3.04 23.64
C ALA D 77 33.30 -3.65 22.89
N ALA D 78 33.18 -3.35 21.60
CA ALA D 78 32.16 -3.98 20.78
C ALA D 78 32.38 -5.49 20.69
N PHE D 79 33.64 -5.91 20.58
CA PHE D 79 33.93 -7.33 20.57
C PHE D 79 33.55 -7.97 21.89
N VAL D 80 33.81 -7.30 23.01
CA VAL D 80 33.45 -7.85 24.31
C VAL D 80 31.94 -7.99 24.42
N ASP D 81 31.20 -6.97 23.99
CA ASP D 81 29.74 -7.05 24.02
C ASP D 81 29.23 -8.21 23.18
N SER D 82 29.72 -8.32 21.94
CA SER D 82 29.27 -9.37 21.03
C SER D 82 29.64 -10.76 21.55
N TYR D 83 30.88 -10.91 22.03
CA TYR D 83 31.31 -12.20 22.54
C TYR D 83 30.50 -12.62 23.76
N CYS D 84 30.25 -11.70 24.68
CA CYS D 84 29.51 -12.07 25.89
C CYS D 84 28.02 -12.22 25.64
N TRP D 85 27.50 -11.63 24.55
CA TRP D 85 26.13 -11.91 24.14
C TRP D 85 26.02 -13.27 23.47
N ALA D 86 27.02 -13.64 22.68
CA ALA D 86 26.99 -14.93 21.99
C ALA D 86 27.29 -16.08 22.94
N ALA D 87 28.20 -15.88 23.89
CA ALA D 87 28.61 -16.90 24.85
C ALA D 87 27.67 -17.00 26.03
N VAL D 88 26.46 -16.47 25.90
CA VAL D 88 25.46 -16.66 26.94
C VAL D 88 24.84 -18.05 26.83
N GLN D 89 25.02 -18.73 25.69
CA GLN D 89 24.63 -20.12 25.57
C GLN D 89 25.56 -21.03 26.34
N GLN D 90 26.86 -20.80 26.23
CA GLN D 90 27.86 -21.68 26.83
C GLN D 90 28.17 -21.23 28.25
N LYS D 91 28.05 -22.15 29.20
CA LYS D 91 28.26 -21.85 30.62
C LYS D 91 29.69 -22.08 31.07
N ASN D 92 30.59 -22.50 30.18
CA ASN D 92 31.98 -22.71 30.55
C ASN D 92 32.76 -21.41 30.65
N SER D 93 32.23 -20.31 30.11
CA SER D 93 32.89 -19.02 30.16
C SER D 93 32.30 -18.12 31.24
N LEU D 94 30.99 -17.87 31.19
CA LEU D 94 30.35 -16.98 32.14
C LEU D 94 30.32 -17.59 33.54
N GLN D 95 30.28 -16.72 34.54
CA GLN D 95 30.18 -17.13 35.95
C GLN D 95 29.01 -16.37 36.56
N SER D 96 27.81 -16.91 36.42
CA SER D 96 26.60 -16.30 36.96
C SER D 96 26.26 -16.93 38.32
N GLU D 97 25.25 -16.39 38.97
CA GLU D 97 24.83 -16.86 40.29
C GLU D 97 23.55 -17.68 40.27
N SER D 98 22.67 -17.45 39.30
CA SER D 98 21.41 -18.17 39.19
C SER D 98 21.44 -19.25 38.12
N GLY D 99 22.61 -19.57 37.57
CA GLY D 99 22.72 -20.55 36.52
C GLY D 99 22.52 -19.96 35.14
N ASN D 100 22.80 -20.79 34.13
CA ASN D 100 22.70 -20.34 32.74
C ASN D 100 21.27 -20.42 32.20
N LEU D 101 20.38 -21.13 32.87
CA LEU D 101 18.99 -21.20 32.42
C LEU D 101 18.30 -19.83 32.40
N PRO D 102 18.41 -18.99 33.45
CA PRO D 102 17.81 -17.65 33.34
C PRO D 102 18.37 -16.84 32.19
N LEU D 103 19.67 -16.94 31.91
CA LEU D 103 20.24 -16.21 30.79
C LEU D 103 19.71 -16.72 29.46
N TRP D 104 19.58 -18.05 29.34
CA TRP D 104 18.94 -18.64 28.17
C TRP D 104 17.55 -18.06 27.96
N LEU D 105 16.77 -17.98 29.03
CA LEU D 105 15.42 -17.42 28.93
C LEU D 105 15.45 -15.95 28.53
N HIS D 106 16.39 -15.19 29.10
CA HIS D 106 16.48 -13.76 28.81
C HIS D 106 16.80 -13.51 27.35
N LYS D 107 17.67 -14.33 26.76
CA LYS D 107 18.05 -14.11 25.37
C LYS D 107 16.90 -14.43 24.41
N PHE D 108 16.11 -15.46 24.71
CA PHE D 108 15.14 -16.00 23.77
C PHE D 108 13.70 -15.82 24.23
N PHE D 109 13.41 -14.74 24.96
CA PHE D 109 12.03 -14.51 25.41
C PHE D 109 11.09 -14.25 24.24
N PRO D 110 11.38 -13.34 23.30
CA PRO D 110 10.44 -13.14 22.18
C PRO D 110 10.21 -14.39 21.34
N TYR D 111 11.22 -15.23 21.16
CA TYR D 111 11.04 -16.45 20.40
C TYR D 111 10.06 -17.38 21.09
N ILE D 112 10.15 -17.50 22.41
CA ILE D 112 9.22 -18.34 23.15
C ILE D 112 7.81 -17.76 23.09
N LEU D 113 7.69 -16.43 23.17
CA LEU D 113 6.37 -15.82 23.06
C LEU D 113 5.75 -16.10 21.69
N LEU D 114 6.55 -15.97 20.62
CA LEU D 114 6.05 -16.25 19.28
C LEU D 114 5.67 -17.72 19.12
N LEU D 115 6.47 -18.62 19.70
CA LEU D 115 6.14 -20.04 19.64
C LEU D 115 4.81 -20.32 20.33
N PHE D 116 4.59 -19.69 21.49
CA PHE D 116 3.32 -19.85 22.19
C PHE D 116 2.17 -19.31 21.35
N ALA D 117 2.37 -18.15 20.71
CA ALA D 117 1.33 -17.58 19.88
C ALA D 117 0.95 -18.51 18.73
N ILE D 118 1.96 -19.10 18.08
CA ILE D 118 1.70 -20.02 16.98
C ILE D 118 1.00 -21.28 17.48
N LEU D 119 1.41 -21.79 18.65
CA LEU D 119 0.77 -22.97 19.20
C LEU D 119 -0.69 -22.70 19.56
N LEU D 120 -1.01 -21.48 19.99
CA LEU D 120 -2.41 -21.13 20.20
C LEU D 120 -3.16 -20.99 18.89
N TYR D 121 -2.51 -20.42 17.86
CA TYR D 121 -3.22 -20.14 16.62
C TYR D 121 -3.47 -21.39 15.78
N LEU D 122 -2.65 -22.42 15.93
CA LEU D 122 -2.80 -23.61 15.09
C LEU D 122 -4.14 -24.32 15.23
N PRO D 123 -4.66 -24.59 16.43
CA PRO D 123 -5.93 -25.35 16.54
C PRO D 123 -7.09 -24.65 15.86
N PRO D 124 -7.20 -23.31 15.91
CA PRO D 124 -8.22 -22.68 15.06
C PRO D 124 -8.06 -22.98 13.58
N LEU D 125 -6.82 -23.02 13.08
CA LEU D 125 -6.61 -23.37 11.68
C LEU D 125 -7.02 -24.82 11.41
N PHE D 126 -6.73 -25.73 12.33
CA PHE D 126 -7.17 -27.11 12.18
C PHE D 126 -8.69 -27.19 12.11
N TRP D 127 -9.37 -26.54 13.07
CA TRP D 127 -10.83 -26.57 13.09
C TRP D 127 -11.42 -25.98 11.82
N ARG D 128 -10.87 -24.85 11.35
CA ARG D 128 -11.35 -24.26 10.11
C ARG D 128 -11.16 -25.23 8.94
N PHE D 129 -9.92 -25.62 8.67
CA PHE D 129 -9.62 -26.43 7.51
C PHE D 129 -10.30 -27.80 7.54
N ALA D 130 -10.70 -28.28 8.71
CA ALA D 130 -11.30 -29.60 8.81
C ALA D 130 -12.80 -29.60 9.05
N ALA D 131 -13.40 -28.45 9.36
CA ALA D 131 -14.84 -28.43 9.63
C ALA D 131 -15.56 -27.23 9.06
N ALA D 132 -14.94 -26.42 8.20
CA ALA D 132 -15.69 -25.31 7.60
C ALA D 132 -16.79 -25.80 6.66
N PRO D 133 -16.52 -26.64 5.65
CA PRO D 133 -17.63 -27.12 4.82
C PRO D 133 -18.50 -28.13 5.53
N HIS D 134 -17.91 -28.96 6.40
CA HIS D 134 -18.69 -29.99 7.09
C HIS D 134 -19.74 -29.39 7.99
N ILE D 135 -19.57 -28.13 8.41
CA ILE D 135 -20.57 -27.48 9.23
C ILE D 135 -21.40 -26.55 8.36
N CYS D 136 -20.78 -25.97 7.33
CA CYS D 136 -21.49 -25.03 6.47
C CYS D 136 -22.61 -25.72 5.71
N SER D 137 -22.33 -26.88 5.10
CA SER D 137 -23.34 -27.59 4.33
C SER D 137 -24.51 -28.02 5.21
N ASP D 138 -24.21 -28.57 6.39
CA ASP D 138 -25.27 -29.01 7.29
C ASP D 138 -26.11 -27.83 7.78
N LEU D 139 -25.45 -26.71 8.10
CA LEU D 139 -26.19 -25.54 8.56
C LEU D 139 -27.10 -25.01 7.46
N LYS D 140 -26.60 -24.91 6.23
CA LYS D 140 -27.41 -24.43 5.13
C LYS D 140 -28.59 -25.36 4.86
N PHE D 141 -28.34 -26.67 4.91
CA PHE D 141 -29.42 -27.63 4.68
C PHE D 141 -30.50 -27.51 5.75
N ILE D 142 -30.10 -27.38 7.02
CA ILE D 142 -31.09 -27.27 8.09
C ILE D 142 -31.87 -25.95 7.97
N MET D 143 -31.18 -24.86 7.62
CA MET D 143 -31.87 -23.59 7.43
C MET D 143 -32.89 -23.68 6.30
N GLU D 144 -32.51 -24.30 5.19
CA GLU D 144 -33.44 -24.45 4.08
C GLU D 144 -34.62 -25.34 4.46
N GLU D 145 -34.36 -26.40 5.23
CA GLU D 145 -35.46 -27.26 5.66
C GLU D 145 -36.43 -26.50 6.55
N LEU D 146 -35.91 -25.69 7.48
CA LEU D 146 -36.78 -24.91 8.34
C LEU D 146 -37.58 -23.88 7.55
N ASP D 147 -36.92 -23.23 6.57
CA ASP D 147 -37.64 -22.27 5.73
C ASP D 147 -38.75 -22.95 4.93
N LYS D 148 -38.47 -24.14 4.38
CA LYS D 148 -39.49 -24.87 3.64
C LYS D 148 -40.65 -25.27 4.55
N VAL D 149 -40.35 -25.71 5.78
CA VAL D 149 -41.42 -26.07 6.70
C VAL D 149 -42.29 -24.86 7.02
N TYR D 150 -41.66 -23.71 7.27
CA TYR D 150 -42.44 -22.50 7.55
C TYR D 150 -43.28 -22.09 6.35
N ASN D 151 -42.72 -22.18 5.14
CA ASN D 151 -43.47 -21.83 3.95
C ASN D 151 -44.65 -22.77 3.73
N ARG D 152 -44.45 -24.07 3.96
CA ARG D 152 -45.54 -25.03 3.82
C ARG D 152 -46.64 -24.74 4.84
N ALA D 153 -46.26 -24.44 6.08
CA ALA D 153 -47.27 -24.10 7.08
C ALA D 153 -48.03 -22.84 6.71
N ILE D 154 -47.32 -21.83 6.18
CA ILE D 154 -47.98 -20.59 5.80
C ILE D 154 -48.94 -20.80 4.64
N LYS D 155 -48.54 -21.60 3.64
CA LYS D 155 -49.36 -21.84 2.46
C LYS D 155 -50.39 -22.93 2.67
N ALA D 156 -50.38 -23.61 3.82
CA ALA D 156 -51.35 -24.67 4.10
C ALA D 156 -52.52 -24.18 4.96
N ALA D 157 -52.25 -23.35 5.96
CA ALA D 157 -53.33 -22.85 6.81
C ALA D 157 -54.29 -21.97 6.03
N LYS D 158 -53.77 -21.14 5.13
CA LYS D 158 -54.61 -20.26 4.33
C LYS D 158 -55.38 -21.05 3.27
N PRO D 194 -41.38 -34.32 8.23
CA PRO D 194 -40.43 -33.98 9.29
C PRO D 194 -39.02 -34.49 9.00
N ILE D 195 -38.43 -34.02 7.89
CA ILE D 195 -37.09 -34.45 7.53
C ILE D 195 -36.07 -33.94 8.55
N VAL D 196 -36.24 -32.71 9.02
CA VAL D 196 -35.25 -32.11 9.91
C VAL D 196 -35.24 -32.82 11.26
N GLU D 197 -36.41 -33.24 11.76
CA GLU D 197 -36.46 -33.95 13.03
C GLU D 197 -35.73 -35.29 12.93
N GLN D 198 -35.94 -36.01 11.82
CA GLN D 198 -35.24 -37.27 11.62
C GLN D 198 -33.74 -37.06 11.45
N TYR D 199 -33.34 -35.97 10.80
CA TYR D 199 -31.92 -35.65 10.69
C TYR D 199 -31.32 -35.37 12.06
N LEU D 200 -32.07 -34.67 12.93
CA LEU D 200 -31.61 -34.45 14.29
C LEU D 200 -31.46 -35.76 15.04
N LYS D 201 -32.43 -36.66 14.88
CA LYS D 201 -32.33 -37.98 15.51
C LYS D 201 -31.09 -38.72 15.02
N THR D 202 -30.80 -38.64 13.72
CA THR D 202 -29.60 -39.26 13.18
C THR D 202 -28.34 -38.65 13.78
N LYS D 203 -28.29 -37.32 13.87
CA LYS D 203 -27.13 -36.65 14.43
C LYS D 203 -26.94 -36.98 15.90
N LYS D 204 -28.01 -37.35 16.59
CA LYS D 204 -27.90 -37.71 18.00
C LYS D 204 -26.98 -38.91 18.20
N ASN D 205 -27.07 -39.90 17.30
CA ASN D 205 -26.25 -41.10 17.46
C ASN D 205 -24.80 -40.84 17.08
N SER D 206 -24.57 -40.02 16.05
CA SER D 206 -23.22 -39.79 15.54
C SER D 206 -22.43 -38.94 16.53
N ASN D 207 -21.57 -39.58 17.31
CA ASN D 207 -20.72 -38.89 18.28
C ASN D 207 -19.31 -38.73 17.70
N ASN D 208 -19.19 -37.82 16.75
CA ASN D 208 -17.91 -37.58 16.09
C ASN D 208 -17.42 -36.15 16.21
N LEU D 209 -18.25 -35.15 15.90
CA LEU D 209 -17.77 -33.78 15.83
C LEU D 209 -17.57 -33.14 17.20
N ILE D 210 -18.43 -33.47 18.18
CA ILE D 210 -18.25 -32.93 19.52
C ILE D 210 -16.96 -33.44 20.13
N ILE D 211 -16.56 -34.67 19.80
CA ILE D 211 -15.27 -35.18 20.27
C ILE D 211 -14.13 -34.32 19.75
N LYS D 212 -14.16 -33.98 18.46
CA LYS D 212 -13.13 -33.11 17.90
C LYS D 212 -13.16 -31.72 18.55
N TYR D 213 -14.36 -31.18 18.78
CA TYR D 213 -14.47 -29.87 19.41
C TYR D 213 -13.86 -29.88 20.80
N ILE D 214 -14.24 -30.84 21.64
CA ILE D 214 -13.72 -30.88 23.00
C ILE D 214 -12.23 -31.22 23.00
N SER D 215 -11.76 -31.99 22.02
CA SER D 215 -10.33 -32.26 21.93
C SER D 215 -9.54 -30.99 21.63
N CYS D 216 -10.02 -30.19 20.68
CA CYS D 216 -9.36 -28.93 20.36
C CYS D 216 -9.38 -27.98 21.56
N ARG D 217 -10.54 -27.87 22.22
CA ARG D 217 -10.63 -27.01 23.40
C ARG D 217 -9.70 -27.50 24.51
N LEU D 218 -9.63 -28.81 24.72
CA LEU D 218 -8.77 -29.37 25.75
C LEU D 218 -7.31 -29.09 25.46
N LEU D 219 -6.89 -29.26 24.20
CA LEU D 219 -5.48 -29.03 23.89
C LEU D 219 -5.13 -27.55 23.97
N THR D 220 -6.07 -26.67 23.59
CA THR D 220 -5.84 -25.24 23.77
C THR D 220 -5.74 -24.89 25.25
N LEU D 221 -6.57 -25.51 26.09
CA LEU D 221 -6.48 -25.29 27.53
C LEU D 221 -5.14 -25.77 28.07
N ILE D 222 -4.66 -26.92 27.58
CA ILE D 222 -3.37 -27.44 28.03
C ILE D 222 -2.24 -26.48 27.62
N ILE D 223 -2.29 -25.96 26.39
CA ILE D 223 -1.28 -25.01 25.94
C ILE D 223 -1.32 -23.75 26.79
N ILE D 224 -2.52 -23.25 27.09
CA ILE D 224 -2.64 -22.06 27.93
C ILE D 224 -2.07 -22.34 29.32
N LEU D 225 -2.35 -23.51 29.88
CA LEU D 225 -1.86 -23.85 31.20
C LEU D 225 -0.34 -23.94 31.22
N LEU D 226 0.27 -24.56 30.20
CA LEU D 226 1.72 -24.67 30.18
C LEU D 226 2.37 -23.30 29.95
N ALA D 227 1.75 -22.45 29.14
CA ALA D 227 2.26 -21.10 28.97
C ALA D 227 2.17 -20.31 30.28
N CYS D 228 1.08 -20.50 31.03
CA CYS D 228 0.96 -19.87 32.34
C CYS D 228 2.06 -20.34 33.27
N ILE D 229 2.34 -21.65 33.28
CA ILE D 229 3.40 -22.18 34.14
C ILE D 229 4.74 -21.58 33.76
N TYR D 230 5.04 -21.55 32.45
CA TYR D 230 6.32 -21.01 32.00
C TYR D 230 6.47 -19.54 32.36
N LEU D 231 5.42 -18.75 32.14
CA LEU D 231 5.52 -17.31 32.41
C LEU D 231 5.59 -17.03 33.90
N GLY D 232 4.87 -17.82 34.71
CA GLY D 232 4.99 -17.67 36.14
C GLY D 232 6.36 -18.03 36.67
N TYR D 233 7.00 -19.03 36.06
CA TYR D 233 8.36 -19.37 36.44
C TYR D 233 9.35 -18.31 35.99
N TYR D 234 9.16 -17.79 34.78
CA TYR D 234 10.07 -16.76 34.26
C TYR D 234 9.98 -15.48 35.06
N PHE D 235 8.77 -15.06 35.44
CA PHE D 235 8.61 -13.84 36.23
C PHE D 235 9.22 -13.99 37.62
N SER D 236 9.26 -15.20 38.15
CA SER D 236 9.77 -15.43 39.50
C SER D 236 11.28 -15.34 39.58
N LEU D 237 11.96 -14.94 38.52
CA LEU D 237 13.42 -14.84 38.57
C LEU D 237 13.85 -13.70 39.48
N SER D 238 15.10 -13.77 39.91
CA SER D 238 15.60 -12.92 40.98
C SER D 238 15.65 -11.44 40.62
N SER D 239 15.50 -11.09 39.34
CA SER D 239 15.63 -9.75 38.79
C SER D 239 17.05 -9.23 38.86
N LEU D 240 17.97 -9.97 39.48
CA LEU D 240 19.39 -9.73 39.36
C LEU D 240 20.07 -10.74 38.44
N SER D 241 19.30 -11.65 37.85
CA SER D 241 19.83 -12.57 36.85
C SER D 241 20.14 -11.89 35.52
N ASP D 242 19.73 -10.63 35.35
CA ASP D 242 20.05 -9.91 34.14
C ASP D 242 21.51 -9.50 34.06
N GLU D 243 22.27 -9.64 35.13
CA GLU D 243 23.69 -9.34 35.12
C GLU D 243 24.50 -10.59 35.42
N PHE D 244 25.68 -10.67 34.81
CA PHE D 244 26.55 -11.82 34.96
C PHE D 244 27.99 -11.39 34.71
N VAL D 245 28.90 -12.35 34.81
CA VAL D 245 30.33 -12.11 34.66
C VAL D 245 30.82 -12.98 33.51
N CYS D 246 31.23 -12.35 32.42
CA CYS D 246 31.70 -13.03 31.22
C CYS D 246 33.22 -12.99 31.19
N SER D 247 33.79 -13.62 30.16
CA SER D 247 35.25 -13.67 30.03
C SER D 247 35.60 -14.00 28.60
N ILE D 248 36.43 -13.14 27.98
CA ILE D 248 36.92 -13.43 26.64
C ILE D 248 38.34 -13.99 26.74
N LYS D 249 38.44 -15.30 26.90
CA LYS D 249 39.73 -15.97 27.06
C LYS D 249 39.75 -17.28 26.31
N SER D 250 39.26 -17.29 25.07
CA SER D 250 39.23 -18.47 24.24
C SER D 250 40.24 -18.34 23.12
N GLY D 251 41.06 -19.37 22.92
CA GLY D 251 42.02 -19.37 21.85
C GLY D 251 43.27 -18.56 22.18
N ILE D 252 43.72 -17.76 21.21
CA ILE D 252 44.94 -16.97 21.39
C ILE D 252 44.80 -15.89 22.44
N LEU D 253 43.58 -15.59 22.88
CA LEU D 253 43.38 -14.58 23.92
C LEU D 253 43.63 -15.12 25.32
N ARG D 254 43.86 -16.42 25.47
CA ARG D 254 44.01 -17.01 26.80
C ARG D 254 45.34 -16.65 27.44
N ASN D 255 46.38 -16.38 26.64
CA ASN D 255 47.72 -16.21 27.17
C ASN D 255 48.11 -14.75 27.40
N ASP D 256 47.58 -13.82 26.62
CA ASP D 256 47.99 -12.44 26.77
C ASP D 256 47.43 -11.83 28.05
N SER D 257 48.11 -10.78 28.54
CA SER D 257 47.76 -10.13 29.78
C SER D 257 47.20 -8.72 29.58
N THR D 258 46.94 -8.33 28.34
CA THR D 258 46.38 -7.01 28.09
C THR D 258 44.88 -6.94 28.26
N VAL D 259 44.22 -8.06 28.52
CA VAL D 259 42.78 -8.10 28.70
C VAL D 259 42.46 -8.50 30.14
N PRO D 260 41.46 -7.88 30.77
CA PRO D 260 41.07 -8.34 32.10
C PRO D 260 40.45 -9.73 32.04
N ASP D 261 40.58 -10.46 33.15
CA ASP D 261 40.11 -11.84 33.18
C ASP D 261 38.61 -11.92 32.99
N GLN D 262 37.86 -11.02 33.61
CA GLN D 262 36.41 -11.10 33.60
C GLN D 262 35.80 -9.72 33.36
N PHE D 263 34.65 -9.71 32.69
CA PHE D 263 33.91 -8.51 32.38
C PHE D 263 32.53 -8.57 33.01
N GLN D 264 32.08 -7.44 33.55
CA GLN D 264 30.76 -7.35 34.16
C GLN D 264 29.76 -6.98 33.08
N CYS D 265 28.85 -7.90 32.76
CA CYS D 265 27.86 -7.68 31.72
C CYS D 265 26.47 -7.61 32.34
N LYS D 266 25.59 -6.84 31.69
CA LYS D 266 24.21 -6.71 32.11
C LYS D 266 23.31 -6.93 30.90
N LEU D 267 22.27 -7.75 31.07
CA LEU D 267 21.28 -7.99 30.02
C LEU D 267 20.20 -6.92 30.16
N ILE D 268 20.24 -5.92 29.27
CA ILE D 268 19.21 -4.90 29.28
C ILE D 268 17.90 -5.50 28.77
N ALA D 269 16.80 -4.75 29.00
CA ALA D 269 15.47 -5.15 28.55
C ALA D 269 15.03 -6.47 29.17
N VAL D 270 15.30 -6.64 30.46
CA VAL D 270 14.82 -7.78 31.22
C VAL D 270 13.65 -7.39 32.13
N GLY D 271 13.71 -6.21 32.74
CA GLY D 271 12.57 -5.71 33.49
C GLY D 271 11.34 -5.54 32.62
N ILE D 272 11.54 -5.05 31.39
CA ILE D 272 10.45 -4.99 30.42
C ILE D 272 9.92 -6.38 30.12
N PHE D 273 10.85 -7.33 29.95
CA PHE D 273 10.44 -8.72 29.68
C PHE D 273 9.63 -9.28 30.83
N GLN D 274 10.05 -9.01 32.08
CA GLN D 274 9.30 -9.52 33.22
C GLN D 274 7.94 -8.85 33.36
N LEU D 275 7.86 -7.56 33.03
CA LEU D 275 6.57 -6.89 33.02
C LEU D 275 5.62 -7.50 32.00
N LEU D 276 6.12 -7.75 30.79
CA LEU D 276 5.30 -8.38 29.76
C LEU D 276 4.90 -9.79 30.18
N SER D 277 5.81 -10.52 30.83
CA SER D 277 5.50 -11.86 31.29
C SER D 277 4.39 -11.85 32.33
N VAL D 278 4.43 -10.90 33.27
CA VAL D 278 3.39 -10.86 34.29
C VAL D 278 2.06 -10.44 33.67
N ILE D 279 2.08 -9.54 32.68
CA ILE D 279 0.85 -9.15 32.00
C ILE D 279 0.23 -10.35 31.30
N ASN D 280 1.06 -11.08 30.55
CA ASN D 280 0.56 -12.26 29.83
C ASN D 280 0.05 -13.31 30.80
N LEU D 281 0.76 -13.52 31.90
CA LEU D 281 0.34 -14.53 32.88
C LEU D 281 -1.00 -14.16 33.49
N VAL D 282 -1.20 -12.89 33.86
CA VAL D 282 -2.45 -12.51 34.49
C VAL D 282 -3.61 -12.59 33.49
N VAL D 283 -3.36 -12.21 32.23
CA VAL D 283 -4.43 -12.30 31.24
C VAL D 283 -4.80 -13.74 30.97
N TYR D 284 -3.81 -14.62 30.83
CA TYR D 284 -4.10 -16.04 30.59
C TYR D 284 -4.77 -16.69 31.80
N VAL D 285 -4.41 -16.25 33.01
CA VAL D 285 -5.09 -16.75 34.20
C VAL D 285 -6.56 -16.35 34.19
N LEU D 286 -6.84 -15.10 33.80
CA LEU D 286 -8.23 -14.68 33.67
C LEU D 286 -8.95 -15.48 32.59
N LEU D 287 -8.25 -15.77 31.49
CA LEU D 287 -8.88 -16.40 30.33
C LEU D 287 -9.14 -17.89 30.52
N ALA D 288 -8.33 -18.57 31.33
CA ALA D 288 -8.48 -20.02 31.48
C ALA D 288 -9.86 -20.47 31.94
N PRO D 289 -10.51 -19.84 32.92
CA PRO D 289 -11.88 -20.26 33.27
C PRO D 289 -12.85 -20.17 32.12
N VAL D 290 -12.64 -19.26 31.17
CA VAL D 290 -13.54 -19.17 30.02
C VAL D 290 -13.47 -20.44 29.20
N VAL D 291 -12.25 -20.93 28.92
CA VAL D 291 -12.11 -22.18 28.18
C VAL D 291 -12.62 -23.36 29.00
N VAL D 292 -12.41 -23.31 30.32
CA VAL D 292 -12.89 -24.39 31.18
C VAL D 292 -14.41 -24.50 31.09
N TYR D 293 -15.10 -23.36 31.15
CA TYR D 293 -16.56 -23.36 30.99
C TYR D 293 -16.96 -23.79 29.58
N THR D 294 -16.20 -23.34 28.56
CA THR D 294 -16.49 -23.72 27.19
C THR D 294 -16.40 -25.24 26.99
N LEU D 295 -15.57 -25.90 27.79
CA LEU D 295 -15.44 -27.36 27.69
C LEU D 295 -16.78 -28.06 27.90
N PHE D 296 -17.64 -27.49 28.75
CA PHE D 296 -18.94 -28.08 29.06
C PHE D 296 -19.93 -27.69 27.96
N VAL D 297 -19.87 -28.41 26.85
CA VAL D 297 -20.75 -28.11 25.72
C VAL D 297 -22.23 -28.29 26.06
N PRO D 298 -22.69 -29.40 26.66
CA PRO D 298 -24.13 -29.54 26.92
C PRO D 298 -24.70 -28.45 27.81
N PHE D 299 -23.94 -27.96 28.79
CA PHE D 299 -24.48 -26.96 29.69
C PHE D 299 -24.64 -25.61 29.02
N ARG D 300 -23.87 -25.34 27.96
CA ARG D 300 -23.96 -24.06 27.27
C ARG D 300 -25.31 -23.87 26.61
N GLN D 301 -25.85 -24.93 26.00
CA GLN D 301 -27.06 -24.82 25.20
C GLN D 301 -28.27 -24.49 26.07
N LYS D 302 -29.03 -23.48 25.67
CA LYS D 302 -30.32 -23.18 26.28
C LYS D 302 -31.39 -23.78 25.36
N THR D 303 -31.99 -24.89 25.80
CA THR D 303 -32.92 -25.65 24.96
C THR D 303 -34.23 -24.90 24.85
N ASP D 304 -34.20 -23.82 24.06
CA ASP D 304 -35.40 -23.04 23.79
C ASP D 304 -35.52 -22.60 22.33
N VAL D 305 -34.55 -22.94 21.48
CA VAL D 305 -34.60 -22.53 20.07
C VAL D 305 -35.53 -23.41 19.25
N LEU D 306 -35.90 -24.59 19.75
CA LEU D 306 -36.79 -25.48 19.05
C LEU D 306 -38.19 -25.54 19.63
N LYS D 307 -38.35 -25.21 20.92
CA LYS D 307 -39.68 -25.23 21.52
C LYS D 307 -40.58 -24.18 20.90
N VAL D 308 -40.01 -23.11 20.34
CA VAL D 308 -40.81 -22.12 19.63
C VAL D 308 -41.35 -22.70 18.34
N TYR D 309 -40.55 -23.52 17.65
CA TYR D 309 -40.98 -24.11 16.39
C TYR D 309 -42.06 -25.18 16.58
N GLU D 310 -42.20 -25.72 17.79
CA GLU D 310 -43.19 -26.76 18.04
C GLU D 310 -44.62 -26.27 17.94
N ILE D 311 -44.83 -24.95 17.96
CA ILE D 311 -46.18 -24.42 17.75
C ILE D 311 -46.68 -24.75 16.36
N LEU D 312 -45.77 -24.76 15.38
CA LEU D 312 -46.16 -25.06 14.01
C LEU D 312 -46.70 -26.49 13.90
N PRO D 313 -47.80 -26.69 13.17
CA PRO D 313 -48.38 -28.03 13.07
C PRO D 313 -47.57 -28.96 12.17
N THR D 314 -47.04 -28.42 11.07
CA THR D 314 -46.26 -29.24 10.14
C THR D 314 -45.00 -29.75 10.79
N PHE D 315 -44.32 -28.91 11.57
CA PHE D 315 -43.10 -29.31 12.25
C PHE D 315 -43.40 -30.37 13.30
N ASP D 316 -42.46 -31.30 13.48
CA ASP D 316 -42.64 -32.39 14.42
C ASP D 316 -42.66 -31.85 15.84
N VAL D 317 -43.78 -32.08 16.54
CA VAL D 317 -43.91 -31.58 17.91
C VAL D 317 -42.99 -32.35 18.85
N LEU D 318 -42.77 -31.78 20.02
CA LEU D 318 -41.92 -32.35 21.05
C LEU D 318 -40.50 -32.60 20.52
N HIS D 319 -39.86 -31.50 20.12
CA HIS D 319 -38.50 -31.59 19.60
C HIS D 319 -37.52 -31.97 20.70
N PHE D 320 -36.51 -32.75 20.32
CA PHE D 320 -35.50 -33.20 21.27
C PHE D 320 -34.60 -32.04 21.69
N LYS D 321 -34.11 -32.11 22.92
CA LYS D 321 -33.21 -31.10 23.46
C LYS D 321 -31.77 -31.42 23.08
N SER D 322 -30.82 -30.67 23.65
CA SER D 322 -29.42 -30.84 23.32
C SER D 322 -28.67 -31.76 24.26
N GLU D 323 -29.31 -32.26 25.31
CA GLU D 323 -28.63 -33.10 26.28
C GLU D 323 -28.26 -34.45 25.67
N GLY D 324 -27.18 -35.04 26.18
CA GLY D 324 -26.74 -36.33 25.70
C GLY D 324 -25.25 -36.40 25.39
N TYR D 325 -24.61 -35.25 25.26
CA TYR D 325 -23.18 -35.15 24.96
C TYR D 325 -22.86 -35.84 23.62
N ASN D 326 -23.51 -35.37 22.57
CA ASN D 326 -23.31 -35.90 21.23
C ASN D 326 -23.06 -34.75 20.25
N ASP D 327 -23.02 -35.06 18.94
CA ASP D 327 -22.92 -34.00 17.95
C ASP D 327 -24.19 -33.16 17.89
N LEU D 328 -25.30 -33.68 18.43
CA LEU D 328 -26.52 -32.89 18.49
C LEU D 328 -26.35 -31.66 19.36
N SER D 329 -25.61 -31.79 20.46
CA SER D 329 -25.33 -30.63 21.30
C SER D 329 -24.52 -29.57 20.55
N LEU D 330 -23.51 -30.00 19.80
CA LEU D 330 -22.72 -29.04 19.03
C LEU D 330 -23.56 -28.37 17.95
N TYR D 331 -24.43 -29.14 17.29
CA TYR D 331 -25.28 -28.55 16.27
C TYR D 331 -26.29 -27.57 16.88
N ASN D 332 -26.79 -27.88 18.08
CA ASN D 332 -27.64 -26.92 18.78
C ASN D 332 -26.87 -25.64 19.10
N LEU D 333 -25.63 -25.79 19.57
CA LEU D 333 -24.81 -24.61 19.89
C LEU D 333 -24.59 -23.76 18.66
N PHE D 334 -24.31 -24.39 17.53
CA PHE D 334 -24.12 -23.64 16.29
C PHE D 334 -25.42 -23.05 15.79
N LEU D 335 -26.55 -23.68 16.13
CA LEU D 335 -27.84 -23.18 15.68
C LEU D 335 -28.23 -21.91 16.44
N GLU D 336 -28.07 -21.91 17.77
CA GLU D 336 -28.53 -20.77 18.56
C GLU D 336 -27.89 -19.46 18.11
N GLU D 337 -26.67 -19.52 17.57
CA GLU D 337 -26.04 -18.32 17.07
C GLU D 337 -26.60 -17.88 15.72
N ASN D 338 -26.98 -18.83 14.87
CA ASN D 338 -27.37 -18.53 13.50
C ASN D 338 -28.88 -18.47 13.28
N ILE D 339 -29.68 -19.03 14.19
CA ILE D 339 -31.12 -19.00 14.00
C ILE D 339 -31.64 -17.57 14.04
N SER D 340 -30.97 -16.68 14.77
CA SER D 340 -31.41 -15.28 14.84
C SER D 340 -31.34 -14.60 13.48
N GLU D 341 -30.62 -15.18 12.53
CA GLU D 341 -30.50 -14.62 11.18
C GLU D 341 -31.54 -15.18 10.22
N VAL D 342 -32.46 -16.02 10.71
CA VAL D 342 -33.51 -16.62 9.90
C VAL D 342 -34.74 -15.73 9.99
N LYS D 343 -35.33 -15.40 8.83
CA LYS D 343 -36.48 -14.52 8.79
C LYS D 343 -37.69 -15.13 9.48
N SER D 344 -37.91 -16.43 9.30
CA SER D 344 -39.07 -17.08 9.90
C SER D 344 -39.00 -17.13 11.42
N TYR D 345 -37.79 -17.04 11.97
CA TYR D 345 -37.61 -17.23 13.41
C TYR D 345 -38.38 -16.17 14.20
N LYS D 346 -38.16 -14.89 13.89
CA LYS D 346 -38.84 -13.83 14.63
C LYS D 346 -40.33 -13.78 14.28
N CYS D 347 -40.68 -14.08 13.02
CA CYS D 347 -42.08 -14.14 12.63
C CYS D 347 -42.84 -15.23 13.37
N LEU D 348 -42.15 -16.25 13.85
CA LEU D 348 -42.77 -17.25 14.70
C LEU D 348 -42.69 -16.89 16.18
N LYS D 349 -41.61 -16.21 16.60
CA LYS D 349 -41.48 -15.81 17.99
C LYS D 349 -42.57 -14.83 18.39
N VAL D 350 -42.91 -13.88 17.51
CA VAL D 350 -43.95 -12.92 17.84
C VAL D 350 -45.27 -13.63 18.10
N LEU D 351 -45.62 -14.57 17.22
CA LEU D 351 -46.87 -15.32 17.38
C LEU D 351 -46.83 -16.18 18.63
N GLU D 352 -45.71 -16.85 18.91
CA GLU D 352 -45.67 -17.74 20.07
C GLU D 352 -45.74 -16.98 21.37
N ASN D 353 -45.10 -15.80 21.45
CA ASN D 353 -45.16 -15.04 22.69
C ASN D 353 -46.50 -14.33 22.86
N ILE D 354 -47.16 -13.94 21.77
CA ILE D 354 -48.45 -13.27 21.93
C ILE D 354 -49.61 -14.26 21.99
N LYS D 355 -49.38 -15.53 21.66
CA LYS D 355 -50.44 -16.53 21.77
C LYS D 355 -50.36 -17.25 23.12
N ASP D 362 -54.54 -18.00 17.57
CA ASP D 362 -53.27 -18.40 16.98
C ASP D 362 -53.32 -18.55 15.44
N PRO D 363 -54.30 -19.28 14.89
CA PRO D 363 -54.36 -19.40 13.43
C PRO D 363 -54.55 -18.06 12.72
N MET D 364 -55.30 -17.13 13.32
CA MET D 364 -55.49 -15.83 12.69
C MET D 364 -54.18 -15.06 12.58
N LEU D 365 -53.40 -15.05 13.67
CA LEU D 365 -52.11 -14.38 13.63
C LEU D 365 -51.13 -15.11 12.71
N LEU D 366 -51.23 -16.45 12.64
CA LEU D 366 -50.37 -17.20 11.74
C LEU D 366 -50.67 -16.86 10.28
N LEU D 367 -51.95 -16.72 9.94
CA LEU D 367 -52.34 -16.37 8.58
C LEU D 367 -52.18 -14.88 8.29
N THR D 368 -52.02 -14.04 9.32
CA THR D 368 -51.84 -12.62 9.09
C THR D 368 -50.54 -12.34 8.34
N ASN D 369 -49.47 -13.04 8.69
CA ASN D 369 -48.18 -12.86 8.03
C ASN D 369 -47.91 -14.00 7.05
N LYS E 26 -13.43 -22.76 -10.18
CA LYS E 26 -14.13 -21.84 -9.29
C LYS E 26 -14.96 -22.60 -8.26
N GLY E 27 -14.57 -22.45 -6.99
CA GLY E 27 -15.25 -23.12 -5.90
C GLY E 27 -14.74 -24.49 -5.55
N LEU E 28 -13.82 -25.04 -6.34
CA LEU E 28 -13.24 -26.35 -6.09
C LEU E 28 -11.90 -26.18 -5.38
N ARG E 29 -11.71 -26.96 -4.31
CA ARG E 29 -10.46 -26.90 -3.57
C ARG E 29 -9.28 -27.38 -4.42
N LEU E 30 -9.50 -28.46 -5.19
CA LEU E 30 -8.52 -29.02 -6.13
C LEU E 30 -7.18 -29.33 -5.46
N GLU E 31 -7.15 -29.39 -4.13
CA GLU E 31 -5.93 -29.71 -3.39
C GLU E 31 -6.32 -30.20 -2.02
N LEU E 32 -5.76 -31.33 -1.61
CA LEU E 32 -6.14 -31.94 -0.34
C LEU E 32 -5.74 -31.04 0.82
N ALA E 33 -6.55 -31.07 1.88
CA ALA E 33 -6.26 -30.25 3.06
C ALA E 33 -4.95 -30.67 3.71
N VAL E 34 -4.70 -31.97 3.81
CA VAL E 34 -3.48 -32.46 4.44
C VAL E 34 -2.25 -31.99 3.67
N ASP E 35 -2.33 -32.01 2.35
CA ASP E 35 -1.16 -31.65 1.51
C ASP E 35 -1.18 -30.19 1.13
N LYS E 36 -1.99 -29.39 1.78
CA LYS E 36 -1.99 -27.93 1.57
C LYS E 36 -1.55 -27.41 2.91
N MET E 37 -1.76 -28.21 3.96
CA MET E 37 -1.17 -27.89 5.25
C MET E 37 0.31 -28.24 5.29
N VAL E 38 0.67 -29.40 4.73
CA VAL E 38 2.07 -29.82 4.73
C VAL E 38 2.92 -28.83 3.94
N THR E 39 2.45 -28.45 2.75
CA THR E 39 3.20 -27.48 1.94
C THR E 39 3.29 -26.14 2.65
N CYS E 40 2.20 -25.69 3.26
CA CYS E 40 2.20 -24.40 3.95
C CYS E 40 3.22 -24.39 5.08
N ILE E 41 3.21 -25.45 5.91
CA ILE E 41 4.16 -25.52 7.02
C ILE E 41 5.59 -25.59 6.50
N ALA E 42 5.85 -26.52 5.58
CA ALA E 42 7.21 -26.77 5.12
C ALA E 42 7.79 -25.60 4.35
N VAL E 43 6.96 -24.72 3.80
CA VAL E 43 7.49 -23.54 3.12
C VAL E 43 7.56 -22.35 4.06
N GLY E 44 6.53 -22.13 4.88
CA GLY E 44 6.51 -20.98 5.76
C GLY E 44 7.56 -21.03 6.86
N LEU E 45 7.79 -22.22 7.42
CA LEU E 45 8.70 -22.30 8.57
C LEU E 45 10.12 -21.86 8.24
N PRO E 46 10.76 -22.33 7.15
CA PRO E 46 12.09 -21.76 6.83
C PRO E 46 12.06 -20.26 6.58
N LEU E 47 11.00 -19.74 5.95
CA LEU E 47 10.89 -18.30 5.78
C LEU E 47 10.79 -17.58 7.13
N LEU E 48 9.99 -18.13 8.05
CA LEU E 48 9.86 -17.53 9.37
C LEU E 48 11.18 -17.56 10.12
N LEU E 49 11.90 -18.67 10.04
CA LEU E 49 13.20 -18.76 10.71
C LEU E 49 14.20 -17.79 10.09
N ILE E 50 14.19 -17.64 8.77
CA ILE E 50 15.09 -16.69 8.12
C ILE E 50 14.77 -15.27 8.57
N SER E 51 13.49 -14.92 8.62
CA SER E 51 13.11 -13.58 9.04
C SER E 51 13.43 -13.32 10.50
N LEU E 52 13.35 -14.35 11.34
CA LEU E 52 13.66 -14.19 12.76
C LEU E 52 15.14 -14.21 13.06
N ALA E 53 15.96 -14.84 12.20
CA ALA E 53 17.38 -14.99 12.50
C ALA E 53 18.08 -13.65 12.57
N PHE E 54 17.77 -12.74 11.65
CA PHE E 54 18.40 -11.43 11.60
C PHE E 54 17.35 -10.33 11.61
N ALA E 55 16.40 -10.46 12.52
CA ALA E 55 15.44 -9.39 12.79
C ALA E 55 16.02 -8.47 13.86
N GLN E 56 16.08 -7.17 13.57
CA GLN E 56 16.67 -6.21 14.48
C GLN E 56 15.93 -6.11 15.80
N GLU E 57 14.75 -6.72 15.91
CA GLU E 57 14.03 -6.76 17.17
C GLU E 57 14.82 -7.48 18.26
N ILE E 58 15.63 -8.48 17.88
CA ILE E 58 16.34 -9.28 18.86
C ILE E 58 17.81 -9.43 18.49
N SER E 59 18.17 -9.07 17.27
CA SER E 59 19.51 -9.37 16.75
C SER E 59 20.55 -8.40 17.31
N ILE E 60 21.80 -8.65 16.96
CA ILE E 60 22.94 -7.82 17.34
C ILE E 60 23.49 -7.17 16.08
N GLY E 61 24.49 -6.32 16.23
CA GLY E 61 25.02 -5.54 15.12
C GLY E 61 25.49 -6.35 13.91
N THR E 62 26.55 -7.13 14.07
CA THR E 62 27.15 -7.83 12.96
C THR E 62 27.20 -9.32 13.26
N GLN E 63 27.76 -10.08 12.31
CA GLN E 63 27.90 -11.53 12.44
C GLN E 63 29.33 -11.98 12.71
N ILE E 64 30.30 -11.09 12.61
CA ILE E 64 31.69 -11.42 12.96
C ILE E 64 32.27 -10.28 13.79
N SER E 65 33.14 -10.64 14.71
CA SER E 65 33.83 -9.66 15.54
C SER E 65 35.23 -10.17 15.85
N CYS E 66 36.25 -9.41 15.46
CA CYS E 66 37.63 -9.80 15.65
C CYS E 66 38.31 -8.85 16.62
N PHE E 67 39.16 -9.40 17.49
CA PHE E 67 39.84 -8.62 18.52
C PHE E 67 41.16 -8.13 17.97
N SER E 68 41.24 -6.84 17.69
CA SER E 68 42.40 -6.13 17.18
C SER E 68 43.06 -5.31 18.29
N PRO E 69 44.37 -5.12 18.23
CA PRO E 69 45.06 -4.40 19.31
C PRO E 69 44.55 -2.98 19.47
N SER E 70 44.78 -2.42 20.66
CA SER E 70 44.28 -1.10 20.98
C SER E 70 44.93 -0.02 20.12
N SER E 71 46.15 -0.26 19.65
CA SER E 71 46.82 0.72 18.80
C SER E 71 46.13 0.86 17.44
N PHE E 72 45.38 -0.14 17.01
CA PHE E 72 44.65 -0.06 15.76
C PHE E 72 43.61 1.05 15.82
N SER E 73 43.43 1.75 14.70
CA SER E 73 42.38 2.74 14.60
C SER E 73 41.04 2.05 14.35
N ARG E 74 39.99 2.84 14.18
CA ARG E 74 38.67 2.27 13.92
C ARG E 74 38.48 1.86 12.47
N ASP E 75 39.42 2.21 11.59
CA ASP E 75 39.39 1.75 10.20
C ASP E 75 40.27 0.55 9.96
N GLN E 76 41.30 0.35 10.78
CA GLN E 76 42.08 -0.88 10.71
C GLN E 76 41.33 -2.04 11.37
N ALA E 77 40.60 -1.77 12.45
CA ALA E 77 39.78 -2.81 13.06
C ALA E 77 38.63 -3.20 12.14
N ALA E 78 38.02 -2.23 11.46
CA ALA E 78 36.99 -2.55 10.48
C ALA E 78 37.56 -3.35 9.33
N PHE E 79 38.78 -3.03 8.90
CA PHE E 79 39.43 -3.81 7.85
C PHE E 79 39.68 -5.24 8.32
N VAL E 80 40.09 -5.40 9.57
CA VAL E 80 40.33 -6.75 10.10
C VAL E 80 39.03 -7.55 10.12
N ASP E 81 37.95 -6.93 10.59
CA ASP E 81 36.66 -7.59 10.60
C ASP E 81 36.24 -8.00 9.19
N SER E 82 36.30 -7.07 8.24
CA SER E 82 35.87 -7.36 6.87
C SER E 82 36.75 -8.41 6.23
N TYR E 83 38.07 -8.32 6.40
CA TYR E 83 38.98 -9.29 5.81
C TYR E 83 38.73 -10.68 6.38
N CYS E 84 38.56 -10.80 7.70
CA CYS E 84 38.38 -12.11 8.29
C CYS E 84 36.98 -12.66 8.06
N TRP E 85 36.01 -11.80 7.75
CA TRP E 85 34.70 -12.29 7.32
C TRP E 85 34.74 -12.77 5.87
N ALA E 86 35.50 -12.09 5.02
CA ALA E 86 35.59 -12.48 3.62
C ALA E 86 36.48 -13.71 3.44
N ALA E 87 37.55 -13.81 4.21
CA ALA E 87 38.50 -14.91 4.12
C ALA E 87 38.06 -16.12 4.90
N VAL E 88 36.77 -16.21 5.24
CA VAL E 88 36.25 -17.43 5.85
C VAL E 88 36.01 -18.50 4.80
N GLN E 89 36.00 -18.12 3.52
CA GLN E 89 35.96 -19.10 2.44
C GLN E 89 37.30 -19.80 2.29
N GLN E 90 38.39 -19.04 2.33
CA GLN E 90 39.73 -19.57 2.08
C GLN E 90 40.34 -20.08 3.38
N LYS E 91 40.79 -21.32 3.38
CA LYS E 91 41.35 -21.95 4.56
C LYS E 91 42.86 -21.80 4.66
N ASN E 92 43.50 -21.12 3.71
CA ASN E 92 44.94 -20.93 3.77
C ASN E 92 45.34 -19.83 4.75
N SER E 93 44.39 -19.00 5.18
CA SER E 93 44.67 -17.92 6.13
C SER E 93 44.25 -18.29 7.54
N LEU E 94 42.97 -18.63 7.73
CA LEU E 94 42.46 -18.95 9.05
C LEU E 94 43.05 -20.26 9.58
N GLN E 95 43.10 -20.37 10.90
CA GLN E 95 43.57 -21.57 11.59
C GLN E 95 42.50 -21.96 12.61
N SER E 96 41.51 -22.72 12.16
CA SER E 96 40.42 -23.18 13.02
C SER E 96 40.73 -24.60 13.51
N GLU E 97 39.87 -25.09 14.40
CA GLU E 97 40.04 -26.42 14.99
C GLU E 97 39.09 -27.46 14.43
N SER E 98 37.91 -27.05 13.95
CA SER E 98 36.92 -27.98 13.40
C SER E 98 36.88 -27.95 11.89
N GLY E 99 37.85 -27.33 11.23
CA GLY E 99 37.88 -27.23 9.79
C GLY E 99 37.09 -26.05 9.27
N ASN E 100 37.24 -25.82 7.96
CA ASN E 100 36.58 -24.68 7.33
C ASN E 100 35.14 -24.96 6.94
N LEU E 101 34.73 -26.23 6.93
CA LEU E 101 33.34 -26.55 6.62
C LEU E 101 32.36 -25.95 7.62
N PRO E 102 32.56 -26.04 8.94
CA PRO E 102 31.62 -25.36 9.86
C PRO E 102 31.55 -23.87 9.62
N LEU E 103 32.67 -23.22 9.30
CA LEU E 103 32.62 -21.78 9.04
C LEU E 103 31.86 -21.48 7.76
N TRP E 104 32.05 -22.31 6.74
CA TRP E 104 31.25 -22.19 5.52
C TRP E 104 29.77 -22.25 5.84
N LEU E 105 29.38 -23.23 6.67
CA LEU E 105 27.98 -23.37 7.04
C LEU E 105 27.49 -22.15 7.82
N HIS E 106 28.31 -21.64 8.74
CA HIS E 106 27.92 -20.50 9.56
C HIS E 106 27.68 -19.26 8.71
N LYS E 107 28.50 -19.05 7.69
CA LYS E 107 28.33 -17.85 6.87
C LYS E 107 27.06 -17.92 6.02
N PHE E 108 26.72 -19.11 5.51
CA PHE E 108 25.67 -19.24 4.49
C PHE E 108 24.47 -20.03 5.00
N PHE E 109 24.16 -19.93 6.30
CA PHE E 109 22.98 -20.63 6.83
C PHE E 109 21.68 -20.10 6.25
N PRO E 110 21.40 -18.80 6.22
CA PRO E 110 20.13 -18.33 5.63
C PRO E 110 19.98 -18.69 4.17
N TYR E 111 21.07 -18.69 3.40
CA TYR E 111 20.98 -19.06 2.00
C TYR E 111 20.56 -20.51 1.83
N ILE E 112 21.10 -21.40 2.66
CA ILE E 112 20.72 -22.80 2.60
C ILE E 112 19.27 -22.98 3.03
N LEU E 113 18.83 -22.23 4.05
CA LEU E 113 17.43 -22.31 4.46
C LEU E 113 16.50 -21.86 3.33
N LEU E 114 16.85 -20.76 2.65
CA LEU E 114 16.03 -20.29 1.54
C LEU E 114 16.03 -21.28 0.39
N LEU E 115 17.17 -21.89 0.10
CA LEU E 115 17.23 -22.91 -0.94
C LEU E 115 16.32 -24.08 -0.60
N PHE E 116 16.34 -24.53 0.65
CA PHE E 116 15.44 -25.61 1.07
C PHE E 116 13.98 -25.19 0.92
N ALA E 117 13.66 -23.95 1.30
CA ALA E 117 12.28 -23.49 1.16
C ALA E 117 11.82 -23.50 -0.28
N ILE E 118 12.69 -23.04 -1.19
CA ILE E 118 12.33 -23.03 -2.61
C ILE E 118 12.20 -24.45 -3.14
N LEU E 119 13.08 -25.35 -2.72
CA LEU E 119 12.98 -26.74 -3.16
C LEU E 119 11.70 -27.40 -2.66
N LEU E 120 11.23 -27.03 -1.48
CA LEU E 120 9.94 -27.52 -1.02
C LEU E 120 8.79 -26.89 -1.82
N TYR E 121 8.90 -25.61 -2.14
CA TYR E 121 7.78 -24.92 -2.78
C TYR E 121 7.61 -25.29 -4.24
N LEU E 122 8.68 -25.70 -4.91
CA LEU E 122 8.59 -25.98 -6.35
C LEU E 122 7.60 -27.09 -6.71
N PRO E 123 7.59 -28.25 -6.05
CA PRO E 123 6.68 -29.34 -6.47
C PRO E 123 5.22 -28.93 -6.41
N PRO E 124 4.77 -28.15 -5.41
CA PRO E 124 3.41 -27.61 -5.50
C PRO E 124 3.16 -26.78 -6.74
N LEU E 125 4.13 -25.99 -7.17
CA LEU E 125 3.97 -25.22 -8.40
C LEU E 125 3.88 -26.14 -9.61
N PHE E 126 4.70 -27.20 -9.63
CA PHE E 126 4.60 -28.16 -10.72
C PHE E 126 3.23 -28.81 -10.77
N TRP E 127 2.74 -29.28 -9.62
CA TRP E 127 1.43 -29.93 -9.57
C TRP E 127 0.34 -28.97 -10.01
N ARG E 128 0.39 -27.73 -9.54
CA ARG E 128 -0.61 -26.74 -9.95
C ARG E 128 -0.57 -26.53 -11.46
N PHE E 129 0.58 -26.09 -11.98
CA PHE E 129 0.70 -25.73 -13.38
C PHE E 129 0.46 -26.92 -14.32
N ALA E 130 0.60 -28.15 -13.84
CA ALA E 130 0.43 -29.31 -14.70
C ALA E 130 -0.86 -30.09 -14.48
N ALA E 131 -1.62 -29.80 -13.42
CA ALA E 131 -2.84 -30.55 -13.18
C ALA E 131 -4.00 -29.72 -12.66
N ALA E 132 -3.93 -28.38 -12.71
CA ALA E 132 -5.09 -27.60 -12.29
C ALA E 132 -6.26 -27.76 -13.26
N PRO E 133 -6.11 -27.53 -14.57
CA PRO E 133 -7.27 -27.76 -15.45
C PRO E 133 -7.56 -29.24 -15.65
N HIS E 134 -6.54 -30.08 -15.68
CA HIS E 134 -6.74 -31.52 -15.91
C HIS E 134 -7.57 -32.15 -14.82
N ILE E 135 -7.61 -31.55 -13.63
CA ILE E 135 -8.43 -32.08 -12.54
C ILE E 135 -9.71 -31.26 -12.45
N CYS E 136 -9.63 -29.96 -12.78
CA CYS E 136 -10.80 -29.10 -12.68
C CYS E 136 -11.89 -29.52 -13.66
N SER E 137 -11.51 -29.75 -14.92
CA SER E 137 -12.50 -30.13 -15.93
C SER E 137 -13.16 -31.46 -15.58
N ASP E 138 -12.36 -32.45 -15.17
CA ASP E 138 -12.92 -33.75 -14.83
C ASP E 138 -13.83 -33.65 -13.62
N LEU E 139 -13.43 -32.88 -12.61
CA LEU E 139 -14.26 -32.73 -11.42
C LEU E 139 -15.59 -32.06 -11.76
N LYS E 140 -15.54 -30.99 -12.57
CA LYS E 140 -16.77 -30.32 -12.94
C LYS E 140 -17.68 -31.23 -13.76
N PHE E 141 -17.10 -32.00 -14.69
CA PHE E 141 -17.89 -32.91 -15.49
C PHE E 141 -18.56 -33.97 -14.63
N ILE E 142 -17.83 -34.54 -13.67
CA ILE E 142 -18.41 -35.56 -12.81
C ILE E 142 -19.49 -34.97 -11.93
N MET E 143 -19.28 -33.76 -11.41
CA MET E 143 -20.30 -33.11 -10.59
C MET E 143 -21.57 -32.86 -11.40
N GLU E 144 -21.41 -32.39 -12.64
CA GLU E 144 -22.58 -32.16 -13.48
C GLU E 144 -23.30 -33.46 -13.81
N GLU E 145 -22.54 -34.53 -14.06
CA GLU E 145 -23.16 -35.82 -14.34
C GLU E 145 -23.96 -36.31 -13.13
N LEU E 146 -23.40 -36.18 -11.92
CA LEU E 146 -24.12 -36.59 -10.73
C LEU E 146 -25.38 -35.74 -10.51
N ASP E 147 -25.27 -34.42 -10.75
CA ASP E 147 -26.44 -33.56 -10.62
C ASP E 147 -27.53 -33.95 -11.61
N LYS E 148 -27.14 -34.24 -12.86
CA LYS E 148 -28.11 -34.66 -13.86
C LYS E 148 -28.76 -35.98 -13.49
N VAL E 149 -27.99 -36.92 -12.96
CA VAL E 149 -28.56 -38.21 -12.54
C VAL E 149 -29.57 -37.99 -11.42
N TYR E 150 -29.22 -37.16 -10.44
CA TYR E 150 -30.16 -36.89 -9.35
C TYR E 150 -31.43 -36.20 -9.85
N ASN E 151 -31.28 -35.24 -10.77
CA ASN E 151 -32.43 -34.55 -11.32
C ASN E 151 -33.33 -35.51 -12.10
N ARG E 152 -32.73 -36.41 -12.89
CA ARG E 152 -33.51 -37.39 -13.63
C ARG E 152 -34.26 -38.32 -12.69
N ALA E 153 -33.60 -38.76 -11.62
CA ALA E 153 -34.28 -39.62 -10.64
C ALA E 153 -35.42 -38.88 -9.97
N ILE E 154 -35.22 -37.60 -9.64
CA ILE E 154 -36.26 -36.83 -8.97
C ILE E 154 -37.45 -36.61 -9.90
N LYS E 155 -37.20 -36.32 -11.18
CA LYS E 155 -38.26 -36.05 -12.14
C LYS E 155 -38.84 -37.32 -12.76
N ALA E 156 -38.29 -38.48 -12.45
CA ALA E 156 -38.80 -39.75 -12.97
C ALA E 156 -39.70 -40.48 -12.00
N ALA E 157 -39.37 -40.48 -10.70
CA ALA E 157 -40.21 -41.16 -9.72
C ALA E 157 -41.56 -40.49 -9.60
N LYS E 158 -41.60 -39.16 -9.63
CA LYS E 158 -42.85 -38.42 -9.53
C LYS E 158 -43.69 -38.57 -10.80
N PRO E 194 -25.84 -44.47 -17.42
CA PRO E 194 -24.72 -44.53 -16.48
C PRO E 194 -23.41 -44.08 -17.09
N ILE E 195 -23.36 -42.83 -17.55
CA ILE E 195 -22.14 -42.31 -18.15
C ILE E 195 -21.02 -42.23 -17.12
N VAL E 196 -21.35 -41.80 -15.91
CA VAL E 196 -20.33 -41.58 -14.88
C VAL E 196 -19.69 -42.90 -14.46
N GLU E 197 -20.48 -43.97 -14.37
CA GLU E 197 -19.93 -45.27 -14.01
C GLU E 197 -18.95 -45.77 -15.08
N GLN E 198 -19.30 -45.60 -16.34
CA GLN E 198 -18.39 -45.99 -17.42
C GLN E 198 -17.14 -45.12 -17.44
N TYR E 199 -17.28 -43.84 -17.11
CA TYR E 199 -16.11 -42.97 -17.01
C TYR E 199 -15.19 -43.43 -15.87
N LEU E 200 -15.78 -43.85 -14.76
CA LEU E 200 -14.98 -44.39 -13.66
C LEU E 200 -14.25 -45.66 -14.10
N LYS E 201 -14.94 -46.53 -14.82
CA LYS E 201 -14.30 -47.74 -15.34
C LYS E 201 -13.14 -47.39 -16.26
N THR E 202 -13.33 -46.37 -17.10
CA THR E 202 -12.25 -45.92 -17.98
C THR E 202 -11.06 -45.40 -17.16
N LYS E 203 -11.35 -44.58 -16.15
CA LYS E 203 -10.28 -44.03 -15.31
C LYS E 203 -9.54 -45.11 -14.54
N LYS E 204 -10.21 -46.24 -14.29
CA LYS E 204 -9.55 -47.34 -13.57
C LYS E 204 -8.33 -47.84 -14.34
N ASN E 205 -8.44 -47.95 -15.66
CA ASN E 205 -7.33 -48.47 -16.45
C ASN E 205 -6.20 -47.46 -16.58
N SER E 206 -6.53 -46.18 -16.72
CA SER E 206 -5.54 -45.13 -16.95
C SER E 206 -4.73 -44.90 -15.68
N ASN E 207 -3.52 -45.46 -15.63
CA ASN E 207 -2.62 -45.29 -14.50
C ASN E 207 -1.57 -44.23 -14.84
N ASN E 208 -2.00 -42.97 -14.84
CA ASN E 208 -1.13 -41.86 -15.17
C ASN E 208 -1.01 -40.82 -14.07
N LEU E 209 -2.13 -40.33 -13.53
CA LEU E 209 -2.09 -39.21 -12.62
C LEU E 209 -1.63 -39.61 -11.21
N ILE E 210 -2.01 -40.79 -10.75
CA ILE E 210 -1.57 -41.23 -9.43
C ILE E 210 -0.05 -41.42 -9.42
N ILE E 211 0.53 -41.82 -10.55
CA ILE E 211 1.98 -41.93 -10.64
C ILE E 211 2.63 -40.57 -10.42
N LYS E 212 2.09 -39.53 -11.06
CA LYS E 212 2.61 -38.18 -10.86
C LYS E 212 2.43 -37.73 -9.41
N TYR E 213 1.28 -38.02 -8.82
CA TYR E 213 1.03 -37.64 -7.44
C TYR E 213 2.04 -38.28 -6.49
N ILE E 214 2.22 -39.60 -6.60
CA ILE E 214 3.14 -40.28 -5.70
C ILE E 214 4.58 -39.88 -6.00
N SER E 215 4.90 -39.55 -7.26
CA SER E 215 6.24 -39.07 -7.55
C SER E 215 6.52 -37.74 -6.87
N CYS E 216 5.56 -36.81 -6.95
CA CYS E 216 5.74 -35.52 -6.28
C CYS E 216 5.84 -35.69 -4.77
N ARG E 217 4.98 -36.53 -4.19
CA ARG E 217 5.06 -36.77 -2.75
C ARG E 217 6.38 -37.42 -2.37
N LEU E 218 6.86 -38.37 -3.17
CA LEU E 218 8.12 -39.03 -2.88
C LEU E 218 9.29 -38.06 -2.95
N LEU E 219 9.31 -37.18 -3.95
CA LEU E 219 10.42 -36.25 -4.05
C LEU E 219 10.37 -35.21 -2.94
N THR E 220 9.17 -34.78 -2.54
CA THR E 220 9.06 -33.89 -1.39
C THR E 220 9.54 -34.58 -0.12
N LEU E 221 9.21 -35.86 0.05
CA LEU E 221 9.70 -36.61 1.20
C LEU E 221 11.22 -36.71 1.18
N ILE E 222 11.81 -36.93 -0.01
CA ILE E 222 13.26 -37.01 -0.11
C ILE E 222 13.90 -35.67 0.25
N ILE E 223 13.32 -34.57 -0.23
CA ILE E 223 13.84 -33.25 0.12
C ILE E 223 13.75 -33.00 1.62
N ILE E 224 12.62 -33.36 2.22
CA ILE E 224 12.46 -33.21 3.66
C ILE E 224 13.49 -34.04 4.41
N LEU E 225 13.74 -35.27 3.95
CA LEU E 225 14.70 -36.14 4.62
C LEU E 225 16.11 -35.58 4.51
N LEU E 226 16.49 -35.06 3.34
CA LEU E 226 17.84 -34.52 3.20
C LEU E 226 18.00 -33.22 3.98
N ALA E 227 16.94 -32.41 4.06
CA ALA E 227 16.99 -31.22 4.91
C ALA E 227 17.13 -31.59 6.38
N CYS E 228 16.42 -32.66 6.80
CA CYS E 228 16.58 -33.15 8.16
C CYS E 228 18.00 -33.59 8.43
N ILE E 229 18.60 -34.32 7.48
CA ILE E 229 19.98 -34.78 7.66
C ILE E 229 20.92 -33.58 7.78
N TYR E 230 20.77 -32.60 6.89
CA TYR E 230 21.65 -31.43 6.92
C TYR E 230 21.50 -30.66 8.22
N LEU E 231 20.27 -30.44 8.67
CA LEU E 231 20.07 -29.65 9.89
C LEU E 231 20.54 -30.41 11.12
N GLY E 232 20.36 -31.73 11.15
CA GLY E 232 20.87 -32.51 12.25
C GLY E 232 22.40 -32.50 12.30
N TYR E 233 23.04 -32.49 11.13
CA TYR E 233 24.49 -32.40 11.11
C TYR E 233 24.97 -31.00 11.52
N TYR E 234 24.27 -29.97 11.06
CA TYR E 234 24.65 -28.60 11.40
C TYR E 234 24.49 -28.34 12.90
N PHE E 235 23.40 -28.82 13.50
CA PHE E 235 23.19 -28.61 14.92
C PHE E 235 24.23 -29.35 15.77
N SER E 236 24.75 -30.45 15.25
CA SER E 236 25.72 -31.25 16.01
C SER E 236 27.08 -30.62 16.08
N LEU E 237 27.26 -29.40 15.61
CA LEU E 237 28.57 -28.75 15.66
C LEU E 237 28.95 -28.43 17.09
N SER E 238 30.26 -28.24 17.30
CA SER E 238 30.83 -28.18 18.64
C SER E 238 30.36 -26.97 19.46
N SER E 239 29.72 -25.99 18.81
CA SER E 239 29.30 -24.72 19.40
C SER E 239 30.49 -23.83 19.76
N LEU E 240 31.71 -24.33 19.63
CA LEU E 240 32.91 -23.51 19.67
C LEU E 240 33.49 -23.28 18.28
N SER E 241 32.84 -23.80 17.24
CA SER E 241 33.25 -23.53 15.87
C SER E 241 32.92 -22.11 15.43
N ASP E 242 32.16 -21.36 16.24
CA ASP E 242 31.86 -19.98 15.90
C ASP E 242 33.06 -19.05 16.09
N GLU E 243 34.13 -19.53 16.70
CA GLU E 243 35.34 -18.74 16.87
C GLU E 243 36.51 -19.39 16.14
N PHE E 244 37.41 -18.56 15.62
CA PHE E 244 38.54 -19.04 14.86
C PHE E 244 39.67 -18.00 14.95
N VAL E 245 40.77 -18.30 14.29
CA VAL E 245 41.97 -17.45 14.31
C VAL E 245 42.26 -17.07 12.87
N CYS E 246 42.11 -15.79 12.55
CA CYS E 246 42.34 -15.27 11.22
C CYS E 246 43.70 -14.59 11.16
N SER E 247 44.05 -14.08 9.98
CA SER E 247 45.35 -13.43 9.80
C SER E 247 45.31 -12.56 8.56
N ILE E 248 45.63 -11.28 8.71
CA ILE E 248 45.71 -10.38 7.56
C ILE E 248 47.18 -10.23 7.17
N LYS E 249 47.67 -11.13 6.34
CA LYS E 249 49.08 -11.12 5.93
C LYS E 249 49.21 -11.47 4.46
N SER E 250 48.36 -10.89 3.62
CA SER E 250 48.37 -11.12 2.19
C SER E 250 48.90 -9.89 1.47
N GLY E 251 49.85 -10.09 0.56
CA GLY E 251 50.38 -8.99 -0.21
C GLY E 251 51.41 -8.16 0.54
N ILE E 252 51.29 -6.84 0.45
CA ILE E 252 52.25 -5.94 1.09
C ILE E 252 52.18 -5.98 2.60
N LEU E 253 51.13 -6.59 3.17
CA LEU E 253 51.01 -6.69 4.61
C LEU E 253 51.84 -7.83 5.19
N ARG E 254 52.44 -8.67 4.34
CA ARG E 254 53.16 -9.84 4.84
C ARG E 254 54.48 -9.47 5.49
N ASN E 255 55.08 -8.36 5.09
CA ASN E 255 56.43 -8.03 5.54
C ASN E 255 56.48 -7.08 6.73
N ASP E 256 55.50 -6.19 6.88
CA ASP E 256 55.56 -5.23 7.97
C ASP E 256 55.30 -5.91 9.32
N SER E 257 55.80 -5.26 10.38
CA SER E 257 55.70 -5.80 11.73
C SER E 257 54.77 -5.00 12.62
N THR E 258 54.01 -4.06 12.06
CA THR E 258 53.08 -3.27 12.85
C THR E 258 51.75 -3.96 13.07
N VAL E 259 51.54 -5.13 12.47
CA VAL E 259 50.28 -5.87 12.62
C VAL E 259 50.57 -7.18 13.34
N PRO E 260 49.71 -7.61 14.25
CA PRO E 260 49.90 -8.93 14.87
C PRO E 260 49.68 -10.04 13.84
N ASP E 261 50.36 -11.16 14.08
CA ASP E 261 50.31 -12.27 13.12
C ASP E 261 48.90 -12.82 12.99
N GLN E 262 48.17 -12.95 14.10
CA GLN E 262 46.88 -13.60 14.09
C GLN E 262 45.88 -12.81 14.93
N PHE E 263 44.62 -12.85 14.51
CA PHE E 263 43.52 -12.18 15.20
C PHE E 263 42.50 -13.21 15.64
N GLN E 264 41.97 -13.02 16.84
CA GLN E 264 40.94 -13.91 17.37
C GLN E 264 39.57 -13.38 16.93
N CYS E 265 38.88 -14.15 16.08
CA CYS E 265 37.60 -13.75 15.55
C CYS E 265 36.51 -14.67 16.08
N LYS E 266 35.30 -14.13 16.20
CA LYS E 266 34.14 -14.90 16.65
C LYS E 266 32.99 -14.63 15.69
N LEU E 267 32.33 -15.70 15.26
CA LEU E 267 31.15 -15.58 14.40
C LEU E 267 29.93 -15.43 15.29
N ILE E 268 29.41 -14.21 15.38
CA ILE E 268 28.21 -13.98 16.17
C ILE E 268 27.01 -14.58 15.44
N ALA E 269 25.90 -14.71 16.17
CA ALA E 269 24.64 -15.23 15.62
C ALA E 269 24.79 -16.66 15.11
N VAL E 270 25.50 -17.48 15.88
CA VAL E 270 25.61 -18.91 15.61
C VAL E 270 24.74 -19.72 16.55
N GLY E 271 24.68 -19.33 17.82
CA GLY E 271 23.75 -19.99 18.74
C GLY E 271 22.31 -19.81 18.31
N ILE E 272 21.96 -18.63 17.81
CA ILE E 272 20.64 -18.42 17.22
C ILE E 272 20.44 -19.34 16.01
N PHE E 273 21.47 -19.46 15.19
CA PHE E 273 21.38 -20.34 14.02
C PHE E 273 21.17 -21.79 14.44
N GLN E 274 21.88 -22.24 15.48
CA GLN E 274 21.70 -23.61 15.93
C GLN E 274 20.33 -23.83 16.55
N LEU E 275 19.81 -22.83 17.26
CA LEU E 275 18.45 -22.93 17.79
C LEU E 275 17.43 -23.06 16.67
N LEU E 276 17.55 -22.23 15.64
CA LEU E 276 16.65 -22.31 14.50
C LEU E 276 16.79 -23.65 13.79
N SER E 277 18.03 -24.15 13.69
CA SER E 277 18.24 -25.44 13.04
C SER E 277 17.56 -26.56 13.81
N VAL E 278 17.66 -26.55 15.14
CA VAL E 278 17.02 -27.61 15.92
C VAL E 278 15.50 -27.50 15.84
N ILE E 279 14.97 -26.27 15.81
CA ILE E 279 13.53 -26.10 15.67
C ILE E 279 13.05 -26.67 14.33
N ASN E 280 13.76 -26.31 13.25
CA ASN E 280 13.39 -26.81 11.93
C ASN E 280 13.51 -28.32 11.86
N LEU E 281 14.57 -28.88 12.44
CA LEU E 281 14.77 -30.33 12.41
C LEU E 281 13.65 -31.04 13.15
N VAL E 282 13.26 -30.55 14.33
CA VAL E 282 12.22 -31.23 15.08
C VAL E 282 10.87 -31.12 14.37
N VAL E 283 10.59 -29.96 13.77
CA VAL E 283 9.32 -29.81 13.05
C VAL E 283 9.28 -30.73 11.84
N TYR E 284 10.37 -30.79 11.07
CA TYR E 284 10.40 -31.66 9.90
C TYR E 284 10.35 -33.13 10.29
N VAL E 285 10.94 -33.49 11.43
CA VAL E 285 10.85 -34.86 11.92
C VAL E 285 9.42 -35.20 12.26
N LEU E 286 8.70 -34.27 12.90
CA LEU E 286 7.28 -34.48 13.16
C LEU E 286 6.49 -34.60 11.86
N LEU E 287 6.84 -33.80 10.85
CA LEU E 287 6.07 -33.71 9.62
C LEU E 287 6.29 -34.90 8.70
N ALA E 288 7.46 -35.52 8.73
CA ALA E 288 7.76 -36.61 7.80
C ALA E 288 6.78 -37.77 7.85
N PRO E 289 6.33 -38.27 9.01
CA PRO E 289 5.32 -39.33 8.99
C PRO E 289 4.03 -38.94 8.29
N VAL E 290 3.67 -37.66 8.29
CA VAL E 290 2.47 -37.22 7.59
C VAL E 290 2.61 -37.49 6.10
N VAL E 291 3.74 -37.12 5.51
CA VAL E 291 3.97 -37.37 4.09
C VAL E 291 4.08 -38.87 3.83
N VAL E 292 4.69 -39.60 4.77
CA VAL E 292 4.81 -41.06 4.61
C VAL E 292 3.43 -41.69 4.52
N TYR E 293 2.52 -41.29 5.41
CA TYR E 293 1.15 -41.79 5.35
C TYR E 293 0.44 -41.32 4.08
N THR E 294 0.69 -40.07 3.67
CA THR E 294 0.08 -39.55 2.45
C THR E 294 0.49 -40.36 1.22
N LEU E 295 1.69 -40.96 1.26
CA LEU E 295 2.14 -41.76 0.14
C LEU E 295 1.19 -42.91 -0.17
N PHE E 296 0.53 -43.44 0.87
CA PHE E 296 -0.40 -44.57 0.70
C PHE E 296 -1.76 -44.02 0.26
N VAL E 297 -1.87 -43.75 -1.04
CA VAL E 297 -3.11 -43.19 -1.58
C VAL E 297 -4.30 -44.13 -1.41
N PRO E 298 -4.22 -45.42 -1.78
CA PRO E 298 -5.41 -46.28 -1.65
C PRO E 298 -5.93 -46.40 -0.23
N PHE E 299 -5.05 -46.39 0.77
CA PHE E 299 -5.52 -46.56 2.15
C PHE E 299 -6.25 -45.32 2.65
N ARG E 300 -5.95 -44.15 2.07
CA ARG E 300 -6.59 -42.91 2.54
C ARG E 300 -8.09 -42.93 2.25
N GLN E 301 -8.49 -43.45 1.10
CA GLN E 301 -9.88 -43.36 0.67
C GLN E 301 -10.78 -44.21 1.55
N LYS E 302 -11.87 -43.62 2.03
CA LYS E 302 -12.93 -44.36 2.70
C LYS E 302 -14.04 -44.60 1.68
N THR E 303 -14.15 -45.85 1.21
CA THR E 303 -15.05 -46.18 0.11
C THR E 303 -16.50 -46.16 0.62
N ASP E 304 -17.00 -44.95 0.85
CA ASP E 304 -18.38 -44.77 1.27
C ASP E 304 -19.08 -43.61 0.57
N VAL E 305 -18.39 -42.86 -0.29
CA VAL E 305 -18.99 -41.72 -0.97
C VAL E 305 -19.87 -42.13 -2.13
N LEU E 306 -19.73 -43.36 -2.62
CA LEU E 306 -20.53 -43.85 -3.73
C LEU E 306 -21.61 -44.86 -3.31
N LYS E 307 -21.42 -45.55 -2.18
CA LYS E 307 -22.43 -46.49 -1.73
C LYS E 307 -23.74 -45.79 -1.36
N VAL E 308 -23.67 -44.52 -1.01
CA VAL E 308 -24.88 -43.76 -0.75
C VAL E 308 -25.64 -43.53 -2.05
N TYR E 309 -24.92 -43.27 -3.15
CA TYR E 309 -25.56 -43.01 -4.43
C TYR E 309 -26.19 -44.27 -5.03
N GLU E 310 -25.79 -45.45 -4.57
CA GLU E 310 -26.33 -46.69 -5.12
C GLU E 310 -27.80 -46.91 -4.78
N ILE E 311 -28.34 -46.16 -3.81
CA ILE E 311 -29.77 -46.25 -3.52
C ILE E 311 -30.58 -45.76 -4.70
N LEU E 312 -30.07 -44.77 -5.43
CA LEU E 312 -30.78 -44.23 -6.58
C LEU E 312 -30.93 -45.31 -7.66
N PRO E 313 -32.11 -45.42 -8.27
CA PRO E 313 -32.31 -46.46 -9.29
C PRO E 313 -31.63 -46.13 -10.61
N THR E 314 -31.64 -44.87 -11.00
CA THR E 314 -31.02 -44.47 -12.27
C THR E 314 -29.52 -44.68 -12.22
N PHE E 315 -28.88 -44.36 -11.10
CA PHE E 315 -27.44 -44.56 -10.97
C PHE E 315 -27.09 -46.04 -10.99
N ASP E 316 -25.93 -46.36 -11.57
CA ASP E 316 -25.50 -47.74 -11.70
C ASP E 316 -25.21 -48.33 -10.31
N VAL E 317 -25.94 -49.38 -9.95
CA VAL E 317 -25.76 -50.00 -8.65
C VAL E 317 -24.41 -50.72 -8.59
N LEU E 318 -23.98 -51.02 -7.37
CA LEU E 318 -22.72 -51.70 -7.10
C LEU E 318 -21.54 -50.92 -7.70
N HIS E 319 -21.37 -49.70 -7.21
CA HIS E 319 -20.29 -48.84 -7.67
C HIS E 319 -18.94 -49.39 -7.23
N PHE E 320 -17.94 -49.23 -8.09
CA PHE E 320 -16.60 -49.72 -7.78
C PHE E 320 -15.95 -48.86 -6.70
N LYS E 321 -15.08 -49.50 -5.92
CA LYS E 321 -14.38 -48.83 -4.84
C LYS E 321 -13.10 -48.18 -5.39
N SER E 322 -12.25 -47.68 -4.49
CA SER E 322 -11.04 -46.98 -4.89
C SER E 322 -9.80 -47.88 -4.94
N GLU E 323 -9.92 -49.14 -4.54
CA GLU E 323 -8.76 -50.03 -4.50
C GLU E 323 -8.26 -50.34 -5.90
N GLY E 324 -6.97 -50.59 -6.02
CA GLY E 324 -6.38 -50.93 -7.29
C GLY E 324 -5.11 -50.17 -7.61
N TYR E 325 -4.87 -49.07 -6.89
CA TYR E 325 -3.69 -48.21 -7.08
C TYR E 325 -3.65 -47.67 -8.51
N ASN E 326 -4.71 -46.95 -8.88
CA ASN E 326 -4.82 -46.34 -10.20
C ASN E 326 -5.21 -44.87 -10.07
N ASP E 327 -5.50 -44.22 -11.20
CA ASP E 327 -6.02 -42.85 -11.12
C ASP E 327 -7.41 -42.81 -10.51
N LEU E 328 -8.11 -43.94 -10.47
CA LEU E 328 -9.42 -43.99 -9.82
C LEU E 328 -9.30 -43.68 -8.34
N SER E 329 -8.24 -44.17 -7.68
CA SER E 329 -8.03 -43.85 -6.28
C SER E 329 -7.81 -42.36 -6.07
N LEU E 330 -7.02 -41.72 -6.94
CA LEU E 330 -6.81 -40.28 -6.81
C LEU E 330 -8.09 -39.51 -7.04
N TYR E 331 -8.89 -39.93 -8.02
CA TYR E 331 -10.15 -39.25 -8.28
C TYR E 331 -11.13 -39.44 -7.12
N ASN E 332 -11.12 -40.61 -6.49
CA ASN E 332 -11.92 -40.80 -5.28
C ASN E 332 -11.46 -39.87 -4.16
N LEU E 333 -10.14 -39.76 -3.97
CA LEU E 333 -9.61 -38.88 -2.94
C LEU E 333 -10.03 -37.44 -3.19
N PHE E 334 -9.95 -36.99 -4.45
CA PHE E 334 -10.38 -35.63 -4.77
C PHE E 334 -11.89 -35.48 -4.65
N LEU E 335 -12.65 -36.57 -4.82
CA LEU E 335 -14.09 -36.50 -4.72
C LEU E 335 -14.54 -36.34 -3.27
N GLU E 336 -13.97 -37.13 -2.35
CA GLU E 336 -14.43 -37.10 -0.97
C GLU E 336 -14.34 -35.70 -0.36
N GLU E 337 -13.39 -34.89 -0.82
CA GLU E 337 -13.29 -33.52 -0.33
C GLU E 337 -14.35 -32.61 -0.93
N ASN E 338 -14.72 -32.82 -2.19
CA ASN E 338 -15.60 -31.90 -2.90
C ASN E 338 -17.05 -32.35 -2.96
N ILE E 339 -17.35 -33.63 -2.70
CA ILE E 339 -18.73 -34.09 -2.76
C ILE E 339 -19.57 -33.42 -1.68
N SER E 340 -18.95 -33.03 -0.56
CA SER E 340 -19.70 -32.37 0.50
C SER E 340 -20.26 -31.03 0.05
N GLU E 341 -19.75 -30.49 -1.05
CA GLU E 341 -20.22 -29.22 -1.59
C GLU E 341 -21.34 -29.38 -2.61
N VAL E 342 -21.78 -30.62 -2.84
CA VAL E 342 -22.84 -30.92 -3.80
C VAL E 342 -24.17 -30.92 -3.05
N LYS E 343 -25.16 -30.19 -3.60
CA LYS E 343 -26.46 -30.09 -2.94
C LYS E 343 -27.18 -31.43 -2.87
N SER E 344 -27.09 -32.24 -3.93
CA SER E 344 -27.79 -33.53 -3.94
C SER E 344 -27.21 -34.50 -2.93
N TYR E 345 -25.95 -34.31 -2.51
CA TYR E 345 -25.28 -35.27 -1.66
C TYR E 345 -26.00 -35.43 -0.33
N LYS E 346 -26.24 -34.31 0.37
CA LYS E 346 -26.91 -34.39 1.66
C LYS E 346 -28.38 -34.76 1.52
N CYS E 347 -29.02 -34.28 0.46
CA CYS E 347 -30.41 -34.64 0.19
C CYS E 347 -30.57 -36.13 -0.06
N LEU E 348 -29.51 -36.81 -0.49
CA LEU E 348 -29.55 -38.27 -0.59
C LEU E 348 -29.09 -38.95 0.69
N LYS E 349 -28.16 -38.33 1.42
CA LYS E 349 -27.69 -38.92 2.68
C LYS E 349 -28.82 -39.01 3.70
N VAL E 350 -29.66 -37.97 3.78
CA VAL E 350 -30.76 -38.00 4.74
C VAL E 350 -31.69 -39.18 4.45
N LEU E 351 -32.03 -39.36 3.17
CA LEU E 351 -32.91 -40.45 2.79
C LEU E 351 -32.26 -41.80 3.05
N GLU E 352 -30.97 -41.94 2.72
CA GLU E 352 -30.32 -43.25 2.87
C GLU E 352 -30.16 -43.63 4.33
N ASN E 353 -29.87 -42.65 5.20
CA ASN E 353 -29.73 -43.00 6.62
C ASN E 353 -31.08 -43.21 7.29
N ILE E 354 -32.13 -42.52 6.85
CA ILE E 354 -33.43 -42.74 7.49
C ILE E 354 -34.20 -43.90 6.86
N LYS E 355 -33.77 -44.40 5.71
CA LYS E 355 -34.43 -45.55 5.10
C LYS E 355 -33.74 -46.85 5.52
N ASP E 362 -39.12 -45.48 1.27
CA ASP E 362 -38.05 -44.83 0.52
C ASP E 362 -38.55 -43.97 -0.64
N PRO E 363 -39.42 -44.48 -1.51
CA PRO E 363 -39.92 -43.64 -2.61
C PRO E 363 -40.67 -42.41 -2.13
N MET E 364 -41.41 -42.50 -1.02
CA MET E 364 -42.13 -41.34 -0.51
C MET E 364 -41.18 -40.25 -0.08
N LEU E 365 -40.13 -40.60 0.66
CA LEU E 365 -39.13 -39.62 1.06
C LEU E 365 -38.35 -39.09 -0.13
N LEU E 366 -38.11 -39.94 -1.14
CA LEU E 366 -37.42 -39.48 -2.34
C LEU E 366 -38.25 -38.46 -3.10
N LEU E 367 -39.56 -38.68 -3.19
CA LEU E 367 -40.44 -37.72 -3.86
C LEU E 367 -40.79 -36.52 -3.00
N THR E 368 -40.53 -36.59 -1.68
CA THR E 368 -40.82 -35.44 -0.82
C THR E 368 -39.95 -34.24 -1.19
N ASN E 369 -38.68 -34.48 -1.49
CA ASN E 369 -37.78 -33.40 -1.86
C ASN E 369 -37.54 -33.38 -3.38
N LYS F 26 -27.16 -3.91 7.25
CA LYS F 26 -26.83 -3.06 6.10
C LYS F 26 -27.66 -1.79 6.10
N GLY F 27 -26.99 -0.65 6.26
CA GLY F 27 -27.65 0.64 6.28
C GLY F 27 -28.13 1.09 7.63
N LEU F 28 -28.03 0.25 8.66
CA LEU F 28 -28.44 0.60 10.01
C LEU F 28 -27.22 1.02 10.82
N ARG F 29 -27.34 2.16 11.51
CA ARG F 29 -26.24 2.64 12.33
C ARG F 29 -25.95 1.69 13.50
N LEU F 30 -27.00 1.14 14.12
CA LEU F 30 -26.91 0.15 15.20
C LEU F 30 -26.01 0.61 16.34
N GLU F 31 -25.71 1.91 16.41
CA GLU F 31 -24.89 2.44 17.49
C GLU F 31 -25.16 3.93 17.59
N LEU F 32 -25.43 4.42 18.80
CA LEU F 32 -25.79 5.81 18.99
C LEU F 32 -24.62 6.72 18.61
N ALA F 33 -24.96 7.90 18.09
CA ALA F 33 -23.93 8.86 17.70
C ALA F 33 -23.12 9.32 18.90
N VAL F 34 -23.80 9.58 20.02
CA VAL F 34 -23.10 10.06 21.22
C VAL F 34 -22.12 9.01 21.72
N ASP F 35 -22.51 7.75 21.68
CA ASP F 35 -21.65 6.67 22.22
C ASP F 35 -20.78 6.06 21.15
N LYS F 36 -20.66 6.70 20.00
CA LYS F 36 -19.73 6.27 18.93
C LYS F 36 -18.75 7.41 18.88
N MET F 37 -19.17 8.59 19.31
CA MET F 37 -18.23 9.68 19.50
C MET F 37 -17.42 9.51 20.78
N VAL F 38 -18.07 9.09 21.86
CA VAL F 38 -17.37 8.90 23.13
C VAL F 38 -16.30 7.83 22.98
N THR F 39 -16.67 6.69 22.39
CA THR F 39 -15.70 5.62 22.18
C THR F 39 -14.55 6.08 21.29
N CYS F 40 -14.87 6.79 20.20
CA CYS F 40 -13.85 7.25 19.28
C CYS F 40 -12.86 8.17 19.98
N ILE F 41 -13.37 9.14 20.75
CA ILE F 41 -12.47 10.06 21.46
C ILE F 41 -11.64 9.31 22.49
N ALA F 42 -12.31 8.51 23.34
CA ALA F 42 -11.62 7.87 24.45
C ALA F 42 -10.62 6.82 24.00
N VAL F 43 -10.74 6.30 22.78
CA VAL F 43 -9.75 5.36 22.29
C VAL F 43 -8.67 6.07 21.46
N GLY F 44 -9.06 7.01 20.62
CA GLY F 44 -8.09 7.67 19.77
C GLY F 44 -7.13 8.56 20.53
N LEU F 45 -7.61 9.26 21.56
CA LEU F 45 -6.76 10.23 22.24
C LEU F 45 -5.54 9.58 22.91
N PRO F 46 -5.66 8.49 23.69
CA PRO F 46 -4.43 7.84 24.18
C PRO F 46 -3.51 7.37 23.07
N LEU F 47 -4.05 6.86 21.96
CA LEU F 47 -3.21 6.48 20.84
C LEU F 47 -2.49 7.69 20.25
N LEU F 48 -3.19 8.82 20.11
CA LEU F 48 -2.56 10.02 19.59
C LEU F 48 -1.47 10.52 20.51
N LEU F 49 -1.72 10.49 21.83
CA LEU F 49 -0.71 10.92 22.78
C LEU F 49 0.50 9.98 22.76
N ILE F 50 0.27 8.68 22.65
CA ILE F 50 1.38 7.73 22.56
C ILE F 50 2.21 7.99 21.32
N SER F 51 1.55 8.22 20.18
CA SER F 51 2.28 8.48 18.95
C SER F 51 3.03 9.80 19.00
N LEU F 52 2.50 10.80 19.70
CA LEU F 52 3.16 12.09 19.79
C LEU F 52 4.27 12.11 20.84
N ALA F 53 4.21 11.24 21.84
CA ALA F 53 5.18 11.29 22.93
C ALA F 53 6.59 11.02 22.44
N PHE F 54 6.76 10.04 21.57
CA PHE F 54 8.06 9.67 21.05
C PHE F 54 8.06 9.69 19.53
N ALA F 55 7.53 10.77 18.96
CA ALA F 55 7.64 11.03 17.54
C ALA F 55 8.92 11.81 17.28
N GLN F 56 9.75 11.30 16.36
CA GLN F 56 11.04 11.92 16.09
C GLN F 56 10.90 13.33 15.51
N GLU F 57 9.68 13.75 15.15
CA GLU F 57 9.46 15.10 14.68
C GLU F 57 9.79 16.13 15.76
N ILE F 58 9.61 15.78 17.04
CA ILE F 58 9.82 16.74 18.12
C ILE F 58 10.66 16.13 19.24
N SER F 59 10.86 14.82 19.21
CA SER F 59 11.46 14.13 20.34
C SER F 59 12.98 14.33 20.35
N ILE F 60 13.61 13.80 21.41
CA ILE F 60 15.06 13.84 21.58
C ILE F 60 15.57 12.41 21.48
N GLY F 61 16.89 12.24 21.56
CA GLY F 61 17.50 10.93 21.34
C GLY F 61 17.01 9.81 22.24
N THR F 62 17.27 9.89 23.54
CA THR F 62 16.96 8.82 24.46
C THR F 62 16.06 9.34 25.58
N GLN F 63 15.73 8.44 26.51
CA GLN F 63 14.88 8.78 27.65
C GLN F 63 15.65 8.85 28.97
N ILE F 64 16.91 8.44 28.99
CA ILE F 64 17.75 8.58 30.17
C ILE F 64 19.11 9.09 29.76
N SER F 65 19.72 9.90 30.63
CA SER F 65 21.07 10.42 30.39
C SER F 65 21.77 10.54 31.73
N CYS F 66 22.90 9.87 31.88
CA CYS F 66 23.66 9.86 33.11
C CYS F 66 25.01 10.54 32.89
N PHE F 67 25.45 11.31 33.88
CA PHE F 67 26.70 12.06 33.79
C PHE F 67 27.83 11.21 34.34
N SER F 68 28.68 10.72 33.45
CA SER F 68 29.84 9.91 33.74
C SER F 68 31.12 10.73 33.59
N PRO F 69 32.16 10.39 34.36
CA PRO F 69 33.38 11.20 34.32
C PRO F 69 34.02 11.22 32.93
N SER F 70 34.84 12.25 32.71
CA SER F 70 35.45 12.44 31.40
C SER F 70 36.42 11.32 31.05
N SER F 71 37.01 10.67 32.07
CA SER F 71 37.91 9.56 31.81
C SER F 71 37.21 8.35 31.22
N PHE F 72 35.89 8.24 31.43
CA PHE F 72 35.14 7.13 30.86
C PHE F 72 35.17 7.20 29.34
N SER F 73 35.23 6.03 28.70
CA SER F 73 35.14 5.96 27.26
C SER F 73 33.67 6.08 26.84
N ARG F 74 33.42 5.98 25.54
CA ARG F 74 32.04 6.05 25.05
C ARG F 74 31.29 4.75 25.20
N ASP F 75 31.96 3.65 25.58
CA ASP F 75 31.30 2.40 25.88
C ASP F 75 31.06 2.20 27.36
N GLN F 76 31.85 2.85 28.22
CA GLN F 76 31.55 2.84 29.65
C GLN F 76 30.41 3.78 29.98
N ALA F 77 30.35 4.93 29.30
CA ALA F 77 29.22 5.83 29.48
C ALA F 77 27.93 5.22 28.98
N ALA F 78 27.98 4.50 27.85
CA ALA F 78 26.82 3.79 27.36
C ALA F 78 26.40 2.70 28.33
N PHE F 79 27.37 2.01 28.93
CA PHE F 79 27.05 1.01 29.95
C PHE F 79 26.38 1.65 31.15
N VAL F 80 26.87 2.81 31.57
CA VAL F 80 26.26 3.50 32.71
C VAL F 80 24.82 3.87 32.40
N ASP F 81 24.59 4.43 31.20
CA ASP F 81 23.23 4.79 30.80
C ASP F 81 22.32 3.57 30.80
N SER F 82 22.77 2.48 30.17
CA SER F 82 21.94 1.28 30.06
C SER F 82 21.69 0.64 31.43
N TYR F 83 22.73 0.57 32.26
CA TYR F 83 22.57 0.00 33.60
C TYR F 83 21.61 0.81 34.44
N CYS F 84 21.73 2.14 34.41
CA CYS F 84 20.86 2.96 35.25
C CYS F 84 19.46 3.09 34.68
N TRP F 85 19.27 2.82 33.39
CA TRP F 85 17.93 2.71 32.84
C TRP F 85 17.28 1.38 33.21
N ALA F 86 18.06 0.30 33.23
CA ALA F 86 17.53 -1.01 33.57
C ALA F 86 17.29 -1.15 35.07
N ALA F 87 18.16 -0.57 35.89
CA ALA F 87 18.08 -0.65 37.34
C ALA F 87 17.14 0.38 37.92
N VAL F 88 16.27 0.96 37.11
CA VAL F 88 15.23 1.83 37.63
C VAL F 88 14.09 1.04 38.24
N GLN F 89 14.03 -0.27 37.95
CA GLN F 89 13.08 -1.15 38.63
C GLN F 89 13.53 -1.42 40.06
N GLN F 90 14.80 -1.70 40.25
CA GLN F 90 15.32 -2.10 41.56
C GLN F 90 15.74 -0.87 42.35
N LYS F 91 15.22 -0.75 43.57
CA LYS F 91 15.48 0.40 44.42
C LYS F 91 16.66 0.20 45.35
N ASN F 92 17.34 -0.96 45.28
CA ASN F 92 18.50 -1.19 46.13
C ASN F 92 19.76 -0.49 45.62
N SER F 93 19.75 -0.03 44.37
CA SER F 93 20.89 0.67 43.78
C SER F 93 20.69 2.18 43.76
N LEU F 94 19.60 2.64 43.14
CA LEU F 94 19.36 4.08 43.03
C LEU F 94 19.01 4.68 44.38
N GLN F 95 19.31 5.99 44.51
CA GLN F 95 18.99 6.76 45.71
C GLN F 95 18.23 8.01 45.27
N SER F 96 16.92 7.87 45.13
CA SER F 96 16.06 8.97 44.73
C SER F 96 15.44 9.62 45.97
N GLU F 97 14.72 10.72 45.75
CA GLU F 97 14.09 11.47 46.83
C GLU F 97 12.59 11.27 46.93
N SER F 98 11.92 10.95 45.81
CA SER F 98 10.48 10.74 45.81
C SER F 98 10.09 9.27 45.76
N GLY F 99 11.04 8.37 45.96
CA GLY F 99 10.78 6.95 45.90
C GLY F 99 10.89 6.39 44.49
N ASN F 100 10.83 5.06 44.42
CA ASN F 100 10.97 4.37 43.14
C ASN F 100 9.67 4.32 42.34
N LEU F 101 8.53 4.58 42.99
CA LEU F 101 7.26 4.59 42.26
C LEU F 101 7.22 5.63 41.16
N PRO F 102 7.62 6.89 41.38
CA PRO F 102 7.64 7.83 40.25
C PRO F 102 8.52 7.38 39.10
N LEU F 103 9.68 6.77 39.40
CA LEU F 103 10.54 6.29 38.33
C LEU F 103 9.90 5.14 37.56
N TRP F 104 9.22 4.24 38.29
CA TRP F 104 8.44 3.19 37.65
C TRP F 104 7.44 3.78 36.68
N LEU F 105 6.71 4.81 37.13
CA LEU F 105 5.72 5.44 36.27
C LEU F 105 6.39 6.10 35.06
N HIS F 106 7.53 6.75 35.27
CA HIS F 106 8.22 7.43 34.17
C HIS F 106 8.67 6.47 33.09
N LYS F 107 9.14 5.27 33.49
CA LYS F 107 9.62 4.32 32.50
C LYS F 107 8.48 3.74 31.67
N PHE F 108 7.32 3.49 32.30
CA PHE F 108 6.25 2.73 31.67
C PHE F 108 5.00 3.56 31.41
N PHE F 109 5.16 4.86 31.14
CA PHE F 109 3.99 5.68 30.84
C PHE F 109 3.28 5.27 29.56
N PRO F 110 3.96 5.09 28.42
CA PRO F 110 3.22 4.67 27.21
C PRO F 110 2.53 3.34 27.35
N TYR F 111 3.11 2.40 28.10
CA TYR F 111 2.46 1.10 28.29
C TYR F 111 1.16 1.26 29.05
N ILE F 112 1.15 2.12 30.09
CA ILE F 112 -0.08 2.35 30.83
C ILE F 112 -1.11 3.06 29.97
N LEU F 113 -0.67 4.01 29.14
CA LEU F 113 -1.62 4.67 28.23
C LEU F 113 -2.24 3.67 27.26
N LEU F 114 -1.43 2.77 26.70
CA LEU F 114 -1.95 1.76 25.79
C LEU F 114 -2.90 0.80 26.49
N LEU F 115 -2.57 0.41 27.73
CA LEU F 115 -3.46 -0.44 28.49
C LEU F 115 -4.80 0.24 28.73
N PHE F 116 -4.78 1.53 29.07
CA PHE F 116 -6.04 2.27 29.23
C PHE F 116 -6.82 2.32 27.93
N ALA F 117 -6.13 2.54 26.81
CA ALA F 117 -6.82 2.59 25.53
C ALA F 117 -7.50 1.27 25.21
N ILE F 118 -6.81 0.15 25.46
CA ILE F 118 -7.39 -1.15 25.20
C ILE F 118 -8.57 -1.42 26.13
N LEU F 119 -8.44 -1.02 27.40
CA LEU F 119 -9.54 -1.21 28.34
C LEU F 119 -10.76 -0.39 27.95
N LEU F 120 -10.56 0.79 27.36
CA LEU F 120 -11.70 1.54 26.82
C LEU F 120 -12.26 0.88 25.58
N TYR F 121 -11.41 0.34 24.71
CA TYR F 121 -11.89 -0.19 23.44
C TYR F 121 -12.61 -1.53 23.58
N LEU F 122 -12.30 -2.30 24.62
CA LEU F 122 -12.89 -3.63 24.74
C LEU F 122 -14.42 -3.63 24.86
N PRO F 123 -15.05 -2.80 25.71
CA PRO F 123 -16.51 -2.87 25.86
C PRO F 123 -17.26 -2.61 24.56
N PRO F 124 -16.81 -1.68 23.70
CA PRO F 124 -17.42 -1.61 22.37
C PRO F 124 -17.36 -2.92 21.60
N LEU F 125 -16.23 -3.63 21.68
CA LEU F 125 -16.14 -4.91 21.00
C LEU F 125 -17.10 -5.93 21.60
N PHE F 126 -17.24 -5.93 22.93
CA PHE F 126 -18.22 -6.82 23.57
C PHE F 126 -19.63 -6.51 23.08
N TRP F 127 -20.01 -5.22 23.10
CA TRP F 127 -21.34 -4.84 22.67
C TRP F 127 -21.59 -5.22 21.22
N ARG F 128 -20.61 -4.96 20.35
CA ARG F 128 -20.74 -5.35 18.95
C ARG F 128 -20.95 -6.86 18.82
N PHE F 129 -19.97 -7.64 19.29
CA PHE F 129 -19.99 -9.08 19.09
C PHE F 129 -21.17 -9.75 19.78
N ALA F 130 -21.78 -9.11 20.78
CA ALA F 130 -22.88 -9.74 21.50
C ALA F 130 -24.26 -9.16 21.17
N ALA F 131 -24.34 -8.04 20.45
CA ALA F 131 -25.65 -7.47 20.17
C ALA F 131 -25.79 -6.90 18.77
N ALA F 132 -24.85 -7.16 17.84
CA ALA F 132 -25.04 -6.68 16.47
C ALA F 132 -26.21 -7.38 15.79
N PRO F 133 -26.27 -8.71 15.71
CA PRO F 133 -27.45 -9.32 15.08
C PRO F 133 -28.69 -9.23 15.95
N HIS F 134 -28.54 -9.30 17.27
CA HIS F 134 -29.70 -9.26 18.16
C HIS F 134 -30.44 -7.94 18.06
N ILE F 135 -29.78 -6.89 17.60
CA ILE F 135 -30.45 -5.60 17.43
C ILE F 135 -30.77 -5.40 15.96
N CYS F 136 -29.93 -5.95 15.07
CA CYS F 136 -30.16 -5.78 13.64
C CYS F 136 -31.43 -6.47 13.19
N SER F 137 -31.64 -7.72 13.61
CA SER F 137 -32.82 -8.46 13.20
C SER F 137 -34.09 -7.79 13.71
N ASP F 138 -34.09 -7.39 14.99
CA ASP F 138 -35.28 -6.73 15.56
C ASP F 138 -35.57 -5.41 14.86
N LEU F 139 -34.52 -4.62 14.58
CA LEU F 139 -34.71 -3.35 13.91
C LEU F 139 -35.29 -3.55 12.50
N LYS F 140 -34.73 -4.51 11.76
CA LYS F 140 -35.24 -4.76 10.41
C LYS F 140 -36.68 -5.25 10.45
N PHE F 141 -37.01 -6.13 11.40
CA PHE F 141 -38.37 -6.62 11.51
C PHE F 141 -39.34 -5.49 11.83
N ILE F 142 -38.97 -4.60 12.75
CA ILE F 142 -39.86 -3.50 13.10
C ILE F 142 -40.02 -2.53 11.94
N MET F 143 -38.93 -2.27 11.21
CA MET F 143 -39.02 -1.40 10.04
C MET F 143 -39.93 -1.99 8.98
N GLU F 144 -39.82 -3.30 8.73
CA GLU F 144 -40.68 -3.95 7.75
C GLU F 144 -42.14 -3.93 8.21
N GLU F 145 -42.37 -4.13 9.50
CA GLU F 145 -43.75 -4.07 10.01
C GLU F 145 -44.35 -2.68 9.83
N LEU F 146 -43.57 -1.64 10.12
CA LEU F 146 -44.06 -0.28 9.93
C LEU F 146 -44.33 0.02 8.46
N ASP F 147 -43.43 -0.43 7.58
CA ASP F 147 -43.65 -0.25 6.14
C ASP F 147 -44.90 -0.96 5.67
N LYS F 148 -45.13 -2.18 6.15
CA LYS F 148 -46.33 -2.91 5.77
C LYS F 148 -47.59 -2.22 6.28
N VAL F 149 -47.55 -1.69 7.51
CA VAL F 149 -48.70 -0.97 8.05
C VAL F 149 -49.00 0.26 7.21
N TYR F 150 -47.96 1.02 6.84
CA TYR F 150 -48.18 2.19 6.01
C TYR F 150 -48.73 1.82 4.64
N ASN F 151 -48.21 0.75 4.04
CA ASN F 151 -48.70 0.31 2.74
C ASN F 151 -50.15 -0.12 2.82
N ARG F 152 -50.52 -0.85 3.87
CA ARG F 152 -51.91 -1.28 4.04
C ARG F 152 -52.82 -0.08 4.21
N ALA F 153 -52.40 0.92 5.00
CA ALA F 153 -53.21 2.12 5.16
C ALA F 153 -53.36 2.87 3.84
N ILE F 154 -52.28 2.94 3.05
CA ILE F 154 -52.34 3.64 1.77
C ILE F 154 -53.26 2.92 0.79
N LYS F 155 -53.20 1.60 0.74
CA LYS F 155 -53.99 0.81 -0.18
C LYS F 155 -55.39 0.53 0.33
N ALA F 156 -55.72 0.91 1.57
CA ALA F 156 -57.04 0.70 2.13
C ALA F 156 -57.93 1.93 2.04
N ALA F 157 -57.38 3.12 2.28
CA ALA F 157 -58.18 4.34 2.21
C ALA F 157 -58.66 4.60 0.79
N LYS F 158 -57.81 4.35 -0.20
CA LYS F 158 -58.18 4.55 -1.60
C LYS F 158 -59.17 3.49 -2.07
N PRO F 194 -52.15 -5.19 14.43
CA PRO F 194 -51.18 -4.46 15.25
C PRO F 194 -50.10 -5.37 15.82
N ILE F 195 -49.35 -6.03 14.95
CA ILE F 195 -48.28 -6.91 15.41
C ILE F 195 -47.19 -6.13 16.12
N VAL F 196 -46.84 -4.95 15.59
CA VAL F 196 -45.73 -4.18 16.14
C VAL F 196 -46.06 -3.68 17.54
N GLU F 197 -47.31 -3.27 17.78
CA GLU F 197 -47.70 -2.81 19.11
C GLU F 197 -47.60 -3.94 20.13
N GLN F 198 -48.06 -5.14 19.76
CA GLN F 198 -47.93 -6.28 20.66
C GLN F 198 -46.48 -6.67 20.88
N TYR F 199 -45.63 -6.54 19.86
CA TYR F 199 -44.21 -6.79 20.04
C TYR F 199 -43.59 -5.78 21.01
N LEU F 200 -44.01 -4.52 20.92
CA LEU F 200 -43.54 -3.51 21.87
C LEU F 200 -43.99 -3.86 23.29
N LYS F 201 -45.24 -4.30 23.43
CA LYS F 201 -45.71 -4.72 24.75
C LYS F 201 -44.90 -5.88 25.29
N THR F 202 -44.55 -6.83 24.42
CA THR F 202 -43.70 -7.95 24.83
C THR F 202 -42.31 -7.46 25.27
N LYS F 203 -41.72 -6.55 24.49
CA LYS F 203 -40.40 -6.02 24.82
C LYS F 203 -40.42 -5.23 26.12
N LYS F 204 -41.58 -4.69 26.49
CA LYS F 204 -41.68 -3.92 27.74
C LYS F 204 -41.34 -4.81 28.94
N ASN F 205 -41.81 -6.06 28.93
CA ASN F 205 -41.57 -6.94 30.08
C ASN F 205 -40.13 -7.44 30.11
N SER F 206 -39.54 -7.70 28.95
CA SER F 206 -38.20 -8.29 28.87
C SER F 206 -37.17 -7.23 29.27
N ASN F 207 -36.68 -7.32 30.50
CA ASN F 207 -35.66 -6.41 31.01
C ASN F 207 -34.29 -7.09 30.96
N ASN F 208 -33.76 -7.22 29.75
CA ASN F 208 -32.48 -7.89 29.55
C ASN F 208 -31.44 -7.00 28.88
N LEU F 209 -31.78 -6.36 27.75
CA LEU F 209 -30.77 -5.66 26.97
C LEU F 209 -30.37 -4.32 27.58
N ILE F 210 -31.31 -3.60 28.19
CA ILE F 210 -30.98 -2.33 28.83
C ILE F 210 -30.03 -2.57 30.00
N ILE F 211 -30.17 -3.70 30.68
CA ILE F 211 -29.24 -4.04 31.76
C ILE F 211 -27.82 -4.16 31.22
N LYS F 212 -27.66 -4.85 30.09
CA LYS F 212 -26.35 -4.97 29.47
C LYS F 212 -25.82 -3.60 29.03
N TYR F 213 -26.68 -2.78 28.45
CA TYR F 213 -26.27 -1.44 28.01
C TYR F 213 -25.76 -0.61 29.18
N ILE F 214 -26.55 -0.53 30.26
CA ILE F 214 -26.14 0.28 31.39
C ILE F 214 -24.92 -0.33 32.09
N SER F 215 -24.78 -1.66 32.06
CA SER F 215 -23.58 -2.27 32.63
C SER F 215 -22.33 -1.88 31.86
N CYS F 216 -22.41 -1.93 30.52
CA CYS F 216 -21.26 -1.52 29.72
C CYS F 216 -20.93 -0.05 29.92
N ARG F 217 -21.96 0.81 29.94
CA ARG F 217 -21.72 2.23 30.18
C ARG F 217 -21.13 2.47 31.56
N LEU F 218 -21.63 1.76 32.57
CA LEU F 218 -21.11 1.92 33.93
C LEU F 218 -19.65 1.49 34.03
N LEU F 219 -19.30 0.38 33.39
CA LEU F 219 -17.91 -0.08 33.49
C LEU F 219 -16.98 0.84 32.69
N THR F 220 -17.45 1.38 31.57
CA THR F 220 -16.65 2.37 30.85
C THR F 220 -16.47 3.63 31.69
N LEU F 221 -17.52 4.06 32.39
CA LEU F 221 -17.40 5.21 33.29
C LEU F 221 -16.40 4.93 34.40
N ILE F 222 -16.41 3.71 34.95
CA ILE F 222 -15.47 3.36 36.01
C ILE F 222 -14.05 3.37 35.48
N ILE F 223 -13.83 2.84 34.28
CA ILE F 223 -12.49 2.86 33.68
C ILE F 223 -12.03 4.30 33.45
N ILE F 224 -12.93 5.15 32.93
CA ILE F 224 -12.58 6.55 32.72
C ILE F 224 -12.23 7.22 34.05
N LEU F 225 -12.99 6.93 35.10
CA LEU F 225 -12.73 7.54 36.39
C LEU F 225 -11.38 7.09 36.96
N LEU F 226 -11.06 5.81 36.84
CA LEU F 226 -9.78 5.34 37.37
C LEU F 226 -8.62 5.87 36.54
N ALA F 227 -8.80 6.00 35.23
CA ALA F 227 -7.77 6.62 34.40
C ALA F 227 -7.57 8.09 34.78
N CYS F 228 -8.66 8.79 35.07
CA CYS F 228 -8.56 10.16 35.54
C CYS F 228 -7.79 10.24 36.84
N ILE F 229 -8.08 9.34 37.79
CA ILE F 229 -7.37 9.33 39.06
C ILE F 229 -5.89 9.08 38.84
N TYR F 230 -5.55 8.08 38.02
CA TYR F 230 -4.15 7.77 37.77
C TYR F 230 -3.42 8.92 37.12
N LEU F 231 -4.02 9.56 36.11
CA LEU F 231 -3.35 10.65 35.41
C LEU F 231 -3.23 11.88 36.29
N GLY F 232 -4.23 12.15 37.13
CA GLY F 232 -4.12 13.26 38.06
C GLY F 232 -3.03 13.03 39.10
N TYR F 233 -2.86 11.77 39.52
CA TYR F 233 -1.78 11.47 40.46
C TYR F 233 -0.42 11.57 39.77
N TYR F 234 -0.32 11.08 38.54
CA TYR F 234 0.94 11.12 37.81
C TYR F 234 1.37 12.55 37.52
N PHE F 235 0.42 13.41 37.12
CA PHE F 235 0.77 14.80 36.83
C PHE F 235 1.20 15.54 38.09
N SER F 236 0.71 15.14 39.25
CA SER F 236 1.04 15.83 40.49
C SER F 236 2.44 15.54 40.99
N LEU F 237 3.27 14.86 40.21
CA LEU F 237 4.63 14.56 40.65
C LEU F 237 5.46 15.84 40.69
N SER F 238 6.56 15.78 41.44
CA SER F 238 7.34 16.96 41.79
C SER F 238 8.00 17.64 40.60
N SER F 239 8.05 16.98 39.44
CA SER F 239 8.75 17.41 38.23
C SER F 239 10.26 17.41 38.41
N LEU F 240 10.76 17.14 39.62
CA LEU F 240 12.15 16.83 39.84
C LEU F 240 12.38 15.34 40.07
N SER F 241 11.33 14.53 40.00
CA SER F 241 11.45 13.09 40.07
C SER F 241 12.07 12.49 38.81
N ASP F 242 12.24 13.28 37.76
CA ASP F 242 12.87 12.79 36.54
C ASP F 242 14.37 12.61 36.69
N GLU F 243 14.96 13.08 37.78
CA GLU F 243 16.37 12.90 38.03
C GLU F 243 16.58 12.09 39.31
N PHE F 244 17.65 11.29 39.31
CA PHE F 244 17.95 10.42 40.44
C PHE F 244 19.45 10.14 40.44
N VAL F 245 19.87 9.36 41.43
CA VAL F 245 21.28 9.02 41.64
C VAL F 245 21.39 7.50 41.56
N CYS F 246 22.07 7.02 40.52
CA CYS F 246 22.25 5.60 40.28
C CYS F 246 23.65 5.19 40.73
N SER F 247 23.96 3.90 40.60
CA SER F 247 25.25 3.38 41.01
C SER F 247 25.51 2.04 40.34
N ILE F 248 26.63 1.93 39.63
CA ILE F 248 27.01 0.65 39.03
C ILE F 248 28.05 -0.01 39.92
N LYS F 249 27.59 -0.77 40.91
CA LYS F 249 28.49 -1.41 41.87
C LYS F 249 27.99 -2.81 42.21
N SER F 250 27.58 -3.57 41.19
CA SER F 250 27.08 -4.92 41.37
C SER F 250 28.10 -5.91 40.82
N GLY F 251 28.42 -6.93 41.62
CA GLY F 251 29.35 -7.95 41.18
C GLY F 251 30.80 -7.54 41.29
N ILE F 252 31.58 -7.82 40.25
CA ILE F 252 33.00 -7.52 40.26
C ILE F 252 33.30 -6.03 40.24
N LEU F 253 32.30 -5.20 39.96
CA LEU F 253 32.48 -3.76 39.97
C LEU F 253 32.45 -3.16 41.38
N ARG F 254 32.11 -3.96 42.39
CA ARG F 254 31.95 -3.43 43.74
C ARG F 254 33.28 -3.07 44.38
N ASN F 255 34.36 -3.75 43.98
CA ASN F 255 35.63 -3.62 44.68
C ASN F 255 36.59 -2.63 44.03
N ASP F 256 36.52 -2.44 42.72
CA ASP F 256 37.47 -1.55 42.07
C ASP F 256 37.17 -0.09 42.38
N SER F 257 38.20 0.75 42.27
CA SER F 257 38.11 2.16 42.61
C SER F 257 38.20 3.06 41.38
N THR F 258 38.16 2.50 40.17
CA THR F 258 38.23 3.31 38.97
C THR F 258 36.87 3.88 38.55
N VAL F 259 35.80 3.52 39.25
CA VAL F 259 34.47 4.01 38.93
C VAL F 259 33.96 4.87 40.08
N PRO F 260 33.28 5.98 39.81
CA PRO F 260 32.68 6.75 40.91
C PRO F 260 31.55 5.98 41.55
N ASP F 261 31.34 6.27 42.83
CA ASP F 261 30.33 5.53 43.60
C ASP F 261 28.93 5.74 43.03
N GLN F 262 28.61 6.96 42.63
CA GLN F 262 27.25 7.29 42.21
C GLN F 262 27.29 8.16 40.97
N PHE F 263 26.28 7.99 40.12
CA PHE F 263 26.11 8.75 38.89
C PHE F 263 24.81 9.53 38.93
N GLN F 264 24.85 10.76 38.43
CA GLN F 264 23.66 11.60 38.38
C GLN F 264 22.94 11.33 37.06
N CYS F 265 21.75 10.76 37.13
CA CYS F 265 20.97 10.41 35.95
C CYS F 265 19.72 11.28 35.87
N LYS F 266 19.27 11.52 34.66
CA LYS F 266 18.05 12.28 34.42
C LYS F 266 17.19 11.52 33.42
N LEU F 267 15.91 11.39 33.73
CA LEU F 267 14.93 10.74 32.85
C LEU F 267 14.39 11.81 31.91
N ILE F 268 14.88 11.80 30.66
CA ILE F 268 14.36 12.75 29.68
C ILE F 268 12.95 12.34 29.27
N ALA F 269 12.25 13.27 28.61
CA ALA F 269 10.89 13.05 28.12
C ALA F 269 9.92 12.76 29.26
N VAL F 270 10.05 13.52 30.35
CA VAL F 270 9.11 13.46 31.46
C VAL F 270 8.18 14.67 31.46
N GLY F 271 8.71 15.85 31.14
CA GLY F 271 7.84 17.01 30.98
C GLY F 271 6.84 16.82 29.87
N ILE F 272 7.27 16.20 28.76
CA ILE F 272 6.33 15.85 27.70
C ILE F 272 5.29 14.86 28.21
N PHE F 273 5.73 13.89 29.01
CA PHE F 273 4.80 12.91 29.58
C PHE F 273 3.78 13.59 30.48
N GLN F 274 4.23 14.55 31.30
CA GLN F 274 3.30 15.24 32.19
C GLN F 274 2.34 16.12 31.41
N LEU F 275 2.81 16.74 30.33
CA LEU F 275 1.92 17.52 29.47
C LEU F 275 0.84 16.63 28.86
N LEU F 276 1.24 15.48 28.33
CA LEU F 276 0.26 14.56 27.76
C LEU F 276 -0.70 14.05 28.83
N SER F 277 -0.20 13.81 30.04
CA SER F 277 -1.05 13.35 31.12
C SER F 277 -2.10 14.41 31.47
N VAL F 278 -1.70 15.68 31.54
CA VAL F 278 -2.68 16.71 31.88
C VAL F 278 -3.68 16.90 30.75
N ILE F 279 -3.25 16.76 29.49
CA ILE F 279 -4.18 16.85 28.37
C ILE F 279 -5.22 15.73 28.46
N ASN F 280 -4.75 14.51 28.67
CA ASN F 280 -5.65 13.37 28.77
C ASN F 280 -6.60 13.52 29.95
N LEU F 281 -6.08 13.99 31.09
CA LEU F 281 -6.92 14.16 32.27
C LEU F 281 -8.01 15.19 32.04
N VAL F 282 -7.67 16.32 31.41
CA VAL F 282 -8.67 17.35 31.20
C VAL F 282 -9.72 16.89 30.18
N VAL F 283 -9.28 16.16 29.14
CA VAL F 283 -10.26 15.68 28.16
C VAL F 283 -11.19 14.65 28.79
N TYR F 284 -10.65 13.72 29.58
CA TYR F 284 -11.49 12.72 30.23
C TYR F 284 -12.41 13.35 31.27
N VAL F 285 -11.96 14.40 31.95
CA VAL F 285 -12.82 15.12 32.88
C VAL F 285 -13.99 15.76 32.14
N LEU F 286 -13.71 16.36 30.97
CA LEU F 286 -14.79 16.90 30.16
C LEU F 286 -15.73 15.80 29.69
N LEU F 287 -15.18 14.64 29.34
CA LEU F 287 -15.97 13.56 28.73
C LEU F 287 -16.84 12.82 29.75
N ALA F 288 -16.42 12.74 31.01
CA ALA F 288 -17.16 11.95 31.99
C ALA F 288 -18.62 12.37 32.15
N PRO F 289 -18.99 13.65 32.22
CA PRO F 289 -20.41 13.99 32.29
C PRO F 289 -21.22 13.48 31.13
N VAL F 290 -20.62 13.34 29.95
CA VAL F 290 -21.35 12.81 28.79
C VAL F 290 -21.79 11.37 29.08
N VAL F 291 -20.88 10.54 29.58
CA VAL F 291 -21.24 9.17 29.92
C VAL F 291 -22.22 9.14 31.09
N VAL F 292 -22.06 10.05 32.03
CA VAL F 292 -22.98 10.11 33.18
C VAL F 292 -24.41 10.38 32.69
N TYR F 293 -24.56 11.34 31.78
CA TYR F 293 -25.87 11.61 31.18
C TYR F 293 -26.35 10.43 30.36
N THR F 294 -25.45 9.78 29.61
CA THR F 294 -25.82 8.63 28.81
C THR F 294 -26.37 7.50 29.67
N LEU F 295 -25.92 7.41 30.93
CA LEU F 295 -26.41 6.36 31.83
C LEU F 295 -27.92 6.44 31.99
N PHE F 296 -28.49 7.64 31.94
CA PHE F 296 -29.94 7.82 32.12
C PHE F 296 -30.64 7.56 30.78
N VAL F 297 -30.85 6.27 30.50
CA VAL F 297 -31.47 5.88 29.24
C VAL F 297 -32.90 6.41 29.10
N PRO F 298 -33.79 6.25 30.09
CA PRO F 298 -35.18 6.73 29.89
C PRO F 298 -35.28 8.21 29.63
N PHE F 299 -34.42 9.03 30.24
CA PHE F 299 -34.52 10.47 30.05
C PHE F 299 -34.07 10.90 28.66
N ARG F 300 -33.24 10.09 28.01
CA ARG F 300 -32.76 10.46 26.67
C ARG F 300 -33.87 10.45 25.65
N GLN F 301 -34.79 9.49 25.74
CA GLN F 301 -35.81 9.31 24.72
C GLN F 301 -36.80 10.46 24.73
N LYS F 302 -37.05 11.02 23.55
CA LYS F 302 -38.14 11.99 23.36
C LYS F 302 -39.31 11.24 22.77
N THR F 303 -40.34 11.00 23.60
CA THR F 303 -41.48 10.16 23.21
C THR F 303 -42.35 10.91 22.21
N ASP F 304 -41.84 11.02 20.98
CA ASP F 304 -42.59 11.65 19.90
C ASP F 304 -42.47 10.92 18.58
N VAL F 305 -41.69 9.83 18.51
CA VAL F 305 -41.52 9.10 17.25
C VAL F 305 -42.69 8.19 16.95
N LEU F 306 -43.53 7.89 17.93
CA LEU F 306 -44.70 7.04 17.73
C LEU F 306 -46.02 7.80 17.72
N LYS F 307 -46.08 8.97 18.36
CA LYS F 307 -47.31 9.74 18.35
C LYS F 307 -47.68 10.22 16.95
N VAL F 308 -46.68 10.35 16.07
CA VAL F 308 -46.97 10.69 14.68
C VAL F 308 -47.67 9.54 13.99
N TYR F 309 -47.25 8.30 14.29
CA TYR F 309 -47.84 7.13 13.66
C TYR F 309 -49.27 6.86 14.12
N GLU F 310 -49.67 7.43 15.27
CA GLU F 310 -51.01 7.19 15.79
C GLU F 310 -52.10 7.82 14.94
N ILE F 311 -51.75 8.74 14.04
CA ILE F 311 -52.74 9.29 13.12
C ILE F 311 -53.27 8.21 12.20
N LEU F 312 -52.43 7.25 11.82
CA LEU F 312 -52.85 6.18 10.94
C LEU F 312 -53.94 5.34 11.60
N PRO F 313 -54.99 4.97 10.87
CA PRO F 313 -56.07 4.19 11.48
C PRO F 313 -55.70 2.73 11.72
N THR F 314 -54.95 2.15 10.78
CA THR F 314 -54.55 0.75 10.91
C THR F 314 -53.62 0.55 12.10
N PHE F 315 -52.69 1.46 12.31
CA PHE F 315 -51.78 1.37 13.44
C PHE F 315 -52.53 1.53 14.76
N ASP F 316 -52.07 0.81 15.78
CA ASP F 316 -52.72 0.83 17.07
C ASP F 316 -52.58 2.21 17.71
N VAL F 317 -53.71 2.86 17.98
CA VAL F 317 -53.67 4.20 18.57
C VAL F 317 -53.19 4.12 20.01
N LEU F 318 -52.79 5.29 20.53
CA LEU F 318 -52.29 5.44 21.90
C LEU F 318 -51.08 4.51 22.14
N HIS F 319 -50.03 4.76 21.36
CA HIS F 319 -48.81 3.97 21.49
C HIS F 319 -48.12 4.25 22.82
N PHE F 320 -47.51 3.21 23.38
CA PHE F 320 -46.83 3.34 24.65
C PHE F 320 -45.54 4.14 24.50
N LYS F 321 -45.16 4.85 25.55
CA LYS F 321 -43.95 5.66 25.56
C LYS F 321 -42.76 4.79 25.97
N SER F 322 -41.61 5.42 26.20
CA SER F 322 -40.38 4.72 26.52
C SER F 322 -40.13 4.59 28.02
N GLU F 323 -40.97 5.20 28.86
CA GLU F 323 -40.73 5.17 30.30
C GLU F 323 -40.92 3.77 30.85
N GLY F 324 -40.21 3.46 31.93
CA GLY F 324 -40.32 2.17 32.58
C GLY F 324 -39.01 1.51 32.89
N TYR F 325 -37.92 2.00 32.26
CA TYR F 325 -36.58 1.45 32.44
C TYR F 325 -36.52 -0.03 32.07
N ASN F 326 -36.88 -0.31 30.82
CA ASN F 326 -36.87 -1.66 30.29
C ASN F 326 -36.14 -1.71 28.96
N ASP F 327 -36.17 -2.85 28.27
CA ASP F 327 -35.61 -2.91 26.93
C ASP F 327 -36.41 -2.07 25.94
N LEU F 328 -37.65 -1.72 26.29
CA LEU F 328 -38.44 -0.85 25.42
C LEU F 328 -37.79 0.52 25.29
N SER F 329 -37.21 1.04 26.37
CA SER F 329 -36.52 2.31 26.30
C SER F 329 -35.32 2.24 25.37
N LEU F 330 -34.54 1.16 25.45
CA LEU F 330 -33.40 1.00 24.55
C LEU F 330 -33.84 0.88 23.11
N TYR F 331 -34.93 0.15 22.85
CA TYR F 331 -35.42 0.01 21.49
C TYR F 331 -35.95 1.34 20.96
N ASN F 332 -36.58 2.14 21.83
CA ASN F 332 -36.97 3.49 21.42
C ASN F 332 -35.76 4.33 21.07
N LEU F 333 -34.70 4.27 21.90
CA LEU F 333 -33.49 5.03 21.62
C LEU F 333 -32.89 4.63 20.29
N PHE F 334 -32.84 3.33 20.01
CA PHE F 334 -32.31 2.88 18.73
C PHE F 334 -33.24 3.24 17.57
N LEU F 335 -34.54 3.37 17.85
CA LEU F 335 -35.49 3.74 16.80
C LEU F 335 -35.35 5.19 16.39
N GLU F 336 -35.25 6.10 17.37
CA GLU F 336 -35.22 7.53 17.04
C GLU F 336 -34.07 7.87 16.08
N GLU F 337 -32.97 7.13 16.14
CA GLU F 337 -31.87 7.37 15.22
C GLU F 337 -32.16 6.83 13.82
N ASN F 338 -32.87 5.70 13.72
CA ASN F 338 -33.05 5.02 12.45
C ASN F 338 -34.38 5.30 11.76
N ILE F 339 -35.37 5.80 12.50
CA ILE F 339 -36.67 6.08 11.89
C ILE F 339 -36.55 7.17 10.82
N SER F 340 -35.59 8.08 10.97
CA SER F 340 -35.41 9.14 9.99
C SER F 340 -35.03 8.59 8.62
N GLU F 341 -34.56 7.34 8.56
CA GLU F 341 -34.18 6.70 7.33
C GLU F 341 -35.32 5.93 6.67
N VAL F 342 -36.52 5.99 7.26
CA VAL F 342 -37.70 5.29 6.74
C VAL F 342 -38.45 6.26 5.83
N LYS F 343 -38.80 5.79 4.62
CA LYS F 343 -39.48 6.64 3.66
C LYS F 343 -40.86 7.06 4.14
N SER F 344 -41.60 6.16 4.79
CA SER F 344 -42.94 6.48 5.24
C SER F 344 -42.95 7.51 6.35
N TYR F 345 -41.84 7.65 7.07
CA TYR F 345 -41.81 8.52 8.25
C TYR F 345 -42.09 9.97 7.87
N LYS F 346 -41.35 10.51 6.90
CA LYS F 346 -41.55 11.90 6.51
C LYS F 346 -42.87 12.08 5.76
N CYS F 347 -43.27 11.09 4.97
CA CYS F 347 -44.55 11.13 4.27
C CYS F 347 -45.72 11.17 5.25
N LEU F 348 -45.54 10.67 6.46
CA LEU F 348 -46.55 10.80 7.50
C LEU F 348 -46.38 12.07 8.32
N LYS F 349 -45.13 12.52 8.51
CA LYS F 349 -44.89 13.74 9.26
C LYS F 349 -45.49 14.96 8.56
N VAL F 350 -45.37 15.02 7.24
CA VAL F 350 -45.93 16.15 6.50
C VAL F 350 -47.44 16.23 6.72
N LEU F 351 -48.12 15.09 6.60
CA LEU F 351 -49.56 15.05 6.79
C LEU F 351 -49.94 15.39 8.23
N GLU F 352 -49.21 14.87 9.21
CA GLU F 352 -49.59 15.10 10.60
C GLU F 352 -49.37 16.56 10.99
N ASN F 353 -48.31 17.20 10.50
CA ASN F 353 -48.09 18.60 10.85
C ASN F 353 -49.02 19.53 10.08
N ILE F 354 -49.41 19.18 8.86
CA ILE F 354 -50.31 20.06 8.12
C ILE F 354 -51.78 19.79 8.43
N LYS F 355 -52.09 18.67 9.09
CA LYS F 355 -53.47 18.39 9.47
C LYS F 355 -53.76 18.86 10.89
N ASP F 362 -57.66 15.51 6.17
CA ASP F 362 -56.64 14.49 6.43
C ASP F 362 -56.69 13.30 5.44
N PRO F 363 -57.87 12.69 5.22
CA PRO F 363 -57.93 11.59 4.25
C PRO F 363 -57.52 11.98 2.84
N MET F 364 -57.83 13.21 2.41
CA MET F 364 -57.44 13.65 1.07
C MET F 364 -55.92 13.71 0.93
N LEU F 365 -55.26 14.30 1.92
CA LEU F 365 -53.79 14.35 1.89
C LEU F 365 -53.18 12.97 2.04
N LEU F 366 -53.82 12.09 2.82
CA LEU F 366 -53.32 10.72 2.95
C LEU F 366 -53.40 9.97 1.63
N LEU F 367 -54.49 10.16 0.88
CA LEU F 367 -54.65 9.52 -0.42
C LEU F 367 -53.88 10.22 -1.52
N THR F 368 -53.42 11.45 -1.29
CA THR F 368 -52.65 12.16 -2.30
C THR F 368 -51.33 11.45 -2.58
N ASN F 369 -50.66 10.97 -1.54
CA ASN F 369 -49.39 10.26 -1.71
C ASN F 369 -49.58 8.76 -1.57
N LYS G 26 -26.56 9.93 -1.26
CA LYS G 26 -25.87 9.55 -2.48
C LYS G 26 -26.10 10.60 -3.57
N GLY G 27 -25.02 11.27 -3.98
CA GLY G 27 -25.08 12.29 -5.01
C GLY G 27 -25.38 13.68 -4.50
N LEU G 28 -25.67 13.85 -3.22
CA LEU G 28 -25.95 15.15 -2.64
C LEU G 28 -24.70 15.68 -1.95
N ARG G 29 -24.35 16.94 -2.23
CA ARG G 29 -23.18 17.55 -1.61
C ARG G 29 -23.36 17.68 -0.11
N LEU G 30 -24.56 18.06 0.33
CA LEU G 30 -24.94 18.18 1.75
C LEU G 30 -23.97 19.05 2.55
N GLU G 31 -23.15 19.86 1.86
CA GLU G 31 -22.23 20.76 2.52
C GLU G 31 -21.86 21.86 1.55
N LEU G 32 -21.94 23.11 2.00
CA LEU G 32 -21.70 24.24 1.12
C LEU G 32 -20.24 24.25 0.65
N ALA G 33 -20.04 24.71 -0.58
CA ALA G 33 -18.69 24.78 -1.12
C ALA G 33 -17.81 25.73 -0.33
N VAL G 34 -18.36 26.88 0.07
CA VAL G 34 -17.56 27.86 0.82
C VAL G 34 -17.13 27.28 2.16
N ASP G 35 -18.01 26.54 2.81
CA ASP G 35 -17.70 26.01 4.16
C ASP G 35 -17.12 24.60 4.07
N LYS G 36 -16.70 24.17 2.90
CA LYS G 36 -16.00 22.88 2.74
C LYS G 36 -14.63 23.31 2.30
N MET G 37 -14.54 24.50 1.69
CA MET G 37 -13.23 25.08 1.43
C MET G 37 -12.61 25.67 2.68
N VAL G 38 -13.42 26.35 3.50
CA VAL G 38 -12.91 26.95 4.73
C VAL G 38 -12.38 25.87 5.67
N THR G 39 -13.16 24.80 5.86
CA THR G 39 -12.72 23.71 6.72
C THR G 39 -11.46 23.06 6.16
N CYS G 40 -11.42 22.82 4.85
CA CYS G 40 -10.26 22.18 4.25
C CYS G 40 -9.00 23.02 4.46
N ILE G 41 -9.09 24.33 4.21
CA ILE G 41 -7.92 25.19 4.40
C ILE G 41 -7.51 25.23 5.87
N ALA G 42 -8.48 25.50 6.76
CA ALA G 42 -8.16 25.70 8.16
C ALA G 42 -7.68 24.43 8.85
N VAL G 43 -7.97 23.26 8.30
CA VAL G 43 -7.44 22.04 8.87
C VAL G 43 -6.14 21.61 8.20
N GLY G 44 -6.06 21.71 6.87
CA GLY G 44 -4.87 21.27 6.17
C GLY G 44 -3.65 22.14 6.45
N LEU G 45 -3.84 23.46 6.55
CA LEU G 45 -2.69 24.34 6.69
C LEU G 45 -1.88 24.07 7.95
N PRO G 46 -2.46 23.96 9.15
CA PRO G 46 -1.64 23.56 10.31
C PRO G 46 -0.96 22.22 10.14
N LEU G 47 -1.62 21.25 9.52
CA LEU G 47 -0.97 19.97 9.25
C LEU G 47 0.21 20.14 8.30
N LEU G 48 0.04 20.94 7.25
CA LEU G 48 1.14 21.18 6.32
C LEU G 48 2.30 21.87 7.00
N LEU G 49 2.02 22.86 7.85
CA LEU G 49 3.07 23.56 8.57
C LEU G 49 3.79 22.61 9.54
N ILE G 50 3.04 21.76 10.23
CA ILE G 50 3.65 20.80 11.13
C ILE G 50 4.56 19.84 10.37
N SER G 51 4.10 19.34 9.22
CA SER G 51 4.92 18.43 8.43
C SER G 51 6.15 19.12 7.86
N LEU G 52 6.05 20.40 7.54
CA LEU G 52 7.19 21.13 6.98
C LEU G 52 8.17 21.59 8.05
N ALA G 53 7.72 21.77 9.29
CA ALA G 53 8.58 22.33 10.33
C ALA G 53 9.77 21.43 10.61
N PHE G 54 9.53 20.13 10.69
CA PHE G 54 10.59 19.16 10.99
C PHE G 54 10.64 18.08 9.92
N ALA G 55 10.64 18.52 8.67
CA ALA G 55 10.89 17.63 7.55
C ALA G 55 12.39 17.61 7.27
N GLN G 56 12.96 16.41 7.23
CA GLN G 56 14.40 16.27 7.04
C GLN G 56 14.88 16.78 5.70
N GLU G 57 13.96 17.12 4.79
CA GLU G 57 14.35 17.73 3.52
C GLU G 57 15.04 19.07 3.72
N ILE G 58 14.69 19.81 4.78
CA ILE G 58 15.23 21.15 4.98
C ILE G 58 15.70 21.33 6.42
N SER G 59 15.34 20.42 7.30
CA SER G 59 15.56 20.62 8.73
C SER G 59 17.01 20.35 9.11
N ILE G 60 17.34 20.61 10.37
CA ILE G 60 18.66 20.37 10.94
C ILE G 60 18.54 19.24 11.96
N GLY G 61 19.65 18.82 12.54
CA GLY G 61 19.68 17.67 13.43
C GLY G 61 18.72 17.72 14.61
N THR G 62 18.96 18.64 15.55
CA THR G 62 18.18 18.69 16.78
C THR G 62 17.55 20.08 16.94
N GLN G 63 16.83 20.25 18.05
CA GLN G 63 16.18 21.51 18.35
C GLN G 63 16.85 22.29 19.47
N ILE G 64 17.83 21.71 20.16
CA ILE G 64 18.60 22.43 21.16
C ILE G 64 20.07 22.10 20.98
N SER G 65 20.92 23.08 21.26
CA SER G 65 22.37 22.88 21.19
C SER G 65 23.01 23.73 22.27
N CYS G 66 23.75 23.10 23.17
CA CYS G 66 24.40 23.79 24.29
C CYS G 66 25.91 23.69 24.14
N PHE G 67 26.60 24.79 24.48
CA PHE G 67 28.04 24.87 24.33
C PHE G 67 28.71 24.42 25.62
N SER G 68 29.30 23.24 25.58
CA SER G 68 30.01 22.61 26.68
C SER G 68 31.51 22.69 26.47
N PRO G 69 32.30 22.74 27.54
CA PRO G 69 33.74 22.91 27.40
C PRO G 69 34.37 21.77 26.62
N SER G 70 35.55 22.05 26.07
CA SER G 70 36.24 21.06 25.24
C SER G 70 36.66 19.83 26.03
N SER G 71 36.90 19.99 27.34
CA SER G 71 37.27 18.85 28.17
C SER G 71 36.13 17.84 28.31
N PHE G 72 34.89 18.26 28.11
CA PHE G 72 33.76 17.34 28.18
C PHE G 72 33.87 16.29 27.07
N SER G 73 33.47 15.07 27.41
CA SER G 73 33.40 14.02 26.41
C SER G 73 32.13 14.18 25.58
N ARG G 74 31.91 13.24 24.65
CA ARG G 74 30.71 13.31 23.83
C ARG G 74 29.47 12.78 24.53
N ASP G 75 29.63 12.17 25.70
CA ASP G 75 28.49 11.75 26.51
C ASP G 75 28.13 12.75 27.59
N GLN G 76 29.09 13.57 28.03
CA GLN G 76 28.76 14.67 28.94
C GLN G 76 28.11 15.83 28.19
N ALA G 77 28.55 16.08 26.96
CA ALA G 77 27.89 17.10 26.14
C ALA G 77 26.48 16.69 25.77
N ALA G 78 26.28 15.41 25.46
CA ALA G 78 24.94 14.90 25.20
C ALA G 78 24.07 15.01 26.45
N PHE G 79 24.64 14.73 27.62
CA PHE G 79 23.89 14.91 28.86
C PHE G 79 23.52 16.36 29.07
N VAL G 80 24.43 17.29 28.77
CA VAL G 80 24.11 18.71 28.94
C VAL G 80 22.98 19.11 28.01
N ASP G 81 23.05 18.67 26.74
CA ASP G 81 21.97 18.97 25.80
C ASP G 81 20.63 18.42 26.29
N SER G 82 20.61 17.16 26.69
CA SER G 82 19.37 16.53 27.12
C SER G 82 18.83 17.18 28.39
N TYR G 83 19.71 17.44 29.36
CA TYR G 83 19.28 18.07 30.61
C TYR G 83 18.71 19.46 30.36
N CYS G 84 19.37 20.27 29.52
CA CYS G 84 18.91 21.62 29.31
C CYS G 84 17.70 21.67 28.37
N TRP G 85 17.47 20.62 27.60
CA TRP G 85 16.22 20.52 26.84
C TRP G 85 15.06 20.09 27.74
N ALA G 86 15.32 19.21 28.70
CA ALA G 86 14.28 18.76 29.61
C ALA G 86 13.95 19.80 30.66
N ALA G 87 14.95 20.53 31.14
CA ALA G 87 14.79 21.54 32.18
C ALA G 87 14.34 22.87 31.63
N VAL G 88 13.82 22.89 30.40
CA VAL G 88 13.24 24.11 29.86
C VAL G 88 11.84 24.33 30.44
N GLN G 89 11.25 23.30 31.04
CA GLN G 89 10.00 23.48 31.78
C GLN G 89 10.23 24.21 33.10
N GLN G 90 11.27 23.82 33.82
CA GLN G 90 11.54 24.36 35.16
C GLN G 90 12.40 25.62 35.04
N LYS G 91 11.93 26.70 35.65
CA LYS G 91 12.61 27.99 35.60
C LYS G 91 13.58 28.21 36.75
N ASN G 92 13.71 27.24 37.66
CA ASN G 92 14.64 27.39 38.77
C ASN G 92 16.08 27.14 38.37
N SER G 93 16.31 26.54 37.20
CA SER G 93 17.66 26.26 36.71
C SER G 93 18.11 27.27 35.67
N LEU G 94 17.34 27.42 34.59
CA LEU G 94 17.71 28.32 33.51
C LEU G 94 17.61 29.77 33.95
N GLN G 95 18.41 30.62 33.30
CA GLN G 95 18.40 32.07 33.55
C GLN G 95 18.25 32.76 32.19
N SER G 96 17.01 32.93 31.76
CA SER G 96 16.70 33.57 30.50
C SER G 96 16.36 35.05 30.73
N GLU G 97 16.18 35.78 29.64
CA GLU G 97 15.88 37.21 29.71
C GLU G 97 14.42 37.55 29.43
N SER G 98 13.73 36.73 28.64
CA SER G 98 12.34 36.98 28.30
C SER G 98 11.37 36.09 29.09
N GLY G 99 11.86 35.40 30.11
CA GLY G 99 11.03 34.52 30.90
C GLY G 99 10.93 33.12 30.32
N ASN G 100 10.34 32.22 31.10
CA ASN G 100 10.23 30.83 30.70
C ASN G 100 9.04 30.57 29.77
N LEU G 101 8.11 31.51 29.67
CA LEU G 101 6.98 31.33 28.76
C LEU G 101 7.41 31.22 27.30
N PRO G 102 8.30 32.08 26.77
CA PRO G 102 8.74 31.88 25.38
C PRO G 102 9.41 30.52 25.17
N LEU G 103 10.17 30.03 26.14
CA LEU G 103 10.80 28.73 25.98
C LEU G 103 9.77 27.61 25.98
N TRP G 104 8.75 27.73 26.84
CA TRP G 104 7.63 26.80 26.82
C TRP G 104 6.99 26.76 25.45
N LEU G 105 6.75 27.93 24.86
CA LEU G 105 6.14 27.99 23.53
C LEU G 105 7.07 27.36 22.49
N HIS G 106 8.37 27.62 22.58
CA HIS G 106 9.31 27.10 21.60
C HIS G 106 9.36 25.58 21.62
N LYS G 107 9.28 24.99 22.81
CA LYS G 107 9.36 23.53 22.89
C LYS G 107 8.10 22.86 22.33
N PHE G 108 6.93 23.46 22.54
CA PHE G 108 5.66 22.80 22.25
C PHE G 108 4.88 23.49 21.14
N PHE G 109 5.58 24.09 20.17
CA PHE G 109 4.88 24.72 19.05
C PHE G 109 4.10 23.72 18.19
N PRO G 110 4.68 22.60 17.73
CA PRO G 110 3.89 21.67 16.92
C PRO G 110 2.69 21.10 17.66
N TYR G 111 2.80 20.86 18.97
CA TYR G 111 1.67 20.34 19.72
C TYR G 111 0.52 21.34 19.74
N ILE G 112 0.83 22.63 19.90
CA ILE G 112 -0.22 23.65 19.88
C ILE G 112 -0.83 23.76 18.48
N LEU G 113 0.00 23.65 17.44
CA LEU G 113 -0.55 23.68 16.08
C LEU G 113 -1.50 22.51 15.85
N LEU G 114 -1.12 21.31 16.29
CA LEU G 114 -1.98 20.15 16.13
C LEU G 114 -3.26 20.29 16.94
N LEU G 115 -3.16 20.85 18.15
CA LEU G 115 -4.36 21.08 18.95
C LEU G 115 -5.31 22.04 18.24
N PHE G 116 -4.76 23.11 17.65
CA PHE G 116 -5.61 24.03 16.89
C PHE G 116 -6.25 23.34 15.69
N ALA G 117 -5.48 22.51 15.00
CA ALA G 117 -6.04 21.79 13.85
C ALA G 117 -7.20 20.90 14.26
N ILE G 118 -7.05 20.17 15.38
CA ILE G 118 -8.11 19.30 15.85
C ILE G 118 -9.33 20.11 16.29
N LEU G 119 -9.10 21.25 16.95
CA LEU G 119 -10.20 22.10 17.37
C LEU G 119 -10.96 22.66 16.18
N LEU G 120 -10.26 22.95 15.08
CA LEU G 120 -10.96 23.35 13.86
C LEU G 120 -11.71 22.19 13.24
N TYR G 121 -11.13 20.98 13.25
CA TYR G 121 -11.73 19.86 12.55
C TYR G 121 -12.95 19.29 13.27
N LEU G 122 -13.02 19.46 14.59
CA LEU G 122 -14.13 18.85 15.34
C LEU G 122 -15.51 19.35 14.93
N PRO G 123 -15.77 20.65 14.79
CA PRO G 123 -17.14 21.11 14.47
C PRO G 123 -17.66 20.55 13.15
N PRO G 124 -16.84 20.40 12.11
CA PRO G 124 -17.31 19.65 10.93
C PRO G 124 -17.77 18.25 11.25
N LEU G 125 -17.05 17.55 12.13
CA LEU G 125 -17.47 16.20 12.52
C LEU G 125 -18.79 16.24 13.28
N PHE G 126 -18.97 17.23 14.15
CA PHE G 126 -20.25 17.37 14.85
C PHE G 126 -21.38 17.61 13.86
N TRP G 127 -21.19 18.55 12.93
CA TRP G 127 -22.23 18.85 11.95
C TRP G 127 -22.56 17.62 11.11
N ARG G 128 -21.54 16.90 10.66
CA ARG G 128 -21.77 15.68 9.89
C ARG G 128 -22.57 14.67 10.69
N PHE G 129 -22.02 14.23 11.84
CA PHE G 129 -22.64 13.18 12.63
C PHE G 129 -24.02 13.55 13.15
N ALA G 130 -24.34 14.84 13.23
CA ALA G 130 -25.63 15.26 13.79
C ALA G 130 -26.62 15.77 12.75
N ALA G 131 -26.20 15.99 11.50
CA ALA G 131 -27.14 16.51 10.51
C ALA G 131 -26.97 15.90 9.12
N ALA G 132 -26.20 14.81 8.96
CA ALA G 132 -26.13 14.20 7.64
C ALA G 132 -27.45 13.56 7.22
N PRO G 133 -28.07 12.67 8.01
CA PRO G 133 -29.37 12.14 7.58
C PRO G 133 -30.49 13.16 7.72
N HIS G 134 -30.43 14.02 8.74
CA HIS G 134 -31.49 14.99 8.96
C HIS G 134 -31.62 15.97 7.81
N ILE G 135 -30.56 16.14 7.02
CA ILE G 135 -30.62 17.02 5.86
C ILE G 135 -30.78 16.18 4.60
N CYS G 136 -30.21 14.97 4.61
CA CYS G 136 -30.30 14.11 3.43
C CYS G 136 -31.73 13.69 3.15
N SER G 137 -32.45 13.24 4.18
CA SER G 137 -33.82 12.78 3.99
C SER G 137 -34.71 13.92 3.50
N ASP G 138 -34.59 15.09 4.13
CA ASP G 138 -35.41 16.23 3.72
C ASP G 138 -35.10 16.67 2.29
N LEU G 139 -33.81 16.69 1.94
CA LEU G 139 -33.43 17.08 0.59
C LEU G 139 -33.98 16.10 -0.43
N LYS G 140 -33.85 14.79 -0.17
CA LYS G 140 -34.38 13.80 -1.10
C LYS G 140 -35.89 13.90 -1.23
N PHE G 141 -36.59 14.11 -0.11
CA PHE G 141 -38.03 14.23 -0.16
C PHE G 141 -38.46 15.45 -0.98
N ILE G 142 -37.78 16.58 -0.79
CA ILE G 142 -38.14 17.78 -1.54
C ILE G 142 -37.84 17.61 -3.02
N MET G 143 -36.71 16.96 -3.34
CA MET G 143 -36.39 16.72 -4.75
C MET G 143 -37.43 15.81 -5.40
N GLU G 144 -37.85 14.76 -4.69
CA GLU G 144 -38.89 13.88 -5.24
C GLU G 144 -40.21 14.60 -5.40
N GLU G 145 -40.57 15.47 -4.44
CA GLU G 145 -41.80 16.23 -4.58
C GLU G 145 -41.76 17.15 -5.78
N LEU G 146 -40.63 17.82 -6.00
CA LEU G 146 -40.50 18.70 -7.17
C LEU G 146 -40.56 17.91 -8.47
N ASP G 147 -39.91 16.74 -8.50
CA ASP G 147 -39.97 15.89 -9.68
C ASP G 147 -41.39 15.43 -9.97
N LYS G 148 -42.13 15.04 -8.92
CA LYS G 148 -43.51 14.62 -9.10
C LYS G 148 -44.38 15.77 -9.59
N VAL G 149 -44.16 16.98 -9.07
CA VAL G 149 -44.94 18.13 -9.53
C VAL G 149 -44.67 18.41 -10.99
N TYR G 150 -43.39 18.35 -11.40
CA TYR G 150 -43.06 18.57 -12.81
C TYR G 150 -43.67 17.49 -13.70
N ASN G 151 -43.62 16.23 -13.26
CA ASN G 151 -44.20 15.15 -14.04
C ASN G 151 -45.71 15.31 -14.18
N ARG G 152 -46.39 15.71 -13.09
CA ARG G 152 -47.83 15.92 -13.15
C ARG G 152 -48.17 17.06 -14.10
N ALA G 153 -47.40 18.15 -14.05
CA ALA G 153 -47.63 19.26 -14.97
C ALA G 153 -47.41 18.83 -16.42
N ILE G 154 -46.37 18.03 -16.67
CA ILE G 154 -46.09 17.58 -18.03
C ILE G 154 -47.18 16.65 -18.55
N LYS G 155 -47.68 15.75 -17.70
CA LYS G 155 -48.70 14.80 -18.10
C LYS G 155 -50.11 15.35 -18.01
N ALA G 156 -50.28 16.56 -17.50
CA ALA G 156 -51.60 17.19 -17.40
C ALA G 156 -51.90 18.15 -18.54
N ALA G 157 -50.91 18.94 -18.96
CA ALA G 157 -51.13 19.90 -20.05
C ALA G 157 -51.40 19.17 -21.36
N LYS G 158 -50.70 18.08 -21.62
CA LYS G 158 -50.89 17.30 -22.84
C LYS G 158 -52.21 16.54 -22.81
N PRO G 194 -50.06 20.92 -3.49
CA PRO G 194 -48.90 21.72 -3.07
C PRO G 194 -48.33 21.26 -1.75
N ILE G 195 -47.88 20.01 -1.69
CA ILE G 195 -47.30 19.47 -0.46
C ILE G 195 -46.00 20.20 -0.11
N VAL G 196 -45.18 20.49 -1.12
CA VAL G 196 -43.87 21.08 -0.87
C VAL G 196 -44.02 22.50 -0.33
N GLU G 197 -44.98 23.27 -0.83
CA GLU G 197 -45.20 24.62 -0.32
C GLU G 197 -45.61 24.60 1.14
N GLN G 198 -46.51 23.68 1.51
CA GLN G 198 -46.91 23.56 2.90
C GLN G 198 -45.76 23.09 3.78
N TYR G 199 -44.89 22.20 3.25
CA TYR G 199 -43.71 21.80 4.00
C TYR G 199 -42.77 22.98 4.23
N LEU G 200 -42.62 23.84 3.22
CA LEU G 200 -41.81 25.04 3.39
C LEU G 200 -42.41 25.96 4.44
N LYS G 201 -43.73 26.12 4.43
CA LYS G 201 -44.39 26.91 5.46
C LYS G 201 -44.15 26.33 6.85
N THR G 202 -44.19 25.01 6.96
CA THR G 202 -43.91 24.36 8.25
C THR G 202 -42.46 24.61 8.67
N LYS G 203 -41.51 24.48 7.74
CA LYS G 203 -40.10 24.70 8.07
C LYS G 203 -39.84 26.16 8.45
N LYS G 204 -40.69 27.08 7.98
CA LYS G 204 -40.50 28.49 8.34
C LYS G 204 -40.61 28.69 9.84
N ASN G 205 -41.56 28.00 10.50
CA ASN G 205 -41.74 28.19 11.93
C ASN G 205 -40.65 27.52 12.74
N SER G 206 -40.18 26.36 12.30
CA SER G 206 -39.19 25.57 13.04
C SER G 206 -37.84 26.25 12.98
N ASN G 207 -37.48 26.96 14.05
CA ASN G 207 -36.19 27.63 14.14
C ASN G 207 -35.23 26.79 14.99
N ASN G 208 -34.76 25.70 14.39
CA ASN G 208 -33.86 24.78 15.10
C ASN G 208 -32.53 24.59 14.40
N LEU G 209 -32.52 24.29 13.10
CA LEU G 209 -31.28 23.91 12.44
C LEU G 209 -30.38 25.10 12.13
N ILE G 210 -30.97 26.26 11.78
CA ILE G 210 -30.16 27.44 11.53
C ILE G 210 -29.44 27.88 12.79
N ILE G 211 -30.06 27.68 13.96
CA ILE G 211 -29.39 27.99 15.21
C ILE G 211 -28.14 27.14 15.37
N LYS G 212 -28.25 25.84 15.09
CA LYS G 212 -27.07 24.96 15.15
C LYS G 212 -26.01 25.39 14.14
N TYR G 213 -26.43 25.74 12.92
CA TYR G 213 -25.48 26.17 11.90
C TYR G 213 -24.72 27.41 12.33
N ILE G 214 -25.43 28.44 12.79
CA ILE G 214 -24.76 29.66 13.18
C ILE G 214 -23.94 29.45 14.46
N SER G 215 -24.36 28.54 15.33
CA SER G 215 -23.56 28.23 16.51
C SER G 215 -22.23 27.60 16.12
N CYS G 216 -22.26 26.64 15.20
CA CYS G 216 -21.03 26.01 14.75
C CYS G 216 -20.12 27.02 14.05
N ARG G 217 -20.70 27.85 13.19
CA ARG G 217 -19.90 28.88 12.52
C ARG G 217 -19.31 29.86 13.51
N LEU G 218 -20.09 30.26 14.52
CA LEU G 218 -19.60 31.20 15.52
C LEU G 218 -18.47 30.61 16.33
N LEU G 219 -18.59 29.33 16.73
CA LEU G 219 -17.52 28.74 17.53
C LEU G 219 -16.26 28.52 16.69
N THR G 220 -16.43 28.19 15.40
CA THR G 220 -15.26 28.09 14.52
C THR G 220 -14.60 29.46 14.35
N LEU G 221 -15.40 30.51 14.23
CA LEU G 221 -14.84 31.86 14.16
C LEU G 221 -14.09 32.22 15.43
N ILE G 222 -14.63 31.84 16.59
CA ILE G 222 -13.96 32.11 17.87
C ILE G 222 -12.64 31.37 17.94
N ILE G 223 -12.62 30.10 17.52
CA ILE G 223 -11.38 29.34 17.53
C ILE G 223 -10.36 29.96 16.58
N ILE G 224 -10.80 30.39 15.40
CA ILE G 224 -9.89 31.05 14.46
C ILE G 224 -9.34 32.33 15.06
N LEU G 225 -10.19 33.10 15.73
CA LEU G 225 -9.74 34.36 16.33
C LEU G 225 -8.73 34.12 17.44
N LEU G 226 -8.96 33.11 18.28
CA LEU G 226 -8.02 32.85 19.38
C LEU G 226 -6.71 32.29 18.84
N ALA G 227 -6.77 31.48 17.78
CA ALA G 227 -5.55 31.01 17.14
C ALA G 227 -4.77 32.17 16.52
N CYS G 228 -5.48 33.12 15.92
CA CYS G 228 -4.83 34.32 15.39
C CYS G 228 -4.15 35.10 16.51
N ILE G 229 -4.82 35.26 17.64
CA ILE G 229 -4.23 35.98 18.77
C ILE G 229 -2.97 35.27 19.25
N TYR G 230 -3.05 33.95 19.42
CA TYR G 230 -1.91 33.20 19.91
C TYR G 230 -0.73 33.28 18.95
N LEU G 231 -0.98 33.13 17.64
CA LEU G 231 0.11 33.15 16.68
C LEU G 231 0.70 34.54 16.54
N GLY G 232 -0.13 35.58 16.62
CA GLY G 232 0.40 36.93 16.60
C GLY G 232 1.25 37.24 17.81
N TYR G 233 0.87 36.69 18.97
CA TYR G 233 1.70 36.87 20.16
C TYR G 233 2.99 36.09 20.07
N TYR G 234 2.93 34.85 19.55
CA TYR G 234 4.12 34.03 19.42
C TYR G 234 5.11 34.62 18.43
N PHE G 235 4.62 35.15 17.30
CA PHE G 235 5.53 35.74 16.33
C PHE G 235 6.18 37.00 16.86
N SER G 236 5.53 37.70 17.78
CA SER G 236 6.07 38.96 18.30
C SER G 236 7.20 38.74 19.27
N LEU G 237 7.70 37.53 19.45
CA LEU G 237 8.79 37.29 20.38
C LEU G 237 10.08 37.92 19.86
N SER G 238 11.03 38.13 20.77
CA SER G 238 12.21 38.93 20.51
C SER G 238 13.14 38.34 19.46
N SER G 239 12.96 37.08 19.09
CA SER G 239 13.81 36.30 18.20
C SER G 239 15.17 36.02 18.81
N LEU G 240 15.47 36.58 19.98
CA LEU G 240 16.60 36.17 20.79
C LEU G 240 16.19 35.31 21.97
N SER G 241 14.89 35.02 22.10
CA SER G 241 14.40 34.10 23.13
C SER G 241 14.76 32.65 22.83
N ASP G 242 15.28 32.36 21.63
CA ASP G 242 15.69 31.01 21.31
C ASP G 242 16.98 30.60 22.01
N GLU G 243 17.67 31.53 22.66
CA GLU G 243 18.87 31.21 23.41
C GLU G 243 18.67 31.55 24.88
N PHE G 244 19.31 30.76 25.74
CA PHE G 244 19.19 30.93 27.18
C PHE G 244 20.43 30.35 27.85
N VAL G 245 20.45 30.44 29.18
CA VAL G 245 21.57 29.99 29.98
C VAL G 245 21.05 28.93 30.94
N CYS G 246 21.50 27.70 30.76
CA CYS G 246 21.08 26.56 31.56
C CYS G 246 22.17 26.24 32.58
N SER G 247 21.90 25.24 33.42
CA SER G 247 22.86 24.86 34.45
C SER G 247 22.55 23.45 34.92
N ILE G 248 23.55 22.56 34.87
CA ILE G 248 23.39 21.21 35.40
C ILE G 248 24.02 21.14 36.78
N LYS G 249 23.25 21.49 37.81
CA LYS G 249 23.77 21.52 39.17
C LYS G 249 22.72 20.99 40.14
N SER G 250 22.07 19.89 39.79
CA SER G 250 21.04 19.28 40.63
C SER G 250 21.58 17.98 41.20
N GLY G 251 21.42 17.81 42.51
CA GLY G 251 21.84 16.59 43.16
C GLY G 251 23.33 16.55 43.45
N ILE G 252 23.96 15.41 43.16
CA ILE G 252 25.37 15.23 43.43
C ILE G 252 26.26 16.11 42.55
N LEU G 253 25.71 16.70 41.51
CA LEU G 253 26.49 17.59 40.65
C LEU G 253 26.65 18.98 41.23
N ARG G 254 25.96 19.29 42.34
CA ARG G 254 26.00 20.65 42.88
C ARG G 254 27.33 20.98 43.54
N ASN G 255 28.05 19.97 44.04
CA ASN G 255 29.24 20.21 44.84
C ASN G 255 30.53 20.13 44.07
N ASP G 256 30.61 19.32 43.01
CA ASP G 256 31.86 19.18 42.29
C ASP G 256 32.18 20.43 41.48
N SER G 257 33.47 20.60 41.20
CA SER G 257 33.96 21.77 40.49
C SER G 257 34.47 21.47 39.09
N THR G 258 34.24 20.24 38.60
CA THR G 258 34.68 19.87 37.26
C THR G 258 33.70 20.31 36.18
N VAL G 259 32.55 20.87 36.55
CA VAL G 259 31.56 21.31 35.58
C VAL G 259 31.41 22.83 35.66
N PRO G 260 31.28 23.52 34.55
CA PRO G 260 31.01 24.96 34.61
C PRO G 260 29.63 25.23 35.19
N ASP G 261 29.51 26.40 35.83
CA ASP G 261 28.27 26.73 36.51
C ASP G 261 27.11 26.84 35.53
N GLN G 262 27.33 27.43 34.36
CA GLN G 262 26.26 27.70 33.43
C GLN G 262 26.69 27.35 32.01
N PHE G 263 25.73 26.91 31.20
CA PHE G 263 25.95 26.55 29.81
C PHE G 263 25.08 27.43 28.92
N GLN G 264 25.65 27.86 27.79
CA GLN G 264 24.93 28.68 26.83
C GLN G 264 24.21 27.75 25.86
N CYS G 265 22.89 27.75 25.89
CA CYS G 265 22.08 26.89 25.04
C CYS G 265 21.31 27.72 24.03
N LYS G 266 21.04 27.14 22.88
CA LYS G 266 20.26 27.78 21.84
C LYS G 266 19.19 26.80 21.36
N LEU G 267 17.96 27.29 21.24
CA LEU G 267 16.85 26.49 20.72
C LEU G 267 16.83 26.64 19.20
N ILE G 268 17.32 25.62 18.50
CA ILE G 268 17.28 25.66 17.05
C ILE G 268 15.84 25.49 16.57
N ALA G 269 15.62 25.79 15.28
CA ALA G 269 14.32 25.66 14.65
C ALA G 269 13.26 26.55 15.32
N VAL G 270 13.65 27.79 15.63
CA VAL G 270 12.74 28.79 16.13
C VAL G 270 12.40 29.82 15.07
N GLY G 271 13.39 30.21 14.25
CA GLY G 271 13.08 31.07 13.12
C GLY G 271 12.14 30.42 12.13
N ILE G 272 12.30 29.11 11.90
CA ILE G 272 11.35 28.38 11.09
C ILE G 272 9.97 28.39 11.75
N PHE G 273 9.93 28.21 13.07
CA PHE G 273 8.67 28.25 13.79
C PHE G 273 7.99 29.60 13.66
N GLN G 274 8.76 30.69 13.75
CA GLN G 274 8.17 32.02 13.64
C GLN G 274 7.70 32.28 12.21
N LEU G 275 8.43 31.78 11.21
CA LEU G 275 7.97 31.90 9.83
C LEU G 275 6.65 31.18 9.62
N LEU G 276 6.55 29.95 10.13
CA LEU G 276 5.29 29.21 10.01
C LEU G 276 4.17 29.91 10.77
N SER G 277 4.48 30.48 11.93
CA SER G 277 3.48 31.20 12.70
C SER G 277 2.95 32.41 11.93
N VAL G 278 3.84 33.17 11.28
CA VAL G 278 3.38 34.33 10.54
C VAL G 278 2.58 33.91 9.31
N ILE G 279 2.96 32.81 8.66
CA ILE G 279 2.19 32.31 7.53
C ILE G 279 0.79 31.93 7.97
N ASN G 280 0.69 31.17 9.06
CA ASN G 280 -0.61 30.74 9.57
C ASN G 280 -1.44 31.95 10.00
N LEU G 281 -0.82 32.93 10.65
CA LEU G 281 -1.55 34.10 11.09
C LEU G 281 -2.11 34.89 9.91
N VAL G 282 -1.30 35.08 8.86
CA VAL G 282 -1.78 35.86 7.72
C VAL G 282 -2.88 35.11 6.98
N VAL G 283 -2.76 33.79 6.86
CA VAL G 283 -3.80 33.03 6.18
C VAL G 283 -5.10 33.06 6.97
N TYR G 284 -5.02 32.89 8.30
CA TYR G 284 -6.24 32.94 9.11
C TYR G 284 -6.85 34.32 9.13
N VAL G 285 -6.01 35.37 9.07
CA VAL G 285 -6.54 36.73 8.99
C VAL G 285 -7.30 36.93 7.68
N LEU G 286 -6.76 36.40 6.59
CA LEU G 286 -7.48 36.45 5.32
C LEU G 286 -8.78 35.65 5.39
N LEU G 287 -8.76 34.51 6.07
CA LEU G 287 -9.90 33.60 6.09
C LEU G 287 -11.04 34.07 6.99
N ALA G 288 -10.72 34.82 8.06
CA ALA G 288 -11.76 35.22 9.00
C ALA G 288 -12.93 35.98 8.38
N PRO G 289 -12.72 36.96 7.48
CA PRO G 289 -13.88 37.62 6.86
C PRO G 289 -14.79 36.66 6.11
N VAL G 290 -14.25 35.57 5.58
CA VAL G 290 -15.10 34.59 4.88
C VAL G 290 -16.10 33.98 5.86
N VAL G 291 -15.64 33.57 7.04
CA VAL G 291 -16.56 33.02 8.03
C VAL G 291 -17.50 34.10 8.55
N VAL G 292 -17.01 35.34 8.68
CA VAL G 292 -17.86 36.43 9.13
C VAL G 292 -19.03 36.64 8.17
N TYR G 293 -18.73 36.64 6.87
CA TYR G 293 -19.80 36.74 5.86
C TYR G 293 -20.71 35.52 5.89
N THR G 294 -20.11 34.33 6.07
CA THR G 294 -20.91 33.10 6.13
C THR G 294 -21.91 33.14 7.29
N LEU G 295 -21.58 33.87 8.36
CA LEU G 295 -22.48 33.97 9.49
C LEU G 295 -23.84 34.54 9.08
N PHE G 296 -23.86 35.43 8.08
CA PHE G 296 -25.10 36.06 7.63
C PHE G 296 -25.79 35.12 6.64
N VAL G 297 -26.51 34.14 7.21
CA VAL G 297 -27.19 33.15 6.37
C VAL G 297 -28.27 33.78 5.49
N PRO G 298 -29.18 34.61 5.98
CA PRO G 298 -30.23 35.15 5.09
C PRO G 298 -29.70 35.96 3.92
N PHE G 299 -28.60 36.68 4.10
CA PHE G 299 -28.07 37.50 3.01
C PHE G 299 -27.45 36.66 1.91
N ARG G 300 -27.00 35.45 2.24
CA ARG G 300 -26.36 34.60 1.24
C ARG G 300 -27.34 34.16 0.17
N GLN G 301 -28.58 33.85 0.55
CA GLN G 301 -29.55 33.27 -0.37
C GLN G 301 -29.96 34.29 -1.42
N LYS G 302 -29.91 33.88 -2.69
CA LYS G 302 -30.49 34.65 -3.78
C LYS G 302 -31.86 34.06 -4.09
N THR G 303 -32.91 34.76 -3.71
CA THR G 303 -34.28 34.24 -3.78
C THR G 303 -34.73 34.25 -5.25
N ASP G 304 -34.17 33.30 -6.01
CA ASP G 304 -34.54 33.14 -7.41
C ASP G 304 -34.70 31.68 -7.82
N VAL G 305 -34.44 30.73 -6.93
CA VAL G 305 -34.55 29.30 -7.27
C VAL G 305 -35.99 28.82 -7.28
N LEU G 306 -36.91 29.55 -6.67
CA LEU G 306 -38.31 29.17 -6.64
C LEU G 306 -39.20 30.00 -7.56
N LYS G 307 -38.78 31.23 -7.89
CA LYS G 307 -39.58 32.06 -8.79
C LYS G 307 -39.65 31.46 -10.18
N VAL G 308 -38.67 30.64 -10.57
CA VAL G 308 -38.75 29.94 -11.84
C VAL G 308 -39.83 28.88 -11.80
N TYR G 309 -39.98 28.20 -10.67
CA TYR G 309 -40.98 27.14 -10.54
C TYR G 309 -42.40 27.70 -10.51
N GLU G 310 -42.57 28.98 -10.20
CA GLU G 310 -43.91 29.57 -10.12
C GLU G 310 -44.60 29.65 -11.47
N ILE G 311 -43.87 29.50 -12.57
CA ILE G 311 -44.51 29.46 -13.89
C ILE G 311 -45.42 28.24 -14.01
N LEU G 312 -45.03 27.13 -13.38
CA LEU G 312 -45.82 25.92 -13.44
C LEU G 312 -47.19 26.15 -12.78
N PRO G 313 -48.27 25.67 -13.40
CA PRO G 313 -49.61 25.88 -12.82
C PRO G 313 -49.87 25.02 -11.61
N THR G 314 -49.41 23.77 -11.64
CA THR G 314 -49.64 22.86 -10.53
C THR G 314 -48.92 23.33 -9.27
N PHE G 315 -47.69 23.83 -9.41
CA PHE G 315 -46.95 24.33 -8.27
C PHE G 315 -47.61 25.58 -7.70
N ASP G 316 -47.53 25.73 -6.38
CA ASP G 316 -48.16 26.85 -5.69
C ASP G 316 -47.48 28.15 -6.09
N VAL G 317 -48.24 29.07 -6.69
CA VAL G 317 -47.67 30.34 -7.13
C VAL G 317 -47.32 31.19 -5.92
N LEU G 318 -46.49 32.22 -6.17
CA LEU G 318 -46.03 33.15 -5.15
C LEU G 318 -45.33 32.42 -4.01
N HIS G 319 -44.24 31.74 -4.37
CA HIS G 319 -43.46 31.00 -3.38
C HIS G 319 -42.76 31.94 -2.41
N PHE G 320 -42.68 31.51 -1.16
CA PHE G 320 -42.04 32.32 -0.14
C PHE G 320 -40.53 32.38 -0.35
N LYS G 321 -39.93 33.50 0.07
CA LYS G 321 -38.50 33.70 -0.06
C LYS G 321 -37.79 33.12 1.16
N SER G 322 -36.48 33.38 1.28
CA SER G 322 -35.68 32.83 2.36
C SER G 322 -35.55 33.76 3.56
N GLU G 323 -36.08 34.97 3.49
CA GLU G 323 -35.94 35.92 4.58
C GLU G 323 -36.72 35.47 5.81
N GLY G 324 -36.23 35.86 6.98
CA GLY G 324 -36.90 35.53 8.22
C GLY G 324 -35.99 34.97 9.29
N TYR G 325 -34.79 34.54 8.89
CA TYR G 325 -33.80 33.96 9.80
C TYR G 325 -34.36 32.73 10.51
N ASN G 326 -34.75 31.75 9.70
CA ASN G 326 -35.28 30.50 10.21
C ASN G 326 -34.59 29.31 9.55
N ASP G 327 -35.07 28.10 9.79
CA ASP G 327 -34.53 26.94 9.07
C ASP G 327 -34.87 26.98 7.59
N LEU G 328 -35.87 27.79 7.21
CA LEU G 328 -36.20 27.94 5.79
C LEU G 328 -35.03 28.55 5.03
N SER G 329 -34.33 29.51 5.65
CA SER G 329 -33.16 30.09 5.00
C SER G 329 -32.06 29.05 4.78
N LEU G 330 -31.82 28.21 5.79
CA LEU G 330 -30.81 27.16 5.63
C LEU G 330 -31.21 26.16 4.55
N TYR G 331 -32.50 25.80 4.50
CA TYR G 331 -32.95 24.87 3.48
C TYR G 331 -32.85 25.49 2.09
N ASN G 332 -33.12 26.79 1.96
CA ASN G 332 -32.91 27.47 0.70
C ASN G 332 -31.44 27.45 0.31
N LEU G 333 -30.54 27.71 1.26
CA LEU G 333 -29.11 27.68 0.97
C LEU G 333 -28.68 26.31 0.50
N PHE G 334 -29.17 25.26 1.15
CA PHE G 334 -28.84 23.90 0.72
C PHE G 334 -29.48 23.55 -0.61
N LEU G 335 -30.61 24.18 -0.94
CA LEU G 335 -31.29 23.92 -2.19
C LEU G 335 -30.54 24.53 -3.37
N GLU G 336 -30.11 25.79 -3.25
CA GLU G 336 -29.46 26.46 -4.38
C GLU G 336 -28.26 25.70 -4.89
N GLU G 337 -27.57 24.96 -4.02
CA GLU G 337 -26.44 24.16 -4.46
C GLU G 337 -26.87 22.89 -5.18
N ASN G 338 -27.98 22.28 -4.76
CA ASN G 338 -28.38 20.97 -5.26
C ASN G 338 -29.44 21.02 -6.35
N ILE G 339 -30.16 22.13 -6.48
CA ILE G 339 -31.20 22.22 -7.50
C ILE G 339 -30.61 22.12 -8.90
N SER G 340 -29.36 22.56 -9.07
CA SER G 340 -28.72 22.50 -10.38
C SER G 340 -28.55 21.05 -10.85
N GLU G 341 -28.65 20.09 -9.94
CA GLU G 341 -28.51 18.67 -10.27
C GLU G 341 -29.86 18.03 -10.60
N VAL G 342 -30.94 18.80 -10.61
CA VAL G 342 -32.27 18.29 -10.91
C VAL G 342 -32.54 18.47 -12.41
N LYS G 343 -33.00 17.39 -13.05
CA LYS G 343 -33.23 17.43 -14.49
C LYS G 343 -34.32 18.42 -14.87
N SER G 344 -35.39 18.49 -14.08
CA SER G 344 -36.50 19.38 -14.41
C SER G 344 -36.12 20.84 -14.29
N TYR G 345 -35.06 21.15 -13.53
CA TYR G 345 -34.73 22.55 -13.26
C TYR G 345 -34.36 23.29 -14.53
N LYS G 346 -33.42 22.74 -15.32
CA LYS G 346 -33.02 23.40 -16.56
C LYS G 346 -34.12 23.34 -17.62
N CYS G 347 -34.86 22.23 -17.66
CA CYS G 347 -35.98 22.11 -18.58
C CYS G 347 -37.07 23.14 -18.30
N LEU G 348 -37.15 23.64 -17.08
CA LEU G 348 -38.05 24.74 -16.77
C LEU G 348 -37.39 26.11 -16.96
N LYS G 349 -36.08 26.20 -16.72
CA LYS G 349 -35.38 27.46 -16.90
C LYS G 349 -35.40 27.90 -18.36
N VAL G 350 -35.21 26.96 -19.28
CA VAL G 350 -35.22 27.31 -20.70
C VAL G 350 -36.57 27.92 -21.08
N LEU G 351 -37.66 27.27 -20.65
CA LEU G 351 -38.99 27.78 -20.96
C LEU G 351 -39.24 29.13 -20.31
N GLU G 352 -38.83 29.30 -19.04
CA GLU G 352 -39.12 30.55 -18.35
C GLU G 352 -38.34 31.72 -18.95
N ASN G 353 -37.09 31.48 -19.36
CA ASN G 353 -36.33 32.58 -19.94
C ASN G 353 -36.75 32.87 -21.38
N ILE G 354 -37.21 31.87 -22.13
CA ILE G 354 -37.64 32.16 -23.49
C ILE G 354 -39.09 32.59 -23.57
N LYS G 355 -39.87 32.42 -22.50
CA LYS G 355 -41.25 32.89 -22.50
C LYS G 355 -41.36 34.29 -21.91
N ASP G 362 -46.13 29.79 -24.29
CA ASP G 362 -45.65 29.04 -23.14
C ASP G 362 -46.15 27.59 -23.08
N PRO G 363 -47.46 27.35 -23.23
CA PRO G 363 -47.94 25.96 -23.20
C PRO G 363 -47.35 25.09 -24.31
N MET G 364 -47.10 25.66 -25.49
CA MET G 364 -46.53 24.88 -26.58
C MET G 364 -45.12 24.41 -26.23
N LEU G 365 -44.29 25.32 -25.69
CA LEU G 365 -42.95 24.95 -25.28
C LEU G 365 -42.97 23.99 -24.09
N LEU G 366 -43.95 24.16 -23.20
CA LEU G 366 -44.07 23.24 -22.07
C LEU G 366 -44.40 21.83 -22.53
N LEU G 367 -45.29 21.71 -23.52
CA LEU G 367 -45.66 20.40 -24.05
C LEU G 367 -44.62 19.85 -25.02
N THR G 368 -43.71 20.70 -25.52
CA THR G 368 -42.67 20.21 -26.43
C THR G 368 -41.76 19.20 -25.74
N ASN G 369 -41.39 19.46 -24.50
CA ASN G 369 -40.53 18.55 -23.75
C ASN G 369 -41.33 17.74 -22.74
#